data_4EDF
#
_entry.id   4EDF
#
_cell.length_a   88.660
_cell.length_b   151.070
_cell.length_c   88.740
_cell.angle_alpha   90.00
_cell.angle_beta   107.01
_cell.angle_gamma   90.00
#
_symmetry.space_group_name_H-M   'P 1 21 1'
#
loop_
_entity.id
_entity.type
_entity.pdbx_description
1 polymer 'UDP-glucose 6-dehydrogenase'
2 non-polymer "URIDINE-5'-DIPHOSPHATE-GLUCOSE"
3 water water
#
_entity_poly.entity_id   1
_entity_poly.type   'polypeptide(L)'
_entity_poly.pdbx_seq_one_letter_code
;MFEIKKICCIGAGYVGGPTCSVIAHMCPEIRVTVVDVNESRINAWNSPTLPIYEPGLKEVVESCRGKNLFFSTNIDDAIK
EADLVFISVNTPTETYGMGKGRAADLKYIEACARRIVQNSNGYKIVTEKSTVPVRAAESIRRIFDANTKPNLNLQVLSNP
EFLAEGTAIKDLKNPDRVLIGGDETPEGQRAVQALCAVYEHWVPREKILTTNTWSSELSKLAANAFLAQRISSINSISAL
CEATGADVEEVATAIGMDQRIGNKFLKASVGFGGSCFQKDVLNLVYLCEALNLPEVARYWQQVIDMNDYQRRRFASRIID
SLFNTVTDKKIAILGFAFKKDTGDTRESSSIYISKYLMDEGAHLHIYDPKVPREQIVVDLSHPGVSEDDQVSRLVTISKD
PYEACDGAHAVVICTEWDMFKELDYERIHKKMLKPAFIFDGRRVLDGLHNELQTIGFQIETIGKKVSSKRIPYAPSGEIP
KFSLQDPPNKKPKV
;
_entity_poly.pdbx_strand_id   A,B,C,D
#
# COMPACT_ATOMS: atom_id res chain seq x y z
N MET A 1 12.07 36.99 39.57
CA MET A 1 10.96 36.50 38.76
C MET A 1 10.77 37.40 37.55
N PHE A 2 9.57 37.41 36.97
CA PHE A 2 9.36 38.17 35.75
C PHE A 2 7.89 38.48 35.42
N GLU A 3 7.66 39.66 34.85
CA GLU A 3 6.33 40.06 34.41
C GLU A 3 6.34 40.44 32.93
N ILE A 4 5.38 39.92 32.17
CA ILE A 4 5.25 40.23 30.75
C ILE A 4 4.26 41.39 30.54
N LYS A 5 4.73 42.46 29.90
CA LYS A 5 3.92 43.66 29.72
C LYS A 5 3.69 44.00 28.24
N LYS A 6 4.59 43.53 27.38
CA LYS A 6 4.46 43.76 25.95
C LYS A 6 4.75 42.47 25.17
N ILE A 7 3.86 42.13 24.25
CA ILE A 7 4.00 40.91 23.45
C ILE A 7 4.02 41.21 21.95
N CYS A 8 5.05 40.72 21.28
CA CYS A 8 5.12 40.80 19.83
C CYS A 8 4.90 39.43 19.22
N CYS A 9 4.10 39.38 18.15
CA CYS A 9 3.87 38.13 17.45
C CYS A 9 4.29 38.23 15.99
N ILE A 10 5.33 37.49 15.63
CA ILE A 10 5.77 37.43 14.25
C ILE A 10 4.94 36.40 13.49
N GLY A 11 3.95 36.88 12.75
CA GLY A 11 3.02 36.03 12.04
C GLY A 11 1.58 36.46 12.26
N ALA A 12 0.96 37.00 11.22
CA ALA A 12 -0.42 37.45 11.32
C ALA A 12 -1.36 36.51 10.58
N GLY A 13 -1.24 35.21 10.85
CA GLY A 13 -2.01 34.20 10.16
C GLY A 13 -3.20 33.65 10.93
N TYR A 14 -3.55 32.40 10.65
CA TYR A 14 -4.69 31.75 11.30
C TYR A 14 -4.42 31.44 12.77
N VAL A 15 -3.14 31.30 13.12
CA VAL A 15 -2.75 31.05 14.51
C VAL A 15 -2.35 32.34 15.20
N GLY A 16 -1.47 33.11 14.56
CA GLY A 16 -0.99 34.35 15.12
C GLY A 16 -2.06 35.38 15.43
N GLY A 17 -2.90 35.66 14.43
CA GLY A 17 -3.95 36.65 14.55
C GLY A 17 -4.95 36.46 15.69
N PRO A 18 -5.74 35.37 15.62
CA PRO A 18 -6.76 35.07 16.65
C PRO A 18 -6.19 34.91 18.06
N THR A 19 -5.03 34.27 18.19
CA THR A 19 -4.43 34.03 19.50
C THR A 19 -4.15 35.34 20.24
N CYS A 20 -3.53 36.28 19.55
CA CYS A 20 -3.17 37.57 20.14
C CYS A 20 -4.38 38.44 20.42
N SER A 21 -5.41 38.30 19.59
CA SER A 21 -6.64 39.06 19.78
C SER A 21 -7.34 38.63 21.08
N VAL A 22 -7.29 37.34 21.39
CA VAL A 22 -7.89 36.82 22.60
C VAL A 22 -7.03 37.19 23.81
N ILE A 23 -5.71 37.16 23.64
CA ILE A 23 -4.79 37.55 24.70
C ILE A 23 -4.98 39.01 25.09
N ALA A 24 -5.05 39.88 24.09
CA ALA A 24 -5.27 41.30 24.32
C ALA A 24 -6.63 41.52 24.97
N HIS A 25 -7.59 40.69 24.58
CA HIS A 25 -8.96 40.79 25.09
C HIS A 25 -9.03 40.41 26.57
N MET A 26 -8.25 39.39 26.96
CA MET A 26 -8.31 38.87 28.32
C MET A 26 -7.32 39.57 29.24
N CYS A 27 -6.30 40.16 28.65
CA CYS A 27 -5.27 40.85 29.42
C CYS A 27 -5.16 42.30 28.98
N PRO A 28 -6.07 43.16 29.47
CA PRO A 28 -6.14 44.57 29.07
C PRO A 28 -4.88 45.33 29.45
N GLU A 29 -4.14 44.82 30.42
CA GLU A 29 -2.92 45.47 30.89
C GLU A 29 -1.73 45.16 29.99
N ILE A 30 -1.90 44.21 29.07
CA ILE A 30 -0.82 43.80 28.19
C ILE A 30 -0.97 44.37 26.77
N ARG A 31 0.08 45.02 26.30
CA ARG A 31 0.11 45.57 24.94
C ARG A 31 0.55 44.50 23.94
N VAL A 32 -0.34 44.14 23.03
CA VAL A 32 -0.07 43.06 22.07
C VAL A 32 0.06 43.59 20.64
N THR A 33 1.23 43.40 20.05
CA THR A 33 1.49 43.90 18.70
C THR A 33 1.74 42.76 17.71
N VAL A 34 0.80 42.57 16.79
CA VAL A 34 0.94 41.56 15.75
C VAL A 34 1.60 42.16 14.50
N VAL A 35 2.72 41.58 14.10
CA VAL A 35 3.49 42.14 12.99
C VAL A 35 3.67 41.16 11.83
N ASP A 36 3.74 41.70 10.61
CA ASP A 36 3.90 40.86 9.43
C ASP A 36 4.60 41.63 8.32
N VAL A 37 5.38 40.91 7.51
CA VAL A 37 6.06 41.50 6.36
C VAL A 37 5.05 41.85 5.28
N ASN A 38 3.94 41.11 5.27
CA ASN A 38 2.87 41.35 4.31
C ASN A 38 2.03 42.56 4.72
N GLU A 39 2.23 43.66 4.01
CA GLU A 39 1.50 44.89 4.32
C GLU A 39 0.02 44.76 3.98
N SER A 40 -0.27 44.05 2.89
CA SER A 40 -1.65 43.82 2.45
C SER A 40 -2.46 43.11 3.53
N ARG A 41 -1.84 42.14 4.20
CA ARG A 41 -2.50 41.42 5.28
C ARG A 41 -2.68 42.30 6.51
N ILE A 42 -1.62 43.00 6.89
CA ILE A 42 -1.66 43.90 8.05
C ILE A 42 -2.73 44.98 7.91
N ASN A 43 -2.84 45.55 6.72
CA ASN A 43 -3.87 46.54 6.45
C ASN A 43 -5.27 45.94 6.59
N ALA A 44 -5.41 44.70 6.15
CA ALA A 44 -6.69 44.00 6.22
C ALA A 44 -7.10 43.73 7.67
N TRP A 45 -6.11 43.61 8.55
CA TRP A 45 -6.38 43.44 9.98
C TRP A 45 -6.94 44.70 10.60
N ASN A 46 -6.43 45.85 10.15
CA ASN A 46 -6.94 47.14 10.63
C ASN A 46 -8.15 47.60 9.82
N SER A 47 -8.54 46.79 8.84
CA SER A 47 -9.69 47.09 8.00
C SER A 47 -10.95 46.48 8.60
N PRO A 48 -12.14 46.89 8.11
CA PRO A 48 -13.38 46.27 8.59
C PRO A 48 -13.62 44.88 8.01
N THR A 49 -12.77 44.48 7.06
CA THR A 49 -12.86 43.14 6.48
C THR A 49 -11.58 42.36 6.73
N LEU A 50 -11.55 41.63 7.84
CA LEU A 50 -10.37 40.87 8.27
C LEU A 50 -9.92 39.88 7.19
N PRO A 51 -8.60 39.66 7.10
CA PRO A 51 -8.04 38.83 6.03
C PRO A 51 -8.39 37.35 6.16
N ILE A 52 -8.93 36.96 7.30
CA ILE A 52 -9.37 35.58 7.49
C ILE A 52 -10.79 35.52 8.03
N TYR A 53 -11.53 34.49 7.61
CA TYR A 53 -12.85 34.27 8.19
C TYR A 53 -12.76 33.35 9.41
N GLU A 54 -13.17 33.87 10.55
CA GLU A 54 -13.18 33.13 11.78
C GLU A 54 -14.34 33.66 12.61
N PRO A 55 -15.31 32.78 12.92
CA PRO A 55 -16.51 33.18 13.67
C PRO A 55 -16.18 33.89 14.99
N GLY A 56 -16.59 35.15 15.11
CA GLY A 56 -16.45 35.91 16.33
C GLY A 56 -15.13 36.62 16.48
N LEU A 57 -14.30 36.56 15.43
CA LEU A 57 -12.97 37.16 15.47
C LEU A 57 -13.03 38.68 15.39
N LYS A 58 -13.84 39.20 14.48
CA LYS A 58 -13.94 40.65 14.27
C LYS A 58 -14.42 41.35 15.52
N GLU A 59 -15.39 40.75 16.21
CA GLU A 59 -15.89 41.27 17.47
C GLU A 59 -14.78 41.33 18.52
N VAL A 60 -14.00 40.25 18.61
CA VAL A 60 -12.88 40.19 19.55
C VAL A 60 -11.78 41.18 19.17
N VAL A 61 -11.44 41.21 17.88
CA VAL A 61 -10.42 42.14 17.39
C VAL A 61 -10.82 43.60 17.64
N GLU A 62 -12.04 43.96 17.27
CA GLU A 62 -12.50 45.33 17.42
C GLU A 62 -12.69 45.76 18.86
N SER A 63 -12.89 44.79 19.76
CA SER A 63 -12.97 45.09 21.18
C SER A 63 -11.66 45.66 21.75
N CYS A 64 -10.54 45.06 21.37
CA CYS A 64 -9.24 45.45 21.93
C CYS A 64 -8.28 46.16 20.97
N ARG A 65 -8.67 46.34 19.71
CA ARG A 65 -7.78 46.94 18.72
C ARG A 65 -7.53 48.42 19.01
N GLY A 66 -6.30 48.88 18.75
CA GLY A 66 -6.00 50.29 18.94
C GLY A 66 -5.90 50.67 20.40
N LYS A 67 -6.29 49.75 21.28
CA LYS A 67 -6.20 49.95 22.72
C LYS A 67 -4.97 49.22 23.28
N ASN A 68 -4.99 47.89 23.20
CA ASN A 68 -3.83 47.08 23.55
C ASN A 68 -3.47 46.08 22.46
N LEU A 69 -4.30 46.00 21.44
CA LEU A 69 -4.05 45.13 20.29
C LEU A 69 -3.69 45.95 19.06
N PHE A 70 -2.52 45.68 18.47
CA PHE A 70 -2.06 46.43 17.32
C PHE A 70 -1.54 45.54 16.20
N PHE A 71 -1.87 45.91 14.96
CA PHE A 71 -1.36 45.22 13.78
C PHE A 71 -0.46 46.17 13.01
N SER A 72 0.81 45.79 12.88
CA SER A 72 1.80 46.66 12.24
C SER A 72 2.70 45.89 11.30
N THR A 73 3.40 46.60 10.41
CA THR A 73 4.41 45.99 9.56
C THR A 73 5.79 46.34 10.09
N ASN A 74 5.83 47.24 11.06
CA ASN A 74 7.08 47.61 11.72
C ASN A 74 7.51 46.50 12.67
N ILE A 75 8.25 45.54 12.13
CA ILE A 75 8.62 44.32 12.85
C ILE A 75 9.72 44.56 13.87
N ASP A 76 10.78 45.24 13.43
CA ASP A 76 11.96 45.45 14.25
C ASP A 76 11.66 46.24 15.54
N ASP A 77 10.71 47.15 15.45
CA ASP A 77 10.33 47.98 16.59
C ASP A 77 9.56 47.17 17.62
N ALA A 78 8.60 46.37 17.15
CA ALA A 78 7.79 45.55 18.03
C ALA A 78 8.62 44.48 18.73
N ILE A 79 9.62 43.96 18.03
CA ILE A 79 10.55 43.00 18.62
C ILE A 79 11.38 43.64 19.73
N LYS A 80 11.91 44.83 19.45
CA LYS A 80 12.72 45.56 20.42
C LYS A 80 11.89 45.95 21.65
N GLU A 81 10.62 46.28 21.44
CA GLU A 81 9.74 46.73 22.49
C GLU A 81 9.21 45.61 23.39
N ALA A 82 9.24 44.38 22.88
CA ALA A 82 8.52 43.27 23.53
C ALA A 82 9.31 42.51 24.59
N ASP A 83 8.58 41.97 25.56
CA ASP A 83 9.15 41.10 26.59
C ASP A 83 9.03 39.64 26.17
N LEU A 84 8.01 39.35 25.38
CA LEU A 84 7.82 38.00 24.84
C LEU A 84 7.56 38.08 23.33
N VAL A 85 8.33 37.32 22.56
CA VAL A 85 8.16 37.25 21.11
C VAL A 85 7.59 35.90 20.67
N PHE A 86 6.43 35.95 20.02
CA PHE A 86 5.80 34.74 19.50
C PHE A 86 6.26 34.46 18.07
N ILE A 87 6.45 33.17 17.77
CA ILE A 87 6.72 32.76 16.39
C ILE A 87 5.66 31.74 15.96
N SER A 88 4.87 32.11 14.95
CA SER A 88 3.73 31.30 14.52
C SER A 88 4.03 30.50 13.25
N ALA A 111 16.22 31.29 10.97
CA ALA A 111 16.27 32.39 10.02
C ALA A 111 15.48 33.58 10.52
N CYS A 112 14.43 33.30 11.29
CA CYS A 112 13.61 34.34 11.89
C CYS A 112 14.20 34.69 13.25
N ALA A 113 15.05 33.81 13.76
CA ALA A 113 15.74 34.02 15.01
C ALA A 113 16.84 35.05 14.82
N ARG A 114 17.28 35.19 13.57
CA ARG A 114 18.31 36.16 13.24
C ARG A 114 17.80 37.58 13.38
N ARG A 115 16.60 37.83 12.86
CA ARG A 115 15.98 39.15 12.93
C ARG A 115 15.64 39.53 14.37
N ILE A 116 15.40 38.53 15.20
CA ILE A 116 15.13 38.75 16.62
C ILE A 116 16.39 39.25 17.33
N VAL A 117 17.51 38.59 17.11
CA VAL A 117 18.79 38.97 17.69
C VAL A 117 19.18 40.40 17.32
N GLN A 118 19.04 40.73 16.04
CA GLN A 118 19.43 42.04 15.54
C GLN A 118 18.66 43.19 16.18
N ASN A 119 17.49 42.88 16.74
CA ASN A 119 16.65 43.92 17.33
C ASN A 119 16.31 43.68 18.79
N SER A 120 17.10 42.86 19.48
CA SER A 120 16.81 42.57 20.88
C SER A 120 17.99 42.85 21.79
N ASN A 121 17.68 43.38 22.98
CA ASN A 121 18.68 43.60 24.02
C ASN A 121 18.12 43.21 25.38
N GLY A 122 18.96 42.61 26.21
CA GLY A 122 18.56 42.24 27.56
C GLY A 122 17.77 40.94 27.61
N TYR A 123 16.77 40.90 28.47
CA TYR A 123 15.97 39.70 28.69
C TYR A 123 14.68 39.73 27.86
N LYS A 124 14.53 38.75 26.98
CA LYS A 124 13.29 38.56 26.22
C LYS A 124 12.99 37.06 26.13
N ILE A 125 11.71 36.72 26.07
CA ILE A 125 11.29 35.33 25.94
C ILE A 125 10.81 35.05 24.53
N VAL A 126 11.41 34.05 23.87
CA VAL A 126 11.03 33.70 22.51
C VAL A 126 10.26 32.38 22.50
N THR A 127 9.01 32.43 22.05
CA THR A 127 8.12 31.27 22.17
C THR A 127 7.64 30.73 20.82
N GLU A 128 7.90 29.46 20.57
CA GLU A 128 7.49 28.80 19.33
C GLU A 128 6.08 28.23 19.45
N LYS A 129 5.20 28.62 18.52
CA LYS A 129 3.83 28.11 18.50
C LYS A 129 3.59 27.08 17.41
N SER A 130 4.45 27.05 16.39
CA SER A 130 4.23 26.17 15.25
C SER A 130 4.65 24.72 15.51
N THR A 131 3.83 23.78 15.00
CA THR A 131 4.00 22.36 15.26
C THR A 131 5.23 21.75 14.59
N VAL A 132 5.44 22.07 13.32
CA VAL A 132 6.62 21.63 12.59
C VAL A 132 7.36 22.84 12.01
N PRO A 133 8.69 22.73 11.81
CA PRO A 133 9.60 21.59 11.98
C PRO A 133 9.62 21.03 13.40
N VAL A 134 9.87 19.73 13.49
CA VAL A 134 9.76 19.00 14.76
C VAL A 134 10.59 19.61 15.89
N ARG A 135 11.87 19.86 15.62
CA ARG A 135 12.75 20.46 16.62
C ARG A 135 13.00 21.91 16.26
N ALA A 136 11.92 22.69 16.21
CA ALA A 136 12.00 24.10 15.85
C ALA A 136 12.62 24.93 16.98
N ALA A 137 12.11 24.72 18.19
CA ALA A 137 12.60 25.46 19.35
C ALA A 137 14.05 25.10 19.66
N GLU A 138 14.46 23.90 19.28
CA GLU A 138 15.82 23.43 19.50
C GLU A 138 16.78 24.09 18.50
N SER A 139 16.27 24.39 17.31
CA SER A 139 17.06 25.05 16.27
C SER A 139 17.21 26.54 16.58
N ILE A 140 16.15 27.16 17.09
CA ILE A 140 16.16 28.56 17.46
C ILE A 140 17.17 28.81 18.58
N ARG A 141 17.12 27.95 19.60
CA ARG A 141 18.03 28.03 20.73
C ARG A 141 19.47 27.85 20.28
N ARG A 142 19.66 27.09 19.21
CA ARG A 142 20.97 26.85 18.64
C ARG A 142 21.57 28.14 18.07
N ILE A 143 20.73 28.94 17.40
CA ILE A 143 21.14 30.21 16.83
C ILE A 143 21.50 31.23 17.92
N PHE A 144 20.67 31.28 18.96
CA PHE A 144 20.86 32.25 20.04
C PHE A 144 22.17 32.04 20.78
N ASP A 145 22.67 30.81 20.77
CA ASP A 145 23.94 30.50 21.43
C ASP A 145 25.13 30.78 20.51
N ALA A 146 24.85 30.90 19.22
CA ALA A 146 25.90 31.13 18.22
C ALA A 146 26.27 32.60 18.11
N ASN A 147 25.61 33.45 18.89
CA ASN A 147 25.86 34.89 18.85
C ASN A 147 26.34 35.45 20.18
N ASN A 153 20.28 38.23 26.33
CA ASN A 153 19.82 37.09 27.11
C ASN A 153 18.42 36.62 26.70
N LEU A 154 18.37 35.62 25.82
CA LEU A 154 17.10 35.15 25.26
C LEU A 154 16.70 33.78 25.80
N GLN A 155 15.42 33.63 26.10
CA GLN A 155 14.87 32.36 26.56
C GLN A 155 13.91 31.76 25.54
N VAL A 156 14.08 30.48 25.25
CA VAL A 156 13.27 29.81 24.24
C VAL A 156 12.22 28.86 24.86
N LEU A 157 10.95 29.12 24.57
CA LEU A 157 9.86 28.28 25.04
C LEU A 157 9.14 27.59 23.90
N SER A 158 8.45 26.50 24.23
CA SER A 158 7.54 25.86 23.29
C SER A 158 6.11 26.01 23.80
N ASN A 159 5.24 26.53 22.95
CA ASN A 159 3.83 26.69 23.33
C ASN A 159 2.94 26.50 22.11
N PRO A 160 2.66 25.23 21.78
CA PRO A 160 1.86 24.89 20.60
C PRO A 160 0.41 25.30 20.75
N GLU A 161 -0.21 25.70 19.63
CA GLU A 161 -1.63 26.01 19.62
C GLU A 161 -2.43 24.72 19.61
N PHE A 162 -3.63 24.76 20.16
CA PHE A 162 -4.54 23.61 20.13
C PHE A 162 -5.88 24.01 19.52
N LEU A 163 -5.98 25.26 19.12
CA LEU A 163 -7.18 25.77 18.47
C LEU A 163 -7.37 25.11 17.11
N ALA A 164 -8.63 24.88 16.73
CA ALA A 164 -8.97 24.42 15.39
C ALA A 164 -9.60 25.58 14.66
N GLU A 165 -9.32 25.70 13.36
CA GLU A 165 -9.91 26.76 12.57
C GLU A 165 -11.42 26.53 12.42
N GLY A 166 -12.18 27.61 12.43
CA GLY A 166 -13.63 27.51 12.43
C GLY A 166 -14.20 27.68 13.82
N THR A 167 -13.45 27.22 14.82
CA THR A 167 -13.85 27.35 16.21
C THR A 167 -12.70 27.95 17.06
N ALA A 168 -11.86 28.73 16.41
CA ALA A 168 -10.65 29.28 17.03
C ALA A 168 -10.92 30.12 18.28
N ILE A 169 -11.90 31.01 18.19
CA ILE A 169 -12.22 31.90 19.31
C ILE A 169 -12.78 31.14 20.51
N LYS A 170 -13.71 30.23 20.24
CA LYS A 170 -14.28 29.37 21.28
C LYS A 170 -13.22 28.47 21.94
N ASP A 171 -12.29 27.97 21.13
CA ASP A 171 -11.20 27.12 21.63
C ASP A 171 -10.20 27.91 22.48
N LEU A 172 -9.92 29.14 22.08
CA LEU A 172 -8.95 29.97 22.78
C LEU A 172 -9.47 30.51 24.12
N LYS A 173 -10.78 30.76 24.20
CA LYS A 173 -11.38 31.27 25.42
C LYS A 173 -11.59 30.18 26.47
N ASN A 174 -11.76 28.95 26.02
CA ASN A 174 -11.91 27.81 26.92
C ASN A 174 -11.24 26.55 26.39
N PRO A 175 -9.90 26.51 26.41
CA PRO A 175 -9.17 25.35 25.88
C PRO A 175 -9.20 24.15 26.82
N ASP A 176 -9.07 22.94 26.26
CA ASP A 176 -9.02 21.73 27.06
C ASP A 176 -7.74 21.71 27.90
N ARG A 177 -6.66 22.22 27.31
CA ARG A 177 -5.40 22.39 28.04
C ARG A 177 -4.45 23.34 27.33
N VAL A 178 -3.57 23.96 28.11
CA VAL A 178 -2.50 24.77 27.57
C VAL A 178 -1.18 24.05 27.84
N LEU A 179 -0.33 23.98 26.82
CA LEU A 179 0.92 23.24 26.93
C LEU A 179 2.10 24.19 26.76
N ILE A 180 2.91 24.30 27.81
CA ILE A 180 4.10 25.15 27.79
C ILE A 180 5.35 24.35 28.12
N GLY A 181 6.34 24.42 27.24
CA GLY A 181 7.59 23.70 27.42
C GLY A 181 8.79 24.62 27.50
N GLY A 182 9.67 24.36 28.48
CA GLY A 182 10.89 25.14 28.64
C GLY A 182 11.98 24.34 29.33
N ASP A 183 13.20 24.86 29.29
CA ASP A 183 14.35 24.19 29.90
C ASP A 183 14.15 24.00 31.40
N GLU A 184 14.64 22.89 31.92
CA GLU A 184 14.58 22.63 33.36
C GLU A 184 15.77 23.27 34.06
N THR A 185 15.91 24.57 33.84
CA THR A 185 16.93 25.39 34.49
C THR A 185 16.20 26.50 35.24
N PRO A 186 16.89 27.17 36.18
CA PRO A 186 16.26 28.28 36.90
C PRO A 186 15.73 29.36 35.96
N GLU A 187 16.46 29.62 34.88
CA GLU A 187 16.03 30.63 33.92
C GLU A 187 14.89 30.13 33.04
N GLY A 188 14.88 28.82 32.78
CA GLY A 188 13.84 28.21 31.98
C GLY A 188 12.50 28.22 32.66
N GLN A 189 12.47 27.81 33.93
CA GLN A 189 11.24 27.77 34.70
C GLN A 189 10.72 29.17 35.02
N ARG A 190 11.62 30.14 35.00
CA ARG A 190 11.26 31.53 35.25
C ARG A 190 10.52 32.11 34.06
N ALA A 191 10.98 31.73 32.86
CA ALA A 191 10.31 32.12 31.62
C ALA A 191 9.00 31.37 31.45
N VAL A 192 8.99 30.08 31.78
CA VAL A 192 7.79 29.26 31.69
C VAL A 192 6.66 29.84 32.55
N GLN A 193 6.98 30.19 33.78
CA GLN A 193 5.97 30.70 34.70
C GLN A 193 5.54 32.11 34.34
N ALA A 194 6.41 32.83 33.63
CA ALA A 194 6.09 34.16 33.13
C ALA A 194 5.02 34.08 32.05
N LEU A 195 5.07 33.00 31.27
CA LEU A 195 4.08 32.76 30.22
C LEU A 195 2.80 32.16 30.81
N CYS A 196 2.94 31.35 31.85
CA CYS A 196 1.79 30.82 32.57
C CYS A 196 0.96 31.96 33.14
N ALA A 197 1.66 32.98 33.64
CA ALA A 197 1.04 34.13 34.26
C ALA A 197 0.08 34.84 33.30
N VAL A 198 0.40 34.81 32.01
CA VAL A 198 -0.43 35.42 31.00
C VAL A 198 -1.74 34.65 30.83
N TYR A 199 -1.63 33.35 30.66
CA TYR A 199 -2.79 32.49 30.44
C TYR A 199 -3.72 32.43 31.66
N GLU A 200 -3.14 32.58 32.85
CA GLU A 200 -3.89 32.47 34.09
C GLU A 200 -4.91 33.61 34.29
N HIS A 201 -4.90 34.58 33.39
CA HIS A 201 -5.91 35.63 33.38
C HIS A 201 -7.29 35.08 33.04
N TRP A 202 -7.33 33.97 32.30
CA TRP A 202 -8.60 33.38 31.90
C TRP A 202 -8.57 31.85 31.83
N VAL A 203 -7.38 31.27 31.89
CA VAL A 203 -7.24 29.81 31.89
C VAL A 203 -6.89 29.31 33.28
N PRO A 204 -7.70 28.39 33.83
CA PRO A 204 -7.46 27.78 35.15
C PRO A 204 -6.09 27.12 35.21
N ARG A 205 -5.47 27.16 36.39
CA ARG A 205 -4.17 26.52 36.58
C ARG A 205 -4.24 25.02 36.31
N GLU A 206 -5.42 24.45 36.52
CA GLU A 206 -5.65 23.02 36.37
C GLU A 206 -5.55 22.57 34.91
N LYS A 207 -5.71 23.51 33.99
CA LYS A 207 -5.69 23.20 32.57
C LYS A 207 -4.35 23.51 31.90
N ILE A 208 -3.41 24.06 32.67
CA ILE A 208 -2.11 24.41 32.10
C ILE A 208 -1.06 23.34 32.43
N LEU A 209 -0.44 22.78 31.39
CA LEU A 209 0.60 21.78 31.59
C LEU A 209 1.98 22.38 31.31
N THR A 210 2.90 22.19 32.25
CA THR A 210 4.27 22.62 32.06
C THR A 210 5.20 21.42 31.98
N THR A 211 6.16 21.47 31.07
CA THR A 211 7.10 20.38 30.87
C THR A 211 8.36 20.91 30.21
N ASN A 212 9.24 20.03 29.74
CA ASN A 212 10.42 20.48 29.01
C ASN A 212 10.07 20.79 27.55
N THR A 213 11.02 21.41 26.84
CA THR A 213 10.78 21.87 25.48
C THR A 213 10.37 20.74 24.54
N TRP A 214 11.11 19.65 24.58
CA TRP A 214 10.87 18.55 23.66
C TRP A 214 9.57 17.80 23.95
N SER A 215 9.30 17.51 25.22
CA SER A 215 8.09 16.77 25.60
C SER A 215 6.84 17.53 25.18
N SER A 216 6.95 18.85 25.13
CA SER A 216 5.85 19.69 24.67
C SER A 216 5.69 19.59 23.16
N GLU A 217 6.81 19.55 22.44
CA GLU A 217 6.81 19.44 20.98
C GLU A 217 6.29 18.07 20.54
N LEU A 218 6.79 17.04 21.20
CA LEU A 218 6.36 15.67 20.92
C LEU A 218 4.88 15.46 21.23
N SER A 219 4.42 16.05 22.33
CA SER A 219 3.02 15.90 22.75
C SER A 219 2.05 16.47 21.73
N LYS A 220 2.36 17.64 21.19
CA LYS A 220 1.52 18.27 20.18
C LYS A 220 1.53 17.44 18.90
N LEU A 221 2.71 16.99 18.51
CA LEU A 221 2.89 16.21 17.30
C LEU A 221 2.06 14.91 17.37
N ALA A 222 2.12 14.23 18.51
CA ALA A 222 1.40 12.98 18.71
C ALA A 222 -0.12 13.17 18.79
N ALA A 223 -0.55 14.25 19.45
CA ALA A 223 -1.97 14.55 19.60
C ALA A 223 -2.67 14.72 18.25
N ASN A 224 -2.06 15.49 17.34
CA ASN A 224 -2.60 15.67 16.01
C ASN A 224 -2.63 14.37 15.22
N ALA A 225 -1.65 13.51 15.48
CA ALA A 225 -1.58 12.21 14.80
C ALA A 225 -2.70 11.28 15.28
N PHE A 226 -2.98 11.31 16.58
CA PHE A 226 -4.10 10.56 17.15
C PHE A 226 -5.43 11.04 16.57
N LEU A 227 -5.58 12.35 16.42
CA LEU A 227 -6.77 12.94 15.85
C LEU A 227 -6.98 12.51 14.39
N ALA A 228 -5.92 12.62 13.60
CA ALA A 228 -5.96 12.25 12.18
C ALA A 228 -6.23 10.76 12.04
N GLN A 229 -5.71 9.98 12.97
CA GLN A 229 -5.87 8.52 12.94
C GLN A 229 -7.32 8.12 13.14
N ARG A 230 -8.02 8.84 14.01
CA ARG A 230 -9.43 8.57 14.27
C ARG A 230 -10.26 8.72 13.01
N ILE A 231 -9.94 9.73 12.22
CA ILE A 231 -10.64 9.99 10.97
C ILE A 231 -10.35 8.93 9.91
N SER A 232 -9.08 8.54 9.79
CA SER A 232 -8.71 7.49 8.85
C SER A 232 -9.30 6.14 9.24
N SER A 233 -9.40 5.89 10.54
CA SER A 233 -9.97 4.64 11.04
C SER A 233 -11.45 4.55 10.72
N ILE A 234 -12.18 5.64 10.93
CA ILE A 234 -13.60 5.64 10.66
C ILE A 234 -13.88 5.71 9.16
N ASN A 235 -12.95 6.28 8.41
CA ASN A 235 -13.04 6.29 6.95
C ASN A 235 -12.79 4.91 6.36
N SER A 236 -11.90 4.16 6.99
CA SER A 236 -11.64 2.79 6.57
C SER A 236 -12.87 1.91 6.80
N ILE A 237 -13.59 2.19 7.88
CA ILE A 237 -14.81 1.47 8.21
C ILE A 237 -15.94 1.85 7.25
N SER A 238 -15.94 3.09 6.80
CA SER A 238 -16.93 3.56 5.82
C SER A 238 -16.81 2.80 4.51
N ALA A 239 -15.58 2.44 4.15
CA ALA A 239 -15.33 1.63 2.96
C ALA A 239 -15.87 0.23 3.15
N LEU A 240 -15.73 -0.28 4.38
CA LEU A 240 -16.22 -1.60 4.72
C LEU A 240 -17.75 -1.63 4.72
N CYS A 241 -18.35 -0.51 5.11
CA CYS A 241 -19.80 -0.38 5.14
C CYS A 241 -20.41 -0.34 3.75
N GLU A 242 -19.80 0.43 2.86
CA GLU A 242 -20.26 0.51 1.48
C GLU A 242 -20.19 -0.86 0.81
N ALA A 243 -19.16 -1.63 1.18
CA ALA A 243 -18.91 -2.95 0.59
C ALA A 243 -19.85 -4.03 1.14
N THR A 244 -20.40 -3.80 2.32
CA THR A 244 -21.20 -4.83 2.99
C THR A 244 -22.65 -4.42 3.26
N GLY A 245 -23.02 -3.20 2.90
CA GLY A 245 -24.36 -2.72 3.10
C GLY A 245 -24.69 -2.34 4.54
N ALA A 246 -23.70 -1.85 5.26
CA ALA A 246 -23.93 -1.29 6.59
C ALA A 246 -23.89 0.23 6.49
N ASP A 247 -24.26 0.92 7.57
CA ASP A 247 -24.22 2.37 7.58
C ASP A 247 -23.13 2.83 8.55
N VAL A 248 -22.21 3.66 8.07
CA VAL A 248 -21.08 4.09 8.88
C VAL A 248 -21.49 4.98 10.05
N GLU A 249 -22.55 5.77 9.88
CA GLU A 249 -23.01 6.65 10.95
C GLU A 249 -23.68 5.84 12.05
N GLU A 250 -24.27 4.71 11.67
CA GLU A 250 -24.84 3.77 12.64
C GLU A 250 -23.72 3.05 13.39
N VAL A 251 -22.71 2.60 12.65
CA VAL A 251 -21.55 1.94 13.24
C VAL A 251 -20.77 2.89 14.15
N ALA A 252 -20.54 4.11 13.68
CA ALA A 252 -19.80 5.11 14.45
C ALA A 252 -20.49 5.48 15.76
N THR A 253 -21.83 5.44 15.75
CA THR A 253 -22.60 5.71 16.96
C THR A 253 -22.36 4.64 18.00
N ALA A 254 -22.37 3.37 17.57
CA ALA A 254 -22.16 2.26 18.47
C ALA A 254 -20.73 2.26 19.05
N ILE A 255 -19.78 2.59 18.19
CA ILE A 255 -18.38 2.70 18.61
C ILE A 255 -18.24 3.84 19.61
N GLY A 256 -18.86 4.98 19.30
CA GLY A 256 -18.75 6.17 20.09
C GLY A 256 -19.35 6.11 21.48
N MET A 257 -20.27 5.17 21.70
CA MET A 257 -20.92 5.03 23.01
C MET A 257 -20.00 4.42 24.07
N ASP A 258 -18.93 3.76 23.62
CA ASP A 258 -17.89 3.30 24.53
C ASP A 258 -17.10 4.52 24.99
N GLN A 259 -17.12 4.78 26.30
CA GLN A 259 -16.48 5.96 26.85
C GLN A 259 -14.95 5.87 26.81
N ARG A 260 -14.43 4.66 26.58
CA ARG A 260 -12.99 4.46 26.42
C ARG A 260 -12.53 4.94 25.05
N ILE A 261 -13.46 5.00 24.10
CA ILE A 261 -13.15 5.45 22.75
C ILE A 261 -13.57 6.90 22.54
N GLY A 262 -14.78 7.25 22.99
CA GLY A 262 -15.29 8.60 22.84
C GLY A 262 -16.10 8.77 21.57
N ASN A 263 -16.95 9.78 21.52
CA ASN A 263 -17.84 9.97 20.36
C ASN A 263 -17.43 11.08 19.40
N LYS A 264 -16.32 11.76 19.73
CA LYS A 264 -15.85 12.87 18.90
C LYS A 264 -14.90 12.41 17.81
N PHE A 265 -14.82 13.20 16.74
CA PHE A 265 -13.93 12.90 15.62
C PHE A 265 -14.16 11.52 14.97
N LEU A 266 -15.42 11.11 14.90
CA LEU A 266 -15.80 9.85 14.27
C LEU A 266 -16.72 10.09 13.08
N LYS A 267 -16.55 11.24 12.41
CA LYS A 267 -17.40 11.58 11.27
C LYS A 267 -16.72 11.28 9.95
N ALA A 268 -17.19 10.23 9.27
CA ALA A 268 -16.63 9.81 7.99
C ALA A 268 -16.75 10.93 6.95
N SER A 269 -15.70 11.10 6.16
CA SER A 269 -15.65 12.18 5.19
C SER A 269 -14.90 11.77 3.94
N VAL A 270 -14.85 12.68 2.98
CA VAL A 270 -14.10 12.47 1.75
C VAL A 270 -12.60 12.39 2.08
N GLY A 271 -12.23 12.94 3.23
CA GLY A 271 -10.86 12.89 3.70
C GLY A 271 -10.52 14.14 4.49
N PHE A 272 -9.62 14.02 5.46
CA PHE A 272 -9.24 15.19 6.24
C PHE A 272 -8.31 16.13 5.45
N GLY A 273 -8.42 17.41 5.73
CA GLY A 273 -7.55 18.41 5.14
C GLY A 273 -6.92 19.27 6.20
N GLY A 274 -6.44 20.45 5.80
CA GLY A 274 -5.83 21.38 6.73
C GLY A 274 -4.31 21.39 6.62
N SER A 275 -3.72 22.49 7.06
CA SER A 275 -2.28 22.65 6.97
C SER A 275 -1.52 21.69 7.88
N CYS A 276 -2.16 21.26 8.96
CA CYS A 276 -1.44 20.56 10.03
C CYS A 276 -1.46 19.03 10.03
N PHE A 277 -2.60 18.41 9.79
CA PHE A 277 -2.72 16.95 9.94
C PHE A 277 -1.74 16.11 9.12
N GLN A 278 -1.77 16.26 7.80
CA GLN A 278 -0.86 15.49 6.94
C GLN A 278 0.61 15.86 7.17
N LYS A 279 0.84 17.16 7.36
CA LYS A 279 2.18 17.67 7.62
C LYS A 279 2.75 17.08 8.91
N ASP A 280 1.95 17.10 9.97
CA ASP A 280 2.37 16.55 11.26
C ASP A 280 2.65 15.06 11.20
N VAL A 281 1.76 14.30 10.55
CA VAL A 281 1.92 12.86 10.43
C VAL A 281 3.16 12.52 9.61
N LEU A 282 3.37 13.25 8.53
CA LEU A 282 4.56 13.03 7.70
C LEU A 282 5.84 13.39 8.44
N ASN A 283 5.80 14.49 9.20
CA ASN A 283 6.94 14.89 10.02
C ASN A 283 7.22 13.88 11.14
N LEU A 284 6.15 13.23 11.60
CA LEU A 284 6.29 12.18 12.61
C LEU A 284 6.98 10.97 11.99
N VAL A 285 6.59 10.65 10.76
CA VAL A 285 7.18 9.54 10.01
C VAL A 285 8.67 9.76 9.77
N TYR A 286 9.04 11.00 9.45
CA TYR A 286 10.43 11.34 9.15
C TYR A 286 11.31 11.27 10.40
N LEU A 287 10.78 11.75 11.52
CA LEU A 287 11.49 11.68 12.79
C LEU A 287 11.77 10.23 13.17
N CYS A 288 10.77 9.37 12.97
CA CYS A 288 10.91 7.95 13.28
C CYS A 288 11.96 7.26 12.42
N GLU A 289 11.99 7.59 11.14
CA GLU A 289 13.01 7.04 10.25
C GLU A 289 14.39 7.59 10.60
N ALA A 290 14.42 8.85 11.03
CA ALA A 290 15.66 9.49 11.45
C ALA A 290 16.23 8.84 12.71
N LEU A 291 15.35 8.33 13.55
CA LEU A 291 15.68 7.70 14.82
C LEU A 291 15.81 6.20 14.71
N ASN A 292 15.82 5.71 13.50
CA ASN A 292 15.81 4.30 13.23
C ASN A 292 14.66 3.50 13.83
N LEU A 293 13.45 3.95 13.66
CA LEU A 293 12.29 3.25 14.12
C LEU A 293 11.36 3.03 12.92
N PRO A 294 11.76 2.18 11.99
CA PRO A 294 11.01 2.01 10.75
C PRO A 294 9.61 1.41 10.93
N GLU A 295 9.40 0.61 11.97
CA GLU A 295 8.06 0.06 12.22
C GLU A 295 7.11 1.14 12.69
N VAL A 296 7.58 2.03 13.55
CA VAL A 296 6.77 3.16 14.01
C VAL A 296 6.49 4.10 12.85
N ALA A 297 7.43 4.18 11.91
CA ALA A 297 7.26 5.00 10.72
C ALA A 297 6.16 4.45 9.81
N ARG A 298 6.15 3.13 9.63
CA ARG A 298 5.15 2.49 8.79
C ARG A 298 3.78 2.45 9.44
N TYR A 299 3.76 2.44 10.77
CA TYR A 299 2.52 2.47 11.52
C TYR A 299 1.73 3.75 11.27
N TRP A 300 2.42 4.88 11.36
CA TRP A 300 1.78 6.19 11.20
C TRP A 300 1.59 6.60 9.74
N GLN A 301 2.39 6.01 8.85
CA GLN A 301 2.26 6.28 7.43
C GLN A 301 0.87 5.84 6.95
N GLN A 302 0.35 4.77 7.55
CA GLN A 302 -0.96 4.23 7.17
C GLN A 302 -2.11 5.23 7.34
N VAL A 303 -1.94 6.19 8.25
CA VAL A 303 -2.92 7.24 8.44
C VAL A 303 -3.04 8.10 7.18
N ILE A 304 -1.90 8.39 6.55
CA ILE A 304 -1.88 9.16 5.32
C ILE A 304 -2.35 8.29 4.15
N ASP A 305 -1.89 7.05 4.11
CA ASP A 305 -2.26 6.12 3.04
C ASP A 305 -3.77 5.95 2.95
N MET A 306 -4.41 5.78 4.11
CA MET A 306 -5.85 5.61 4.18
C MET A 306 -6.59 6.87 3.73
N ASN A 307 -6.08 8.02 4.12
CA ASN A 307 -6.68 9.29 3.73
C ASN A 307 -6.66 9.52 2.21
N ASP A 308 -5.51 9.25 1.59
CA ASP A 308 -5.37 9.38 0.15
C ASP A 308 -6.27 8.39 -0.57
N TYR A 309 -6.40 7.21 0.03
CA TYR A 309 -7.25 6.16 -0.50
C TYR A 309 -8.71 6.57 -0.49
N GLN A 310 -9.15 7.15 0.62
CA GLN A 310 -10.52 7.60 0.78
C GLN A 310 -10.90 8.62 -0.28
N ARG A 311 -9.95 9.49 -0.62
CA ARG A 311 -10.14 10.50 -1.65
C ARG A 311 -10.26 9.90 -3.04
N ARG A 312 -9.34 9.02 -3.40
CA ARG A 312 -9.39 8.35 -4.69
C ARG A 312 -10.65 7.50 -4.82
N ARG A 313 -11.06 6.89 -3.71
CA ARG A 313 -12.22 6.02 -3.67
C ARG A 313 -13.50 6.81 -3.93
N PHE A 314 -13.55 8.03 -3.40
CA PHE A 314 -14.71 8.91 -3.55
C PHE A 314 -14.82 9.43 -4.98
N ALA A 315 -13.68 9.86 -5.54
CA ALA A 315 -13.64 10.34 -6.91
C ALA A 315 -14.01 9.23 -7.90
N SER A 316 -13.54 8.01 -7.63
CA SER A 316 -13.84 6.86 -8.45
C SER A 316 -15.33 6.51 -8.45
N ARG A 317 -15.97 6.68 -7.30
CA ARG A 317 -17.39 6.41 -7.15
C ARG A 317 -18.21 7.40 -7.99
N ILE A 318 -17.69 8.63 -8.11
CA ILE A 318 -18.31 9.67 -8.91
C ILE A 318 -18.20 9.36 -10.40
N ILE A 319 -16.98 9.08 -10.85
CA ILE A 319 -16.72 8.73 -12.24
C ILE A 319 -17.49 7.48 -12.67
N ASP A 320 -17.57 6.51 -11.76
CA ASP A 320 -18.23 5.24 -12.04
C ASP A 320 -19.75 5.38 -12.14
N SER A 321 -20.32 6.26 -11.33
CA SER A 321 -21.77 6.48 -11.31
C SER A 321 -22.23 7.27 -12.53
N LEU A 322 -21.30 7.95 -13.19
CA LEU A 322 -21.59 8.73 -14.38
C LEU A 322 -21.14 8.00 -15.65
N PHE A 323 -21.47 6.71 -15.74
CA PHE A 323 -21.20 5.89 -16.92
C PHE A 323 -19.71 5.85 -17.29
N ASN A 324 -18.84 5.91 -16.29
CA ASN A 324 -17.40 5.79 -16.48
C ASN A 324 -16.79 6.87 -17.38
N THR A 325 -17.48 7.99 -17.51
CA THR A 325 -16.96 9.15 -18.24
C THR A 325 -17.59 10.46 -17.75
N VAL A 326 -16.75 11.46 -17.49
CA VAL A 326 -17.23 12.75 -17.01
C VAL A 326 -16.72 13.88 -17.90
N THR A 327 -16.18 13.52 -19.05
CA THR A 327 -15.64 14.51 -19.98
C THR A 327 -16.71 15.41 -20.57
N ASP A 328 -16.53 16.71 -20.38
CA ASP A 328 -17.46 17.74 -20.83
C ASP A 328 -18.82 17.68 -20.15
N LYS A 329 -18.96 16.78 -19.18
CA LYS A 329 -20.11 16.74 -18.29
C LYS A 329 -19.96 17.79 -17.21
N LYS A 330 -21.01 18.57 -16.99
CA LYS A 330 -20.97 19.61 -15.97
C LYS A 330 -21.16 19.02 -14.57
N ILE A 331 -20.26 19.39 -13.66
CA ILE A 331 -20.32 18.93 -12.27
C ILE A 331 -20.24 20.11 -11.32
N ALA A 332 -21.14 20.15 -10.35
CA ALA A 332 -21.12 21.19 -9.33
C ALA A 332 -20.35 20.70 -8.10
N ILE A 333 -19.37 21.49 -7.68
CA ILE A 333 -18.61 21.19 -6.47
C ILE A 333 -19.01 22.16 -5.35
N LEU A 334 -19.74 21.67 -4.37
CA LEU A 334 -20.20 22.51 -3.27
C LEU A 334 -19.26 22.41 -2.06
N GLY A 335 -18.50 23.47 -1.83
CA GLY A 335 -17.59 23.51 -0.70
C GLY A 335 -16.15 23.30 -1.13
N PHE A 336 -15.30 24.27 -0.85
CA PHE A 336 -13.89 24.19 -1.22
C PHE A 336 -12.97 24.28 -0.01
N ALA A 337 -13.47 24.87 1.07
CA ALA A 337 -12.72 24.96 2.32
C ALA A 337 -12.47 23.56 2.89
N PHE A 338 -11.40 23.40 3.66
CA PHE A 338 -11.04 22.07 4.18
C PHE A 338 -11.98 21.63 5.30
N LYS A 339 -12.71 22.58 5.85
CA LYS A 339 -13.78 22.32 6.80
C LYS A 339 -14.70 23.54 6.78
N LYS A 340 -15.84 23.46 7.46
CA LYS A 340 -16.78 24.57 7.47
C LYS A 340 -16.33 25.71 8.39
N ASP A 341 -16.89 26.89 8.16
CA ASP A 341 -16.64 28.09 8.97
C ASP A 341 -15.21 28.61 8.90
N THR A 342 -14.57 28.40 7.74
CA THR A 342 -13.25 28.96 7.45
C THR A 342 -13.10 29.16 5.94
N GLY A 343 -12.21 30.07 5.54
CA GLY A 343 -11.92 30.31 4.14
C GLY A 343 -10.62 29.63 3.73
N ASP A 344 -10.05 28.89 4.68
CA ASP A 344 -8.81 28.16 4.45
C ASP A 344 -9.03 26.97 3.53
N THR A 345 -8.14 26.78 2.56
CA THR A 345 -8.26 25.68 1.59
C THR A 345 -7.08 24.72 1.62
N ARG A 346 -6.13 24.96 2.52
CA ARG A 346 -4.89 24.19 2.56
C ARG A 346 -5.15 22.69 2.74
N GLU A 347 -4.67 21.90 1.79
CA GLU A 347 -4.83 20.44 1.79
C GLU A 347 -6.28 19.98 1.80
N SER A 348 -7.19 20.86 1.40
CA SER A 348 -8.60 20.53 1.33
C SER A 348 -8.84 19.36 0.38
N SER A 349 -9.70 18.44 0.79
CA SER A 349 -10.05 17.29 -0.05
C SER A 349 -10.77 17.76 -1.31
N SER A 350 -11.33 18.96 -1.26
CA SER A 350 -12.00 19.56 -2.42
C SER A 350 -11.02 19.76 -3.57
N ILE A 351 -9.78 20.12 -3.23
CA ILE A 351 -8.74 20.32 -4.23
C ILE A 351 -8.47 19.03 -5.01
N TYR A 352 -8.32 17.93 -4.29
CA TYR A 352 -7.98 16.65 -4.90
C TYR A 352 -9.12 16.05 -5.71
N ILE A 353 -10.33 16.10 -5.17
CA ILE A 353 -11.51 15.62 -5.89
C ILE A 353 -11.72 16.43 -7.16
N SER A 354 -11.55 17.75 -7.06
CA SER A 354 -11.66 18.63 -8.21
C SER A 354 -10.62 18.28 -9.27
N LYS A 355 -9.37 18.12 -8.84
CA LYS A 355 -8.30 17.81 -9.79
C LYS A 355 -8.47 16.42 -10.42
N TYR A 356 -8.99 15.47 -9.65
CA TYR A 356 -9.24 14.12 -10.16
C TYR A 356 -10.29 14.16 -11.29
N LEU A 357 -11.29 15.01 -11.13
CA LEU A 357 -12.36 15.12 -12.12
C LEU A 357 -11.93 15.92 -13.34
N MET A 358 -11.14 16.97 -13.11
CA MET A 358 -10.58 17.76 -14.21
C MET A 358 -9.69 16.92 -15.11
N ASP A 359 -8.96 15.99 -14.50
CA ASP A 359 -8.07 15.12 -15.26
C ASP A 359 -8.86 14.14 -16.12
N GLU A 360 -10.15 13.98 -15.82
CA GLU A 360 -11.03 13.14 -16.62
C GLU A 360 -11.85 14.00 -17.58
N GLY A 361 -11.56 15.30 -17.59
CA GLY A 361 -12.18 16.22 -18.54
C GLY A 361 -13.51 16.81 -18.14
N ALA A 362 -13.83 16.78 -16.85
CA ALA A 362 -15.08 17.32 -16.36
C ALA A 362 -15.08 18.85 -16.34
N HIS A 363 -16.25 19.45 -16.53
CA HIS A 363 -16.42 20.88 -16.40
C HIS A 363 -16.96 21.20 -15.02
N LEU A 364 -16.12 21.81 -14.18
CA LEU A 364 -16.48 22.06 -12.79
C LEU A 364 -17.08 23.45 -12.56
N HIS A 365 -18.13 23.50 -11.75
CA HIS A 365 -18.66 24.75 -11.24
C HIS A 365 -18.54 24.74 -9.73
N ILE A 366 -17.66 25.59 -9.21
CA ILE A 366 -17.29 25.55 -7.80
C ILE A 366 -17.90 26.69 -7.00
N TYR A 367 -18.59 26.36 -5.91
CA TYR A 367 -19.09 27.36 -4.99
C TYR A 367 -18.64 27.11 -3.56
N ASP A 368 -18.10 28.15 -2.92
CA ASP A 368 -17.84 28.14 -1.49
C ASP A 368 -18.21 29.49 -0.92
N PRO A 369 -18.97 29.50 0.19
CA PRO A 369 -19.46 30.74 0.80
C PRO A 369 -18.39 31.69 1.35
N LYS A 370 -17.22 31.18 1.71
CA LYS A 370 -16.20 32.02 2.32
C LYS A 370 -14.83 31.96 1.64
N VAL A 371 -14.63 30.97 0.77
CA VAL A 371 -13.36 30.87 0.06
C VAL A 371 -13.31 31.84 -1.12
N PRO A 372 -12.32 32.75 -1.12
CA PRO A 372 -12.14 33.74 -2.18
C PRO A 372 -11.91 33.09 -3.54
N ARG A 373 -12.45 33.70 -4.59
CA ARG A 373 -12.38 33.17 -5.94
C ARG A 373 -10.95 32.86 -6.42
N GLU A 374 -10.05 33.82 -6.22
CA GLU A 374 -8.69 33.69 -6.73
C GLU A 374 -7.88 32.59 -6.05
N GLN A 375 -8.24 32.26 -4.81
CA GLN A 375 -7.57 31.18 -4.08
C GLN A 375 -7.89 29.83 -4.72
N ILE A 376 -9.13 29.67 -5.15
CA ILE A 376 -9.57 28.45 -5.83
C ILE A 376 -8.82 28.27 -7.14
N VAL A 377 -8.72 29.35 -7.91
CA VAL A 377 -7.97 29.34 -9.16
C VAL A 377 -6.51 28.92 -8.94
N VAL A 378 -5.88 29.53 -7.95
CA VAL A 378 -4.48 29.22 -7.62
C VAL A 378 -4.33 27.74 -7.27
N ASP A 379 -5.25 27.22 -6.47
CA ASP A 379 -5.19 25.84 -5.98
C ASP A 379 -5.22 24.78 -7.09
N LEU A 380 -5.83 25.10 -8.22
CA LEU A 380 -6.06 24.11 -9.27
C LEU A 380 -5.12 24.24 -10.47
N SER A 381 -4.11 25.10 -10.35
CA SER A 381 -3.14 25.29 -11.43
C SER A 381 -1.82 24.60 -11.13
N ASP A 389 -4.75 27.42 -19.53
CA ASP A 389 -4.34 26.07 -19.18
C ASP A 389 -5.54 25.17 -18.91
N GLN A 390 -5.40 24.30 -17.90
CA GLN A 390 -6.45 23.37 -17.51
C GLN A 390 -7.60 24.09 -16.81
N VAL A 391 -7.26 25.03 -15.94
CA VAL A 391 -8.24 25.79 -15.19
C VAL A 391 -9.10 26.67 -16.10
N SER A 392 -8.48 27.24 -17.12
CA SER A 392 -9.16 28.14 -18.05
C SER A 392 -10.31 27.45 -18.77
N ARG A 393 -10.14 26.17 -19.07
CA ARG A 393 -11.10 25.44 -19.90
C ARG A 393 -12.16 24.72 -19.08
N LEU A 394 -11.80 24.25 -17.89
CA LEU A 394 -12.65 23.33 -17.14
C LEU A 394 -13.35 23.96 -15.92
N VAL A 395 -12.71 24.94 -15.30
CA VAL A 395 -13.19 25.47 -14.03
C VAL A 395 -13.99 26.77 -14.12
N THR A 396 -15.16 26.77 -13.49
CA THR A 396 -15.97 27.98 -13.35
C THR A 396 -16.28 28.19 -11.86
N ILE A 397 -16.07 29.41 -11.38
CA ILE A 397 -16.35 29.71 -9.98
C ILE A 397 -17.62 30.54 -9.81
N SER A 398 -18.64 29.91 -9.24
CA SER A 398 -19.97 30.50 -9.17
C SER A 398 -20.15 31.39 -7.93
N LYS A 399 -21.04 32.37 -8.05
CA LYS A 399 -21.30 33.30 -6.95
C LYS A 399 -22.26 32.70 -5.92
N ASP A 400 -23.11 31.78 -6.36
CA ASP A 400 -24.09 31.16 -5.47
C ASP A 400 -24.29 29.69 -5.85
N PRO A 401 -24.80 28.87 -4.90
CA PRO A 401 -24.91 27.43 -5.16
C PRO A 401 -25.86 27.04 -6.30
N TYR A 402 -26.89 27.83 -6.55
CA TYR A 402 -27.86 27.52 -7.59
C TYR A 402 -27.30 27.78 -8.98
N GLU A 403 -26.38 28.73 -9.05
CA GLU A 403 -25.67 29.06 -10.28
C GLU A 403 -24.76 27.90 -10.68
N ALA A 404 -24.24 27.21 -9.68
CA ALA A 404 -23.31 26.10 -9.89
C ALA A 404 -24.02 24.83 -10.35
N CYS A 405 -25.22 24.59 -9.82
CA CYS A 405 -25.96 23.38 -10.12
C CYS A 405 -26.84 23.54 -11.36
N ASP A 406 -26.88 24.75 -11.90
CA ASP A 406 -27.69 25.04 -13.07
C ASP A 406 -27.11 24.36 -14.32
N GLY A 407 -27.69 23.24 -14.69
CA GLY A 407 -27.26 22.52 -15.88
C GLY A 407 -26.20 21.47 -15.60
N ALA A 408 -26.14 21.04 -14.34
CA ALA A 408 -25.16 20.05 -13.92
C ALA A 408 -25.76 18.66 -13.96
N HIS A 409 -24.93 17.65 -14.25
CA HIS A 409 -25.34 16.27 -14.19
C HIS A 409 -25.29 15.79 -12.74
N ALA A 410 -24.34 16.33 -11.99
CA ALA A 410 -24.08 15.86 -10.63
C ALA A 410 -23.63 16.98 -9.70
N VAL A 411 -23.99 16.85 -8.42
CA VAL A 411 -23.56 17.79 -7.40
C VAL A 411 -22.73 17.07 -6.36
N VAL A 412 -21.54 17.59 -6.08
CA VAL A 412 -20.62 16.97 -5.13
C VAL A 412 -20.40 17.85 -3.90
N ILE A 413 -20.77 17.35 -2.74
CA ILE A 413 -20.60 18.11 -1.49
C ILE A 413 -19.33 17.69 -0.77
N CYS A 414 -18.37 18.61 -0.69
CA CYS A 414 -17.06 18.30 -0.14
C CYS A 414 -16.80 18.97 1.21
N THR A 415 -17.52 20.05 1.48
CA THR A 415 -17.39 20.77 2.75
C THR A 415 -18.74 20.83 3.46
N GLU A 416 -18.72 20.62 4.78
CA GLU A 416 -19.95 20.44 5.56
C GLU A 416 -20.65 21.75 5.96
N TRP A 417 -20.59 22.75 5.08
CA TRP A 417 -21.26 24.03 5.32
C TRP A 417 -22.73 23.80 5.65
N ASP A 418 -23.22 24.52 6.66
CA ASP A 418 -24.58 24.33 7.16
C ASP A 418 -25.64 24.75 6.15
N MET A 419 -25.31 25.71 5.31
CA MET A 419 -26.25 26.25 4.34
C MET A 419 -26.69 25.20 3.32
N PHE A 420 -25.84 24.20 3.11
CA PHE A 420 -26.07 23.19 2.08
C PHE A 420 -27.28 22.32 2.38
N LYS A 421 -27.58 22.12 3.66
CA LYS A 421 -28.70 21.27 4.03
C LYS A 421 -30.02 22.05 4.00
N GLU A 422 -29.94 23.36 3.81
CA GLU A 422 -31.12 24.21 3.83
C GLU A 422 -31.44 24.81 2.45
N LEU A 423 -30.81 24.28 1.42
CA LEU A 423 -31.03 24.76 0.05
C LEU A 423 -32.36 24.26 -0.50
N ASP A 424 -32.90 24.99 -1.47
CA ASP A 424 -34.12 24.59 -2.17
C ASP A 424 -33.75 23.48 -3.16
N TYR A 425 -34.01 22.24 -2.78
CA TYR A 425 -33.62 21.10 -3.62
C TYR A 425 -34.59 20.80 -4.75
N GLU A 426 -35.84 21.22 -4.59
CA GLU A 426 -36.80 21.12 -5.68
C GLU A 426 -36.38 22.06 -6.81
N ARG A 427 -35.93 23.25 -6.43
CA ARG A 427 -35.42 24.23 -7.38
C ARG A 427 -34.17 23.75 -8.10
N ILE A 428 -33.27 23.10 -7.36
CA ILE A 428 -32.02 22.60 -7.93
C ILE A 428 -32.27 21.48 -8.95
N HIS A 429 -33.10 20.52 -8.56
CA HIS A 429 -33.47 19.41 -9.44
C HIS A 429 -34.11 19.92 -10.72
N LYS A 430 -34.86 21.01 -10.60
CA LYS A 430 -35.53 21.65 -11.73
C LYS A 430 -34.53 22.01 -12.82
N LYS A 431 -33.54 22.83 -12.48
CA LYS A 431 -32.57 23.31 -13.46
C LYS A 431 -31.35 22.39 -13.64
N MET A 432 -31.45 21.16 -13.12
CA MET A 432 -30.35 20.20 -13.31
C MET A 432 -30.61 19.28 -14.49
N LEU A 433 -29.55 18.96 -15.21
CA LEU A 433 -29.63 17.97 -16.28
C LEU A 433 -29.99 16.64 -15.64
N LYS A 434 -30.82 15.86 -16.31
CA LYS A 434 -31.33 14.63 -15.73
C LYS A 434 -30.87 13.42 -16.53
N PRO A 435 -30.48 12.32 -15.85
CA PRO A 435 -30.59 12.07 -14.40
C PRO A 435 -29.65 12.91 -13.53
N ALA A 436 -30.17 13.38 -12.40
CA ALA A 436 -29.43 14.25 -11.49
C ALA A 436 -28.87 13.46 -10.31
N PHE A 437 -27.55 13.55 -10.11
CA PHE A 437 -26.88 12.82 -9.04
C PHE A 437 -26.45 13.75 -7.91
N ILE A 438 -26.45 13.22 -6.69
CA ILE A 438 -25.90 13.92 -5.54
C ILE A 438 -24.87 13.05 -4.83
N PHE A 439 -23.64 13.53 -4.76
CA PHE A 439 -22.58 12.82 -4.05
C PHE A 439 -22.24 13.54 -2.75
N ASP A 440 -22.72 12.99 -1.64
CA ASP A 440 -22.58 13.61 -0.33
C ASP A 440 -21.37 13.05 0.42
N GLY A 441 -20.27 13.79 0.41
CA GLY A 441 -19.03 13.33 1.01
C GLY A 441 -18.78 13.82 2.43
N ARG A 442 -19.83 14.33 3.07
CA ARG A 442 -19.73 14.88 4.40
C ARG A 442 -20.90 14.46 5.29
N ARG A 443 -21.82 13.68 4.72
CA ARG A 443 -23.01 13.21 5.42
C ARG A 443 -23.89 14.36 5.92
N VAL A 444 -23.96 15.43 5.14
CA VAL A 444 -24.74 16.60 5.54
C VAL A 444 -26.20 16.52 5.10
N LEU A 445 -26.48 15.67 4.12
CA LEU A 445 -27.83 15.52 3.61
C LEU A 445 -28.56 14.36 4.26
N ASP A 446 -28.07 13.92 5.42
CA ASP A 446 -28.74 12.89 6.18
C ASP A 446 -30.08 13.39 6.71
N GLY A 447 -31.10 12.54 6.60
CA GLY A 447 -32.44 12.93 7.03
C GLY A 447 -33.24 13.55 5.90
N LEU A 448 -32.57 13.81 4.78
CA LEU A 448 -33.20 14.41 3.61
C LEU A 448 -33.32 13.39 2.48
N HIS A 449 -32.84 12.18 2.73
CA HIS A 449 -32.78 11.14 1.70
C HIS A 449 -34.15 10.81 1.09
N ASN A 450 -35.17 10.75 1.94
CA ASN A 450 -36.52 10.50 1.48
C ASN A 450 -37.02 11.63 0.59
N GLU A 451 -36.86 12.85 1.08
CA GLU A 451 -37.26 14.04 0.34
C GLU A 451 -36.53 14.14 -1.00
N LEU A 452 -35.22 13.91 -0.97
CA LEU A 452 -34.40 14.04 -2.16
C LEU A 452 -34.66 12.96 -3.20
N GLN A 453 -35.00 11.76 -2.74
CA GLN A 453 -35.31 10.66 -3.66
C GLN A 453 -36.63 10.89 -4.38
N THR A 454 -37.65 11.31 -3.62
CA THR A 454 -38.96 11.58 -4.18
C THR A 454 -38.93 12.77 -5.13
N ILE A 455 -38.04 13.72 -4.88
CA ILE A 455 -37.84 14.85 -5.77
C ILE A 455 -37.31 14.37 -7.14
N GLY A 456 -36.40 13.41 -7.11
CA GLY A 456 -35.89 12.82 -8.33
C GLY A 456 -34.38 12.67 -8.37
N PHE A 457 -33.73 12.83 -7.22
CA PHE A 457 -32.28 12.71 -7.13
C PHE A 457 -31.85 11.26 -6.93
N GLN A 458 -30.68 10.92 -7.48
CA GLN A 458 -30.00 9.68 -7.12
C GLN A 458 -28.85 10.04 -6.19
N ILE A 459 -29.04 9.76 -4.90
CA ILE A 459 -28.09 10.19 -3.87
C ILE A 459 -27.04 9.12 -3.58
N GLU A 460 -25.77 9.52 -3.67
CA GLU A 460 -24.68 8.66 -3.26
C GLU A 460 -24.01 9.27 -2.04
N THR A 461 -23.86 8.50 -0.98
CA THR A 461 -23.26 9.02 0.25
C THR A 461 -22.15 8.12 0.78
N ILE A 462 -21.14 8.73 1.38
CA ILE A 462 -20.01 8.01 1.94
C ILE A 462 -20.41 7.09 3.09
N GLY A 463 -19.95 5.84 3.03
CA GLY A 463 -20.20 4.89 4.10
C GLY A 463 -21.57 4.24 4.04
N LYS A 464 -22.15 4.19 2.84
CA LYS A 464 -23.48 3.64 2.65
C LYS A 464 -23.63 3.15 1.21
N LYS A 465 -24.09 1.91 1.06
CA LYS A 465 -24.18 1.26 -0.25
C LYS A 465 -25.07 2.04 -1.21
N MET B 1 29.49 20.80 -42.13
CA MET B 1 29.60 19.69 -41.19
C MET B 1 30.49 20.01 -39.98
N PHE B 2 30.95 18.96 -39.29
CA PHE B 2 31.78 19.12 -38.09
C PHE B 2 32.55 17.86 -37.71
N GLU B 3 33.76 18.05 -37.18
CA GLU B 3 34.59 16.96 -36.69
C GLU B 3 35.01 17.17 -35.24
N ILE B 4 34.83 16.15 -34.41
CA ILE B 4 35.22 16.21 -33.00
C ILE B 4 36.63 15.65 -32.80
N LYS B 5 37.51 16.48 -32.24
CA LYS B 5 38.92 16.10 -32.08
C LYS B 5 39.36 16.10 -30.63
N LYS B 6 38.66 16.84 -29.79
CA LYS B 6 38.95 16.89 -28.36
C LYS B 6 37.68 16.79 -27.53
N ILE B 7 37.68 15.88 -26.55
CA ILE B 7 36.51 15.68 -25.70
C ILE B 7 36.83 15.90 -24.22
N CYS B 8 36.06 16.76 -23.57
CA CYS B 8 36.15 16.95 -22.13
C CYS B 8 34.95 16.33 -21.44
N CYS B 9 35.18 15.63 -20.33
CA CYS B 9 34.10 15.05 -19.56
C CYS B 9 34.10 15.57 -18.13
N ILE B 10 33.08 16.33 -17.79
CA ILE B 10 32.91 16.81 -16.43
C ILE B 10 32.24 15.73 -15.58
N GLY B 11 33.04 15.01 -14.81
CA GLY B 11 32.56 13.90 -14.00
C GLY B 11 33.43 12.67 -14.18
N ALA B 12 34.17 12.32 -13.14
CA ALA B 12 35.05 11.15 -13.20
C ALA B 12 34.48 10.00 -12.37
N GLY B 13 33.20 9.69 -12.59
CA GLY B 13 32.52 8.68 -11.81
C GLY B 13 32.36 7.33 -12.50
N TYR B 14 31.30 6.62 -12.15
CA TYR B 14 31.04 5.29 -12.69
C TYR B 14 30.61 5.35 -14.16
N VAL B 15 30.07 6.49 -14.57
CA VAL B 15 29.66 6.69 -15.95
C VAL B 15 30.72 7.45 -16.73
N GLY B 16 31.18 8.57 -16.17
CA GLY B 16 32.19 9.39 -16.82
C GLY B 16 33.49 8.69 -17.12
N GLY B 17 34.06 8.05 -16.10
CA GLY B 17 35.34 7.35 -16.22
C GLY B 17 35.44 6.29 -17.30
N PRO B 18 34.68 5.18 -17.15
CA PRO B 18 34.69 4.07 -18.11
C PRO B 18 34.31 4.46 -19.54
N THR B 19 33.33 5.35 -19.69
CA THR B 19 32.85 5.76 -21.00
C THR B 19 33.97 6.41 -21.83
N CYS B 20 34.68 7.34 -21.22
CA CYS B 20 35.76 8.05 -21.89
C CYS B 20 36.98 7.17 -22.15
N SER B 21 37.22 6.21 -21.27
CA SER B 21 38.31 5.27 -21.44
C SER B 21 38.10 4.40 -22.68
N VAL B 22 36.85 4.02 -22.92
CA VAL B 22 36.51 3.20 -24.08
C VAL B 22 36.55 4.05 -25.35
N ILE B 23 36.10 5.30 -25.23
CA ILE B 23 36.13 6.23 -26.36
C ILE B 23 37.56 6.51 -26.81
N ALA B 24 38.44 6.77 -25.85
CA ALA B 24 39.84 7.00 -26.14
C ALA B 24 40.47 5.75 -26.73
N HIS B 25 40.02 4.60 -26.25
CA HIS B 25 40.53 3.31 -26.70
C HIS B 25 40.14 3.02 -28.15
N MET B 26 38.92 3.40 -28.52
CA MET B 26 38.39 3.11 -29.86
C MET B 26 38.71 4.21 -30.86
N CYS B 27 38.96 5.40 -30.35
CA CYS B 27 39.25 6.55 -31.20
C CYS B 27 40.61 7.14 -30.83
N PRO B 28 41.69 6.53 -31.33
CA PRO B 28 43.06 6.94 -31.01
C PRO B 28 43.36 8.36 -31.47
N GLU B 29 42.61 8.84 -32.46
CA GLU B 29 42.82 10.17 -33.01
C GLU B 29 42.16 11.26 -32.15
N ILE B 30 41.36 10.83 -31.18
CA ILE B 30 40.65 11.79 -30.33
C ILE B 30 41.27 11.90 -28.94
N ARG B 31 41.56 13.13 -28.55
CA ARG B 31 42.12 13.41 -27.23
C ARG B 31 41.00 13.56 -26.20
N VAL B 32 40.98 12.66 -25.22
CA VAL B 32 39.89 12.64 -24.24
C VAL B 32 40.40 13.00 -22.85
N THR B 33 39.87 14.09 -22.30
CA THR B 33 40.29 14.58 -20.99
C THR B 33 39.17 14.50 -19.95
N VAL B 34 39.32 13.62 -18.98
CA VAL B 34 38.35 13.49 -17.90
C VAL B 34 38.75 14.37 -16.73
N VAL B 35 37.85 15.28 -16.34
CA VAL B 35 38.16 16.26 -15.30
C VAL B 35 37.22 16.18 -14.10
N ASP B 36 37.74 16.47 -12.91
CA ASP B 36 36.94 16.44 -11.69
C ASP B 36 37.48 17.40 -10.65
N VAL B 37 36.58 17.97 -9.86
CA VAL B 37 36.94 18.87 -8.78
C VAL B 37 37.63 18.10 -7.66
N ASN B 38 37.30 16.81 -7.56
CA ASN B 38 37.90 15.93 -6.57
C ASN B 38 39.30 15.51 -7.00
N GLU B 39 40.30 16.10 -6.36
CA GLU B 39 41.69 15.78 -6.68
C GLU B 39 42.05 14.36 -6.27
N SER B 40 41.52 13.93 -5.14
CA SER B 40 41.75 12.58 -4.63
C SER B 40 41.31 11.52 -5.64
N ARG B 41 40.18 11.76 -6.28
CA ARG B 41 39.68 10.83 -7.28
C ARG B 41 40.52 10.87 -8.55
N ILE B 42 40.84 12.08 -9.01
CA ILE B 42 41.65 12.25 -10.21
C ILE B 42 43.02 11.60 -10.08
N ASN B 43 43.65 11.74 -8.91
CA ASN B 43 44.92 11.11 -8.64
C ASN B 43 44.80 9.59 -8.69
N ALA B 44 43.68 9.07 -8.19
CA ALA B 44 43.44 7.64 -8.16
C ALA B 44 43.27 7.08 -9.56
N TRP B 45 42.82 7.92 -10.49
CA TRP B 45 42.69 7.53 -11.88
C TRP B 45 44.06 7.37 -12.55
N ASN B 46 44.99 8.24 -12.19
CA ASN B 46 46.36 8.15 -12.69
C ASN B 46 47.21 7.20 -11.86
N SER B 47 46.60 6.63 -10.81
CA SER B 47 47.28 5.69 -9.93
C SER B 47 47.09 4.27 -10.45
N PRO B 48 47.87 3.31 -9.92
CA PRO B 48 47.67 1.91 -10.31
C PRO B 48 46.45 1.27 -9.64
N THR B 49 45.83 2.00 -8.71
CA THR B 49 44.62 1.51 -8.06
C THR B 49 43.45 2.47 -8.34
N LEU B 50 42.72 2.18 -9.41
CA LEU B 50 41.61 3.02 -9.85
C LEU B 50 40.57 3.21 -8.76
N PRO B 51 39.93 4.40 -8.71
CA PRO B 51 39.00 4.72 -7.64
C PRO B 51 37.70 3.90 -7.68
N ILE B 52 37.46 3.19 -8.78
CA ILE B 52 36.29 2.31 -8.86
C ILE B 52 36.68 0.92 -9.34
N TYR B 53 35.97 -0.09 -8.84
CA TYR B 53 36.16 -1.43 -9.34
C TYR B 53 35.22 -1.71 -10.51
N GLU B 54 35.82 -2.00 -11.65
CA GLU B 54 35.09 -2.32 -12.86
C GLU B 54 35.93 -3.30 -13.66
N PRO B 55 35.41 -4.52 -13.87
CA PRO B 55 36.14 -5.56 -14.59
C PRO B 55 36.67 -5.10 -15.95
N GLY B 56 37.99 -5.11 -16.11
CA GLY B 56 38.64 -4.81 -17.37
C GLY B 56 38.89 -3.33 -17.60
N LEU B 57 38.58 -2.51 -16.60
CA LEU B 57 38.71 -1.06 -16.74
C LEU B 57 40.17 -0.61 -16.73
N LYS B 58 40.96 -1.16 -15.82
CA LYS B 58 42.36 -0.77 -15.67
C LYS B 58 43.14 -1.09 -16.94
N GLU B 59 42.86 -2.24 -17.54
CA GLU B 59 43.48 -2.61 -18.80
C GLU B 59 43.14 -1.62 -19.91
N VAL B 60 41.87 -1.22 -19.98
CA VAL B 60 41.43 -0.25 -20.96
C VAL B 60 42.00 1.14 -20.69
N VAL B 61 41.98 1.54 -19.42
CA VAL B 61 42.52 2.83 -19.03
C VAL B 61 44.02 2.92 -19.34
N GLU B 62 44.77 1.90 -18.91
CA GLU B 62 46.22 1.89 -19.11
C GLU B 62 46.64 1.76 -20.58
N SER B 63 45.75 1.22 -21.41
CA SER B 63 46.05 1.16 -22.83
C SER B 63 46.18 2.57 -23.41
N CYS B 64 45.28 3.47 -22.99
CA CYS B 64 45.23 4.82 -23.55
C CYS B 64 45.56 6.01 -22.64
N ARG B 65 46.00 5.79 -21.40
CA ARG B 65 46.17 6.91 -20.53
C ARG B 65 47.52 7.52 -20.79
N GLY B 66 47.52 8.81 -20.93
CA GLY B 66 48.75 9.54 -21.20
C GLY B 66 49.03 9.67 -22.68
N LYS B 67 48.26 8.95 -23.49
CA LYS B 67 48.37 9.01 -24.94
C LYS B 67 47.27 9.89 -25.50
N ASN B 68 46.02 9.45 -25.37
CA ASN B 68 44.86 10.27 -25.74
C ASN B 68 43.83 10.36 -24.63
N LEU B 69 44.06 9.60 -23.55
CA LEU B 69 43.20 9.64 -22.37
C LEU B 69 43.90 10.32 -21.19
N PHE B 70 43.27 11.37 -20.66
CA PHE B 70 43.88 12.11 -19.56
C PHE B 70 42.90 12.39 -18.43
N PHE B 71 43.39 12.27 -17.20
CA PHE B 71 42.61 12.61 -16.02
C PHE B 71 43.24 13.81 -15.33
N SER B 72 42.49 14.90 -15.24
CA SER B 72 43.01 16.15 -14.70
C SER B 72 42.01 16.82 -13.76
N THR B 73 42.50 17.74 -12.95
CA THR B 73 41.62 18.57 -12.11
C THR B 73 41.48 19.95 -12.73
N ASN B 74 42.29 20.22 -13.75
CA ASN B 74 42.22 21.47 -14.47
C ASN B 74 41.00 21.47 -15.39
N ILE B 75 39.86 21.88 -14.83
CA ILE B 75 38.58 21.79 -15.52
C ILE B 75 38.40 22.86 -16.59
N ASP B 76 38.72 24.11 -16.24
CA ASP B 76 38.50 25.24 -17.14
C ASP B 76 39.31 25.13 -18.43
N ASP B 77 40.49 24.53 -18.34
CA ASP B 77 41.36 24.37 -19.50
C ASP B 77 40.81 23.31 -20.45
N ALA B 78 40.38 22.18 -19.90
CA ALA B 78 39.84 21.09 -20.71
C ALA B 78 38.54 21.50 -21.39
N ILE B 79 37.74 22.33 -20.71
CA ILE B 79 36.50 22.86 -21.29
C ILE B 79 36.82 23.77 -22.48
N LYS B 80 37.77 24.66 -22.27
CA LYS B 80 38.18 25.61 -23.32
C LYS B 80 38.76 24.89 -24.52
N GLU B 81 39.50 23.81 -24.26
CA GLU B 81 40.17 23.04 -25.30
C GLU B 81 39.25 22.14 -26.12
N ALA B 82 38.10 21.79 -25.55
CA ALA B 82 37.27 20.71 -26.10
C ALA B 82 36.25 21.15 -27.16
N ASP B 83 35.95 20.23 -28.06
CA ASP B 83 34.92 20.43 -29.08
C ASP B 83 33.58 19.87 -28.58
N LEU B 84 33.66 18.86 -27.73
CA LEU B 84 32.47 18.27 -27.11
C LEU B 84 32.67 18.15 -25.60
N VAL B 85 31.72 18.69 -24.84
CA VAL B 85 31.77 18.58 -23.38
C VAL B 85 30.68 17.65 -22.85
N PHE B 86 31.11 16.60 -22.16
CA PHE B 86 30.20 15.65 -21.54
C PHE B 86 29.82 16.10 -20.13
N ILE B 87 28.57 15.87 -19.75
CA ILE B 87 28.14 16.08 -18.37
C ILE B 87 27.53 14.77 -17.83
N SER B 88 28.18 14.20 -16.81
CA SER B 88 27.80 12.90 -16.29
C SER B 88 26.98 12.99 -15.00
N ALA B 111 23.86 24.92 -13.36
CA ALA B 111 24.90 25.37 -12.46
C ALA B 111 26.27 24.98 -12.99
N CYS B 112 26.31 23.85 -13.68
CA CYS B 112 27.54 23.36 -14.29
C CYS B 112 27.64 23.95 -15.69
N ALA B 113 26.51 24.44 -16.19
CA ALA B 113 26.45 25.08 -17.49
C ALA B 113 27.07 26.46 -17.40
N ARG B 114 27.11 26.99 -16.19
CA ARG B 114 27.69 28.30 -15.95
C ARG B 114 29.20 28.27 -16.14
N ARG B 115 29.84 27.25 -15.58
CA ARG B 115 31.29 27.09 -15.68
C ARG B 115 31.72 26.81 -17.12
N ILE B 116 30.83 26.20 -17.89
CA ILE B 116 31.07 25.93 -19.30
C ILE B 116 31.12 27.24 -20.11
N VAL B 117 30.11 28.09 -19.91
CA VAL B 117 30.06 29.39 -20.56
C VAL B 117 31.30 30.25 -20.28
N GLN B 118 31.70 30.30 -19.01
CA GLN B 118 32.83 31.13 -18.59
C GLN B 118 34.15 30.73 -19.24
N ASN B 119 34.22 29.49 -19.73
CA ASN B 119 35.44 28.99 -20.34
C ASN B 119 35.29 28.49 -21.76
N SER B 120 34.23 28.93 -22.45
CA SER B 120 34.00 28.50 -23.82
C SER B 120 33.85 29.64 -24.81
N ASN B 121 34.41 29.45 -25.99
CA ASN B 121 34.27 30.39 -27.09
C ASN B 121 34.04 29.65 -28.40
N GLY B 122 33.18 30.21 -29.25
CA GLY B 122 32.91 29.62 -30.56
C GLY B 122 31.94 28.47 -30.50
N TYR B 123 32.19 27.44 -31.32
CA TYR B 123 31.31 26.29 -31.43
C TYR B 123 31.78 25.13 -30.55
N LYS B 124 30.93 24.72 -29.61
CA LYS B 124 31.17 23.55 -28.79
C LYS B 124 29.86 22.79 -28.60
N ILE B 125 29.95 21.47 -28.48
CA ILE B 125 28.78 20.64 -28.25
C ILE B 125 28.72 20.18 -26.80
N VAL B 126 27.60 20.47 -26.13
CA VAL B 126 27.43 20.08 -24.73
C VAL B 126 26.43 18.93 -24.63
N THR B 127 26.89 17.79 -24.12
CA THR B 127 26.08 16.57 -24.13
C THR B 127 25.77 16.03 -22.74
N GLU B 128 24.48 15.88 -22.44
CA GLU B 128 24.05 15.35 -21.15
C GLU B 128 23.97 13.82 -21.17
N LYS B 129 24.64 13.18 -20.23
CA LYS B 129 24.60 11.72 -20.12
C LYS B 129 23.75 11.22 -18.95
N SER B 130 23.48 12.09 -17.98
CA SER B 130 22.75 11.67 -16.79
C SER B 130 21.24 11.59 -17.00
N THR B 131 20.63 10.56 -16.41
CA THR B 131 19.22 10.23 -16.59
C THR B 131 18.27 11.24 -15.94
N VAL B 132 18.55 11.61 -14.70
CA VAL B 132 17.78 12.64 -14.01
C VAL B 132 18.70 13.77 -13.53
N PRO B 133 18.17 15.00 -13.38
CA PRO B 133 16.79 15.47 -13.54
C PRO B 133 16.21 15.23 -14.93
N VAL B 134 14.90 15.05 -14.98
CA VAL B 134 14.21 14.62 -16.20
C VAL B 134 14.47 15.54 -17.39
N ARG B 135 14.30 16.84 -17.19
CA ARG B 135 14.55 17.80 -18.26
C ARG B 135 15.86 18.53 -17.99
N ALA B 136 16.94 17.77 -17.94
CA ALA B 136 18.26 18.32 -17.65
C ALA B 136 18.79 19.10 -18.85
N ALA B 137 18.74 18.49 -20.02
CA ALA B 137 19.23 19.11 -21.23
C ALA B 137 18.41 20.34 -21.59
N GLU B 138 17.15 20.36 -21.17
CA GLU B 138 16.27 21.49 -21.43
C GLU B 138 16.62 22.66 -20.52
N SER B 139 17.10 22.35 -19.32
CA SER B 139 17.51 23.37 -18.36
C SER B 139 18.85 23.98 -18.74
N ILE B 140 19.77 23.14 -19.23
CA ILE B 140 21.08 23.59 -19.68
C ILE B 140 20.95 24.54 -20.85
N ARG B 141 20.12 24.16 -21.82
CA ARG B 141 19.87 24.97 -23.00
C ARG B 141 19.25 26.31 -22.61
N ARG B 142 18.50 26.30 -21.51
CA ARG B 142 17.86 27.51 -20.98
C ARG B 142 18.92 28.52 -20.52
N ILE B 143 19.97 28.01 -19.87
CA ILE B 143 21.05 28.85 -19.37
C ILE B 143 21.86 29.45 -20.52
N PHE B 144 22.15 28.62 -21.52
CA PHE B 144 22.96 29.04 -22.66
C PHE B 144 22.31 30.17 -23.46
N ASP B 145 20.99 30.26 -23.40
CA ASP B 145 20.27 31.32 -24.10
C ASP B 145 20.18 32.58 -23.25
N ALA B 146 20.43 32.44 -21.96
CA ALA B 146 20.34 33.55 -21.03
C ALA B 146 21.61 34.39 -21.01
N ASN B 147 22.59 33.99 -21.79
CA ASN B 147 23.87 34.69 -21.83
C ASN B 147 24.22 35.24 -23.22
N ASN B 153 28.60 30.05 -29.21
CA ASN B 153 27.65 29.19 -29.91
C ASN B 153 27.67 27.74 -29.41
N LEU B 154 26.77 27.43 -28.47
CA LEU B 154 26.75 26.12 -27.83
C LEU B 154 25.57 25.26 -28.29
N GLN B 155 25.83 23.97 -28.51
CA GLN B 155 24.79 23.03 -28.89
C GLN B 155 24.56 21.99 -27.79
N VAL B 156 23.30 21.75 -27.45
CA VAL B 156 22.96 20.83 -26.38
C VAL B 156 22.39 19.51 -26.89
N LEU B 157 23.06 18.41 -26.55
CA LEU B 157 22.60 17.09 -26.94
C LEU B 157 22.21 16.24 -25.72
N SER B 158 21.40 15.22 -25.96
CA SER B 158 21.13 14.21 -24.94
C SER B 158 21.72 12.88 -25.40
N ASN B 159 22.52 12.27 -24.53
CA ASN B 159 23.11 10.98 -24.85
C ASN B 159 23.26 10.14 -23.58
N PRO B 160 22.16 9.49 -23.17
CA PRO B 160 22.13 8.70 -21.94
C PRO B 160 23.00 7.44 -22.04
N GLU B 161 23.61 7.06 -20.92
CA GLU B 161 24.36 5.81 -20.85
C GLU B 161 23.40 4.63 -20.73
N PHE B 162 23.81 3.49 -21.24
CA PHE B 162 23.01 2.27 -21.10
C PHE B 162 23.84 1.17 -20.45
N LEU B 163 25.08 1.49 -20.12
CA LEU B 163 25.96 0.56 -19.43
C LEU B 163 25.43 0.26 -18.03
N ALA B 164 25.63 -0.98 -17.58
CA ALA B 164 25.36 -1.35 -16.21
C ALA B 164 26.69 -1.53 -15.50
N GLU B 165 26.75 -1.16 -14.23
CA GLU B 165 27.97 -1.33 -13.46
C GLU B 165 28.25 -2.81 -13.22
N GLY B 166 29.52 -3.19 -13.24
CA GLY B 166 29.90 -4.59 -13.18
C GLY B 166 30.20 -5.16 -14.56
N THR B 167 29.48 -4.67 -15.56
CA THR B 167 29.69 -5.08 -16.95
C THR B 167 29.85 -3.86 -17.86
N ALA B 168 30.35 -2.76 -17.29
CA ALA B 168 30.45 -1.49 -18.00
C ALA B 168 31.30 -1.55 -19.28
N ILE B 169 32.45 -2.20 -19.19
CA ILE B 169 33.37 -2.27 -20.33
C ILE B 169 32.79 -3.12 -21.47
N LYS B 170 32.24 -4.28 -21.12
CA LYS B 170 31.58 -5.15 -22.08
C LYS B 170 30.37 -4.48 -22.74
N ASP B 171 29.63 -3.71 -21.95
CA ASP B 171 28.46 -2.99 -22.46
C ASP B 171 28.85 -1.85 -23.40
N LEU B 172 29.93 -1.15 -23.06
CA LEU B 172 30.38 -0.01 -23.86
C LEU B 172 31.02 -0.41 -25.18
N LYS B 173 31.66 -1.58 -25.21
CA LYS B 173 32.31 -2.05 -26.43
C LYS B 173 31.31 -2.66 -27.41
N ASN B 174 30.22 -3.22 -26.89
CA ASN B 174 29.16 -3.76 -27.74
C ASN B 174 27.76 -3.51 -27.18
N PRO B 175 27.28 -2.25 -27.26
CA PRO B 175 25.97 -1.91 -26.69
C PRO B 175 24.82 -2.38 -27.57
N ASP B 176 23.66 -2.60 -26.96
CA ASP B 176 22.47 -3.00 -27.70
C ASP B 176 22.01 -1.85 -28.60
N ARG B 177 22.15 -0.63 -28.10
CA ARG B 177 21.88 0.56 -28.89
C ARG B 177 22.50 1.83 -28.28
N VAL B 178 22.79 2.80 -29.14
CA VAL B 178 23.22 4.11 -28.68
C VAL B 178 22.10 5.10 -28.97
N LEU B 179 21.79 5.95 -27.99
CA LEU B 179 20.68 6.88 -28.14
C LEU B 179 21.20 8.31 -28.08
N ILE B 180 21.00 9.05 -29.16
CA ILE B 180 21.42 10.46 -29.23
C ILE B 180 20.25 11.36 -29.58
N GLY B 181 20.02 12.38 -28.76
CA GLY B 181 18.93 13.31 -28.98
C GLY B 181 19.41 14.73 -29.16
N GLY B 182 18.86 15.41 -30.17
CA GLY B 182 19.19 16.80 -30.42
C GLY B 182 18.06 17.54 -31.12
N ASP B 183 18.15 18.87 -31.15
CA ASP B 183 17.13 19.69 -31.78
C ASP B 183 16.95 19.35 -33.26
N GLU B 184 15.73 19.43 -33.75
CA GLU B 184 15.46 19.20 -35.16
C GLU B 184 15.67 20.49 -35.96
N THR B 185 16.86 21.06 -35.81
CA THR B 185 17.28 22.24 -36.54
C THR B 185 18.53 21.87 -37.32
N PRO B 186 18.91 22.67 -38.33
CA PRO B 186 20.15 22.38 -39.07
C PRO B 186 21.38 22.29 -38.16
N GLU B 187 21.43 23.13 -37.13
CA GLU B 187 22.54 23.12 -36.20
C GLU B 187 22.48 21.92 -35.25
N GLY B 188 21.25 21.51 -34.92
CA GLY B 188 21.04 20.39 -34.03
C GLY B 188 21.46 19.07 -34.65
N GLN B 189 21.04 18.85 -35.89
CA GLN B 189 21.36 17.61 -36.60
C GLN B 189 22.84 17.55 -36.97
N ARG B 190 23.47 18.71 -37.06
CA ARG B 190 24.89 18.81 -37.36
C ARG B 190 25.71 18.36 -36.15
N ALA B 191 25.24 18.75 -34.97
CA ALA B 191 25.87 18.34 -33.71
C ALA B 191 25.61 16.86 -33.44
N VAL B 192 24.38 16.42 -33.72
CA VAL B 192 23.99 15.03 -33.52
C VAL B 192 24.87 14.08 -34.34
N GLN B 193 25.05 14.41 -35.61
CA GLN B 193 25.84 13.57 -36.50
C GLN B 193 27.34 13.64 -36.18
N ALA B 194 27.76 14.74 -35.57
CA ALA B 194 29.13 14.90 -35.10
C ALA B 194 29.43 13.94 -33.97
N LEU B 195 28.42 13.68 -33.14
CA LEU B 195 28.55 12.73 -32.04
C LEU B 195 28.38 11.30 -32.53
N CYS B 196 27.53 11.10 -33.54
CA CYS B 196 27.38 9.80 -34.17
C CYS B 196 28.70 9.34 -34.76
N ALA B 197 29.43 10.31 -35.34
CA ALA B 197 30.70 10.05 -35.99
C ALA B 197 31.71 9.44 -35.03
N VAL B 198 31.61 9.81 -33.77
CA VAL B 198 32.50 9.28 -32.74
C VAL B 198 32.21 7.81 -32.46
N TYR B 199 30.94 7.50 -32.24
CA TYR B 199 30.52 6.13 -31.92
C TYR B 199 30.72 5.17 -33.08
N GLU B 200 30.63 5.69 -34.30
CA GLU B 200 30.72 4.86 -35.51
C GLU B 200 32.11 4.24 -35.70
N HIS B 201 33.07 4.63 -34.86
CA HIS B 201 34.40 4.02 -34.86
C HIS B 201 34.34 2.56 -34.41
N TRP B 202 33.32 2.21 -33.62
CA TRP B 202 33.18 0.84 -33.15
C TRP B 202 31.74 0.38 -32.99
N VAL B 203 30.79 1.32 -33.08
CA VAL B 203 29.37 0.98 -33.02
C VAL B 203 28.75 1.07 -34.41
N PRO B 204 28.13 -0.03 -34.87
CA PRO B 204 27.42 -0.07 -36.15
C PRO B 204 26.35 1.01 -36.25
N ARG B 205 26.14 1.54 -37.46
CA ARG B 205 25.11 2.55 -37.68
C ARG B 205 23.73 2.02 -37.32
N GLU B 206 23.56 0.70 -37.46
CA GLU B 206 22.29 0.03 -37.22
C GLU B 206 21.88 0.06 -35.76
N LYS B 207 22.85 0.26 -34.87
CA LYS B 207 22.59 0.27 -33.43
C LYS B 207 22.48 1.68 -32.85
N ILE B 208 22.66 2.71 -33.69
CA ILE B 208 22.59 4.08 -33.20
C ILE B 208 21.24 4.70 -33.53
N LEU B 209 20.54 5.17 -32.50
CA LEU B 209 19.26 5.83 -32.68
C LEU B 209 19.36 7.35 -32.49
N THR B 210 18.86 8.09 -33.47
CA THR B 210 18.83 9.54 -33.37
C THR B 210 17.38 10.03 -33.27
N THR B 211 17.16 11.02 -32.42
CA THR B 211 15.83 11.57 -32.20
C THR B 211 15.96 12.98 -31.63
N ASN B 212 14.86 13.56 -31.17
CA ASN B 212 14.92 14.86 -30.51
C ASN B 212 15.38 14.73 -29.06
N THR B 213 15.67 15.86 -28.42
CA THR B 213 16.24 15.86 -27.08
C THR B 213 15.33 15.18 -26.06
N TRP B 214 14.06 15.52 -26.08
CA TRP B 214 13.12 14.99 -25.11
C TRP B 214 12.83 13.50 -25.28
N SER B 215 12.59 13.08 -26.53
CA SER B 215 12.28 11.67 -26.81
C SER B 215 13.41 10.76 -26.35
N SER B 216 14.63 11.29 -26.40
CA SER B 216 15.79 10.56 -25.92
C SER B 216 15.80 10.46 -24.40
N GLU B 217 15.43 11.56 -23.73
CA GLU B 217 15.37 11.60 -22.27
C GLU B 217 14.26 10.70 -21.74
N LEU B 218 13.09 10.79 -22.37
CA LEU B 218 11.95 9.97 -22.00
C LEU B 218 12.23 8.48 -22.23
N SER B 219 12.90 8.16 -23.34
CA SER B 219 13.19 6.78 -23.68
C SER B 219 14.08 6.11 -22.65
N LYS B 220 15.10 6.82 -22.19
CA LYS B 220 16.00 6.28 -21.18
C LYS B 220 15.27 6.10 -19.86
N LEU B 221 14.46 7.10 -19.51
CA LEU B 221 13.70 7.07 -18.26
C LEU B 221 12.75 5.89 -18.22
N ALA B 222 12.06 5.64 -19.32
CA ALA B 222 11.10 4.56 -19.43
C ALA B 222 11.77 3.17 -19.46
N ALA B 223 12.90 3.08 -20.13
CA ALA B 223 13.64 1.81 -20.23
C ALA B 223 14.06 1.28 -18.86
N ASN B 224 14.62 2.16 -18.03
CA ASN B 224 15.02 1.79 -16.68
C ASN B 224 13.82 1.40 -15.82
N ALA B 225 12.68 2.04 -16.06
CA ALA B 225 11.46 1.74 -15.35
C ALA B 225 10.92 0.36 -15.72
N PHE B 226 11.02 0.01 -17.00
CA PHE B 226 10.64 -1.31 -17.49
C PHE B 226 11.52 -2.38 -16.87
N LEU B 227 12.81 -2.08 -16.77
CA LEU B 227 13.78 -3.00 -16.17
C LEU B 227 13.50 -3.24 -14.69
N ALA B 228 13.28 -2.15 -13.96
CA ALA B 228 12.99 -2.24 -12.53
C ALA B 228 11.66 -2.96 -12.29
N GLN B 229 10.73 -2.77 -13.22
CA GLN B 229 9.42 -3.39 -13.11
C GLN B 229 9.50 -4.92 -13.22
N ARG B 230 10.38 -5.40 -14.08
CA ARG B 230 10.56 -6.84 -14.26
C ARG B 230 11.01 -7.50 -12.97
N ILE B 231 11.89 -6.80 -12.25
CA ILE B 231 12.41 -7.31 -10.99
C ILE B 231 11.33 -7.33 -9.90
N SER B 232 10.57 -6.24 -9.80
CA SER B 232 9.49 -6.17 -8.83
C SER B 232 8.39 -7.20 -9.12
N SER B 233 8.15 -7.45 -10.41
CA SER B 233 7.13 -8.41 -10.82
C SER B 233 7.53 -9.82 -10.43
N ILE B 234 8.80 -10.17 -10.65
CA ILE B 234 9.26 -11.50 -10.32
C ILE B 234 9.46 -11.66 -8.82
N ASN B 235 9.73 -10.54 -8.14
CA ASN B 235 9.82 -10.54 -6.69
C ASN B 235 8.45 -10.72 -6.04
N SER B 236 7.43 -10.14 -6.67
CA SER B 236 6.06 -10.32 -6.18
C SER B 236 5.64 -11.77 -6.32
N ILE B 237 6.10 -12.42 -7.38
CA ILE B 237 5.80 -13.83 -7.62
C ILE B 237 6.56 -14.71 -6.62
N SER B 238 7.75 -14.28 -6.22
CA SER B 238 8.54 -15.01 -5.24
C SER B 238 7.81 -15.06 -3.90
N ALA B 239 7.09 -14.00 -3.58
CA ALA B 239 6.29 -13.95 -2.36
C ALA B 239 5.12 -14.93 -2.46
N LEU B 240 4.56 -15.03 -3.66
CA LEU B 240 3.45 -15.94 -3.92
C LEU B 240 3.93 -17.39 -3.85
N CYS B 241 5.17 -17.62 -4.26
CA CYS B 241 5.77 -18.95 -4.24
C CYS B 241 6.05 -19.43 -2.81
N GLU B 242 6.61 -18.55 -1.98
CA GLU B 242 6.87 -18.88 -0.59
C GLU B 242 5.56 -19.22 0.13
N ALA B 243 4.50 -18.52 -0.25
CA ALA B 243 3.20 -18.68 0.40
C ALA B 243 2.47 -19.94 -0.05
N THR B 244 2.82 -20.46 -1.22
CA THR B 244 2.09 -21.57 -1.80
C THR B 244 2.94 -22.83 -2.02
N GLY B 245 4.22 -22.76 -1.70
CA GLY B 245 5.10 -23.90 -1.86
C GLY B 245 5.51 -24.19 -3.30
N ALA B 246 5.64 -23.13 -4.10
CA ALA B 246 6.18 -23.26 -5.44
C ALA B 246 7.62 -22.73 -5.41
N ASP B 247 8.34 -22.90 -6.50
CA ASP B 247 9.71 -22.39 -6.59
C ASP B 247 9.77 -21.29 -7.63
N VAL B 248 10.27 -20.12 -7.23
CA VAL B 248 10.28 -18.95 -8.12
C VAL B 248 11.23 -19.13 -9.32
N GLU B 249 12.32 -19.86 -9.13
CA GLU B 249 13.26 -20.08 -10.22
C GLU B 249 12.66 -21.05 -11.25
N GLU B 250 11.81 -21.95 -10.78
CA GLU B 250 11.07 -22.84 -11.67
C GLU B 250 10.01 -22.06 -12.44
N VAL B 251 9.28 -21.21 -11.73
CA VAL B 251 8.27 -20.37 -12.34
C VAL B 251 8.89 -19.37 -13.34
N ALA B 252 9.97 -18.72 -12.94
CA ALA B 252 10.65 -17.75 -13.78
C ALA B 252 11.18 -18.37 -15.08
N THR B 253 11.58 -19.63 -15.01
CA THR B 253 12.05 -20.35 -16.18
C THR B 253 10.92 -20.54 -17.19
N ALA B 254 9.74 -20.92 -16.69
CA ALA B 254 8.59 -21.15 -17.56
C ALA B 254 8.11 -19.85 -18.19
N ILE B 255 8.12 -18.77 -17.40
CA ILE B 255 7.78 -17.44 -17.89
C ILE B 255 8.77 -17.00 -18.95
N GLY B 256 10.06 -17.23 -18.66
CA GLY B 256 11.13 -16.78 -19.52
C GLY B 256 11.22 -17.44 -20.87
N MET B 257 10.62 -18.62 -21.01
CA MET B 257 10.66 -19.35 -22.27
C MET B 257 9.76 -18.75 -23.34
N ASP B 258 8.81 -17.92 -22.91
CA ASP B 258 8.00 -17.14 -23.84
C ASP B 258 8.88 -16.05 -24.40
N GLN B 259 9.09 -16.06 -25.72
CA GLN B 259 9.98 -15.10 -26.36
C GLN B 259 9.41 -13.67 -26.37
N ARG B 260 8.10 -13.56 -26.11
CA ARG B 260 7.45 -12.26 -26.02
C ARG B 260 7.79 -11.59 -24.69
N ILE B 261 8.17 -12.39 -23.71
CA ILE B 261 8.55 -11.87 -22.39
C ILE B 261 10.07 -11.79 -22.23
N GLY B 262 10.76 -12.85 -22.64
CA GLY B 262 12.22 -12.90 -22.55
C GLY B 262 12.68 -13.53 -21.24
N ASN B 263 13.92 -13.99 -21.21
CA ASN B 263 14.42 -14.70 -20.03
C ASN B 263 15.37 -13.89 -19.14
N LYS B 264 15.64 -12.65 -19.54
CA LYS B 264 16.57 -11.80 -18.80
C LYS B 264 15.85 -10.99 -17.72
N PHE B 265 16.60 -10.60 -16.70
CA PHE B 265 16.08 -9.78 -15.60
C PHE B 265 14.87 -10.40 -14.89
N LEU B 266 14.89 -11.72 -14.75
CA LEU B 266 13.86 -12.45 -14.03
C LEU B 266 14.43 -13.18 -12.81
N LYS B 267 15.47 -12.61 -12.21
CA LYS B 267 16.09 -13.23 -11.05
C LYS B 267 15.62 -12.59 -9.75
N ALA B 268 14.81 -13.33 -9.00
CA ALA B 268 14.27 -12.85 -7.72
C ALA B 268 15.40 -12.55 -6.74
N SER B 269 15.27 -11.46 -6.01
CA SER B 269 16.31 -11.01 -5.11
C SER B 269 15.71 -10.35 -3.88
N VAL B 270 16.59 -9.94 -2.97
CA VAL B 270 16.19 -9.22 -1.77
C VAL B 270 15.61 -7.87 -2.16
N GLY B 271 15.96 -7.41 -3.36
CA GLY B 271 15.45 -6.16 -3.89
C GLY B 271 16.50 -5.48 -4.74
N PHE B 272 16.06 -4.71 -5.73
CA PHE B 272 17.03 -4.02 -6.59
C PHE B 272 17.63 -2.79 -5.90
N GLY B 273 18.88 -2.51 -6.25
CA GLY B 273 19.56 -1.33 -5.73
C GLY B 273 20.15 -0.52 -6.87
N GLY B 274 21.11 0.33 -6.55
CA GLY B 274 21.75 1.16 -7.55
C GLY B 274 21.28 2.60 -7.50
N SER B 275 22.11 3.48 -8.03
CA SER B 275 21.80 4.91 -8.02
C SER B 275 20.62 5.25 -8.93
N CYS B 276 20.38 4.43 -9.95
CA CYS B 276 19.46 4.82 -11.02
C CYS B 276 18.01 4.33 -10.93
N PHE B 277 17.79 3.05 -10.62
CA PHE B 277 16.45 2.46 -10.70
C PHE B 277 15.37 3.16 -9.87
N GLN B 278 15.57 3.27 -8.56
CA GLN B 278 14.58 3.93 -7.71
C GLN B 278 14.45 5.42 -8.03
N LYS B 279 15.59 6.06 -8.28
CA LYS B 279 15.63 7.47 -8.64
C LYS B 279 14.86 7.74 -9.93
N ASP B 280 15.09 6.92 -10.94
CA ASP B 280 14.39 7.07 -12.22
C ASP B 280 12.89 6.85 -12.10
N VAL B 281 12.48 5.82 -11.37
CA VAL B 281 11.07 5.51 -11.19
C VAL B 281 10.37 6.62 -10.42
N LEU B 282 11.02 7.13 -9.38
CA LEU B 282 10.47 8.22 -8.59
C LEU B 282 10.39 9.51 -9.40
N ASN B 283 11.40 9.77 -10.22
CA ASN B 283 11.37 10.93 -11.12
C ASN B 283 10.30 10.79 -12.19
N LEU B 284 10.03 9.55 -12.59
CA LEU B 284 8.94 9.27 -13.54
C LEU B 284 7.60 9.58 -12.89
N VAL B 285 7.45 9.19 -11.62
CA VAL B 285 6.24 9.43 -10.86
C VAL B 285 5.96 10.93 -10.69
N TYR B 286 7.04 11.70 -10.46
CA TYR B 286 6.92 13.14 -10.24
C TYR B 286 6.53 13.87 -11.52
N LEU B 287 7.12 13.45 -12.63
CA LEU B 287 6.79 14.02 -13.93
C LEU B 287 5.31 13.80 -14.25
N CYS B 288 4.82 12.61 -13.96
CA CYS B 288 3.43 12.25 -14.20
C CYS B 288 2.47 13.09 -13.37
N GLU B 289 2.81 13.29 -12.11
CA GLU B 289 1.99 14.12 -11.24
C GLU B 289 2.05 15.59 -11.67
N ALA B 290 3.21 16.00 -12.17
CA ALA B 290 3.41 17.35 -12.69
C ALA B 290 2.56 17.60 -13.94
N LEU B 291 2.28 16.56 -14.68
CA LEU B 291 1.52 16.63 -15.89
C LEU B 291 0.04 16.23 -15.69
N ASN B 292 -0.42 16.23 -14.46
CA ASN B 292 -1.77 15.87 -14.15
C ASN B 292 -2.16 14.44 -14.66
N LEU B 293 -1.29 13.48 -14.44
CA LEU B 293 -1.52 12.11 -14.82
C LEU B 293 -1.34 11.18 -13.62
N PRO B 294 -2.26 11.28 -12.68
CA PRO B 294 -2.13 10.59 -11.39
C PRO B 294 -2.24 9.06 -11.48
N GLU B 295 -2.97 8.54 -12.45
CA GLU B 295 -3.08 7.08 -12.60
C GLU B 295 -1.75 6.50 -13.08
N VAL B 296 -1.10 7.19 -14.00
CA VAL B 296 0.20 6.74 -14.49
C VAL B 296 1.24 6.85 -13.37
N ALA B 297 1.05 7.84 -12.48
CA ALA B 297 1.92 8.01 -11.32
C ALA B 297 1.77 6.85 -10.33
N ARG B 298 0.53 6.42 -10.10
CA ARG B 298 0.28 5.33 -9.18
C ARG B 298 0.68 3.97 -9.76
N TYR B 299 0.64 3.88 -11.08
CA TYR B 299 1.03 2.66 -11.78
C TYR B 299 2.50 2.35 -11.56
N TRP B 300 3.35 3.37 -11.73
CA TRP B 300 4.79 3.19 -11.61
C TRP B 300 5.29 3.24 -10.17
N GLN B 301 4.51 3.87 -9.30
CA GLN B 301 4.83 3.89 -7.88
C GLN B 301 4.88 2.48 -7.30
N GLN B 302 4.02 1.61 -7.82
CA GLN B 302 3.96 0.21 -7.37
C GLN B 302 5.27 -0.56 -7.53
N VAL B 303 6.09 -0.16 -8.49
CA VAL B 303 7.40 -0.76 -8.69
C VAL B 303 8.29 -0.51 -7.46
N ILE B 304 8.21 0.70 -6.92
CA ILE B 304 8.98 1.03 -5.72
C ILE B 304 8.35 0.39 -4.49
N ASP B 305 7.02 0.43 -4.41
CA ASP B 305 6.30 -0.16 -3.28
C ASP B 305 6.63 -1.64 -3.11
N MET B 306 6.64 -2.36 -4.23
CA MET B 306 6.93 -3.79 -4.22
C MET B 306 8.38 -4.06 -3.80
N ASN B 307 9.29 -3.21 -4.26
CA ASN B 307 10.71 -3.35 -3.92
C ASN B 307 10.97 -3.16 -2.42
N ASP B 308 10.36 -2.14 -1.84
CA ASP B 308 10.49 -1.87 -0.41
C ASP B 308 9.85 -3.00 0.40
N TYR B 309 8.76 -3.55 -0.13
CA TYR B 309 8.06 -4.65 0.49
C TYR B 309 8.93 -5.91 0.53
N GLN B 310 9.57 -6.20 -0.60
CA GLN B 310 10.44 -7.37 -0.72
C GLN B 310 11.56 -7.33 0.31
N ARG B 311 12.09 -6.13 0.55
CA ARG B 311 13.15 -5.92 1.54
C ARG B 311 12.66 -6.15 2.97
N ARG B 312 11.54 -5.54 3.34
CA ARG B 312 10.95 -5.72 4.66
C ARG B 312 10.57 -7.18 4.89
N ARG B 313 10.11 -7.82 3.83
CA ARG B 313 9.64 -9.20 3.89
C ARG B 313 10.82 -10.15 4.16
N PHE B 314 11.97 -9.83 3.59
CA PHE B 314 13.16 -10.63 3.74
C PHE B 314 13.74 -10.48 5.15
N ALA B 315 13.80 -9.24 5.63
CA ALA B 315 14.29 -8.96 6.98
C ALA B 315 13.39 -9.59 8.03
N SER B 316 12.08 -9.56 7.79
CA SER B 316 11.10 -10.17 8.69
C SER B 316 11.26 -11.69 8.79
N ARG B 317 11.58 -12.31 7.66
CA ARG B 317 11.79 -13.75 7.59
C ARG B 317 13.02 -14.15 8.40
N ILE B 318 14.02 -13.26 8.44
CA ILE B 318 15.24 -13.47 9.22
C ILE B 318 14.95 -13.37 10.71
N ILE B 319 14.30 -12.29 11.13
CA ILE B 319 13.95 -12.07 12.51
C ILE B 319 13.03 -13.17 13.04
N ASP B 320 12.11 -13.61 12.19
CA ASP B 320 11.13 -14.63 12.57
C ASP B 320 11.75 -16.01 12.73
N SER B 321 12.75 -16.31 11.89
CA SER B 321 13.43 -17.60 11.95
C SER B 321 14.36 -17.72 13.15
N LEU B 322 14.71 -16.57 13.73
CA LEU B 322 15.59 -16.55 14.88
C LEU B 322 14.79 -16.26 16.16
N PHE B 323 13.69 -16.98 16.33
CA PHE B 323 12.86 -16.91 17.54
C PHE B 323 12.35 -15.51 17.85
N ASN B 324 12.09 -14.72 16.79
CA ASN B 324 11.52 -13.39 16.93
C ASN B 324 12.37 -12.41 17.74
N THR B 325 13.67 -12.69 17.85
CA THR B 325 14.61 -11.78 18.49
C THR B 325 16.03 -11.99 17.97
N VAL B 326 16.71 -10.90 17.62
CA VAL B 326 18.07 -10.97 17.10
C VAL B 326 19.01 -10.08 17.90
N THR B 327 18.53 -9.60 19.04
CA THR B 327 19.32 -8.72 19.89
C THR B 327 20.54 -9.41 20.49
N ASP B 328 21.70 -8.82 20.23
CA ASP B 328 22.99 -9.34 20.67
C ASP B 328 23.35 -10.70 20.06
N LYS B 329 22.51 -11.17 19.14
CA LYS B 329 22.82 -12.33 18.32
C LYS B 329 23.71 -11.92 17.16
N LYS B 330 24.78 -12.67 16.95
CA LYS B 330 25.72 -12.36 15.88
C LYS B 330 25.19 -12.81 14.53
N ILE B 331 25.21 -11.89 13.56
CA ILE B 331 24.75 -12.18 12.21
C ILE B 331 25.81 -11.78 11.19
N ALA B 332 26.11 -12.67 10.25
CA ALA B 332 27.05 -12.38 9.19
C ALA B 332 26.31 -11.89 7.95
N ILE B 333 26.72 -10.73 7.44
CA ILE B 333 26.16 -10.19 6.21
C ILE B 333 27.16 -10.32 5.08
N LEU B 334 26.91 -11.25 4.15
CA LEU B 334 27.81 -11.45 3.03
C LEU B 334 27.36 -10.68 1.78
N GLY B 335 28.11 -9.63 1.45
CA GLY B 335 27.82 -8.82 0.29
C GLY B 335 27.17 -7.51 0.68
N PHE B 336 27.80 -6.40 0.29
CA PHE B 336 27.27 -5.09 0.61
C PHE B 336 27.03 -4.26 -0.65
N ALA B 337 27.72 -4.62 -1.73
CA ALA B 337 27.51 -3.96 -3.02
C ALA B 337 26.09 -4.19 -3.52
N PHE B 338 25.56 -3.27 -4.33
CA PHE B 338 24.18 -3.38 -4.80
C PHE B 338 24.03 -4.49 -5.85
N LYS B 339 25.15 -4.92 -6.41
CA LYS B 339 25.23 -6.06 -7.31
C LYS B 339 26.67 -6.54 -7.31
N LYS B 340 26.95 -7.68 -7.93
CA LYS B 340 28.30 -8.21 -7.94
C LYS B 340 29.20 -7.48 -8.94
N ASP B 341 30.51 -7.62 -8.74
CA ASP B 341 31.53 -7.04 -9.63
C ASP B 341 31.56 -5.51 -9.64
N THR B 342 31.20 -4.92 -8.50
CA THR B 342 31.30 -3.48 -8.31
C THR B 342 31.50 -3.18 -6.82
N GLY B 343 32.07 -2.01 -6.51
CA GLY B 343 32.25 -1.58 -5.13
C GLY B 343 31.20 -0.56 -4.75
N ASP B 344 30.29 -0.31 -5.68
CA ASP B 344 29.21 0.66 -5.49
C ASP B 344 28.19 0.12 -4.49
N THR B 345 27.75 0.97 -3.56
CA THR B 345 26.79 0.56 -2.54
C THR B 345 25.50 1.37 -2.57
N ARG B 346 25.39 2.30 -3.52
CA ARG B 346 24.24 3.21 -3.57
C ARG B 346 22.91 2.47 -3.68
N GLU B 347 22.03 2.73 -2.71
CA GLU B 347 20.70 2.10 -2.63
C GLU B 347 20.74 0.58 -2.54
N SER B 348 21.88 0.03 -2.13
CA SER B 348 22.02 -1.41 -1.99
C SER B 348 21.03 -1.94 -0.97
N SER B 349 20.41 -3.08 -1.29
CA SER B 349 19.49 -3.72 -0.39
C SER B 349 20.20 -4.19 0.88
N SER B 350 21.51 -4.34 0.79
CA SER B 350 22.33 -4.71 1.95
C SER B 350 22.24 -3.65 3.03
N ILE B 351 22.18 -2.39 2.63
CA ILE B 351 22.06 -1.27 3.57
C ILE B 351 20.79 -1.40 4.39
N TYR B 352 19.67 -1.64 3.73
CA TYR B 352 18.37 -1.69 4.38
C TYR B 352 18.20 -2.92 5.28
N ILE B 353 18.63 -4.08 4.79
CA ILE B 353 18.56 -5.30 5.58
C ILE B 353 19.44 -5.17 6.82
N SER B 354 20.62 -4.59 6.65
CA SER B 354 21.54 -4.35 7.76
C SER B 354 20.89 -3.42 8.78
N LYS B 355 20.33 -2.31 8.31
CA LYS B 355 19.72 -1.33 9.21
C LYS B 355 18.49 -1.90 9.92
N TYR B 356 17.73 -2.76 9.22
CA TYR B 356 16.55 -3.38 9.82
C TYR B 356 16.95 -4.30 10.99
N LEU B 357 18.07 -4.99 10.83
CA LEU B 357 18.55 -5.90 11.87
C LEU B 357 19.22 -5.15 13.02
N MET B 358 19.95 -4.08 12.72
CA MET B 358 20.56 -3.24 13.74
C MET B 358 19.50 -2.62 14.64
N ASP B 359 18.37 -2.26 14.04
CA ASP B 359 17.27 -1.65 14.79
C ASP B 359 16.62 -2.66 15.73
N GLU B 360 16.89 -3.95 15.50
CA GLU B 360 16.41 -5.01 16.38
C GLU B 360 17.53 -5.45 17.33
N GLY B 361 18.66 -4.75 17.26
CA GLY B 361 19.75 -4.97 18.20
C GLY B 361 20.74 -6.06 17.84
N ALA B 362 20.77 -6.46 16.56
CA ALA B 362 21.68 -7.51 16.12
C ALA B 362 23.11 -7.01 16.02
N HIS B 363 24.06 -7.92 16.23
CA HIS B 363 25.47 -7.62 16.05
C HIS B 363 25.90 -8.12 14.66
N LEU B 364 26.21 -7.18 13.77
CA LEU B 364 26.51 -7.52 12.39
C LEU B 364 28.00 -7.64 12.12
N HIS B 365 28.35 -8.67 11.36
CA HIS B 365 29.69 -8.80 10.80
C HIS B 365 29.59 -8.77 9.28
N ILE B 366 30.08 -7.70 8.68
CA ILE B 366 29.87 -7.47 7.25
C ILE B 366 31.14 -7.73 6.44
N TYR B 367 31.00 -8.55 5.41
CA TYR B 367 32.08 -8.76 4.45
C TYR B 367 31.65 -8.49 3.02
N ASP B 368 32.45 -7.70 2.30
CA ASP B 368 32.30 -7.54 0.86
C ASP B 368 33.69 -7.48 0.24
N PRO B 369 33.90 -8.25 -0.83
CA PRO B 369 35.21 -8.37 -1.47
C PRO B 369 35.75 -7.08 -2.11
N LYS B 370 34.87 -6.16 -2.51
CA LYS B 370 35.33 -4.96 -3.21
C LYS B 370 34.84 -3.65 -2.59
N VAL B 371 33.87 -3.72 -1.69
CA VAL B 371 33.39 -2.52 -1.03
C VAL B 371 34.32 -2.08 0.10
N PRO B 372 34.85 -0.85 0.00
CA PRO B 372 35.77 -0.30 1.00
C PRO B 372 35.13 -0.20 2.38
N ARG B 373 35.92 -0.46 3.42
CA ARG B 373 35.43 -0.49 4.79
C ARG B 373 34.71 0.79 5.22
N GLU B 374 35.31 1.95 4.93
CA GLU B 374 34.77 3.23 5.38
C GLU B 374 33.43 3.59 4.72
N GLN B 375 33.20 3.08 3.52
CA GLN B 375 31.95 3.31 2.82
C GLN B 375 30.79 2.62 3.54
N ILE B 376 31.05 1.41 4.03
CA ILE B 376 30.07 0.65 4.79
C ILE B 376 29.69 1.37 6.08
N VAL B 377 30.70 1.88 6.77
CA VAL B 377 30.50 2.64 8.00
C VAL B 377 29.63 3.87 7.74
N VAL B 378 29.95 4.61 6.68
CA VAL B 378 29.20 5.81 6.30
C VAL B 378 27.73 5.46 6.02
N ASP B 379 27.52 4.37 5.29
CA ASP B 379 26.18 3.95 4.87
C ASP B 379 25.22 3.66 6.03
N LEU B 380 25.77 3.26 7.17
CA LEU B 380 24.95 2.79 8.28
C LEU B 380 24.79 3.79 9.42
N SER B 381 25.27 5.01 9.21
CA SER B 381 25.18 6.05 10.22
C SER B 381 24.08 7.07 9.89
N ASP B 389 27.98 5.71 18.28
CA ASP B 389 26.55 5.64 17.98
C ASP B 389 26.08 4.20 17.80
N GLN B 390 25.18 3.99 16.85
CA GLN B 390 24.63 2.67 16.55
C GLN B 390 25.65 1.77 15.87
N VAL B 391 26.41 2.35 14.94
CA VAL B 391 27.43 1.61 14.19
C VAL B 391 28.55 1.14 15.10
N SER B 392 28.93 1.98 16.05
CA SER B 392 30.03 1.68 16.97
C SER B 392 29.78 0.41 17.79
N ARG B 393 28.53 0.19 18.14
CA ARG B 393 28.17 -0.90 19.05
C ARG B 393 27.80 -2.20 18.32
N LEU B 394 27.21 -2.07 17.15
CA LEU B 394 26.59 -3.22 16.48
C LEU B 394 27.37 -3.76 15.27
N VAL B 395 28.08 -2.88 14.57
CA VAL B 395 28.68 -3.24 13.29
C VAL B 395 30.18 -3.56 13.37
N THR B 396 30.54 -4.71 12.79
CA THR B 396 31.94 -5.10 12.61
C THR B 396 32.20 -5.41 11.14
N ILE B 397 33.26 -4.85 10.58
CA ILE B 397 33.59 -5.10 9.19
C ILE B 397 34.78 -6.05 9.04
N SER B 398 34.50 -7.25 8.56
CA SER B 398 35.49 -8.31 8.51
C SER B 398 36.33 -8.27 7.24
N LYS B 399 37.56 -8.78 7.34
CA LYS B 399 38.48 -8.81 6.22
C LYS B 399 38.20 -9.96 5.25
N ASP B 400 37.61 -11.04 5.79
CA ASP B 400 37.32 -12.22 4.98
C ASP B 400 36.01 -12.86 5.44
N PRO B 401 35.36 -13.66 4.57
CA PRO B 401 34.05 -14.21 4.90
C PRO B 401 34.03 -15.16 6.10
N TYR B 402 35.12 -15.86 6.35
CA TYR B 402 35.17 -16.83 7.45
C TYR B 402 35.28 -16.13 8.80
N GLU B 403 35.89 -14.95 8.79
CA GLU B 403 36.00 -14.10 9.97
C GLU B 403 34.62 -13.58 10.38
N ALA B 404 33.76 -13.37 9.38
CA ALA B 404 32.43 -12.84 9.60
C ALA B 404 31.47 -13.90 10.14
N CYS B 405 31.62 -15.14 9.68
CA CYS B 405 30.72 -16.22 10.09
C CYS B 405 31.20 -16.92 11.36
N ASP B 406 32.38 -16.53 11.84
CA ASP B 406 32.95 -17.13 13.04
C ASP B 406 32.16 -16.72 14.27
N GLY B 407 31.30 -17.62 14.74
CA GLY B 407 30.52 -17.38 15.94
C GLY B 407 29.17 -16.73 15.67
N ALA B 408 28.69 -16.88 14.44
CA ALA B 408 27.43 -16.29 14.03
C ALA B 408 26.31 -17.30 14.14
N HIS B 409 25.10 -16.82 14.45
CA HIS B 409 23.92 -17.67 14.48
C HIS B 409 23.39 -17.86 13.05
N ALA B 410 23.58 -16.83 12.23
CA ALA B 410 23.02 -16.83 10.89
C ALA B 410 23.90 -16.09 9.89
N VAL B 411 23.87 -16.56 8.64
CA VAL B 411 24.58 -15.91 7.55
C VAL B 411 23.59 -15.41 6.50
N VAL B 412 23.69 -14.13 6.15
CA VAL B 412 22.77 -13.53 5.19
C VAL B 412 23.49 -13.11 3.91
N ILE B 413 23.09 -13.70 2.78
CA ILE B 413 23.71 -13.37 1.50
C ILE B 413 22.89 -12.34 0.73
N CYS B 414 23.43 -11.15 0.57
CA CYS B 414 22.70 -10.04 -0.03
C CYS B 414 23.20 -9.66 -1.43
N THR B 415 24.45 -10.02 -1.73
CA THR B 415 25.04 -9.73 -3.03
C THR B 415 25.52 -11.02 -3.67
N GLU B 416 25.29 -11.15 -4.98
CA GLU B 416 25.49 -12.42 -5.69
C GLU B 416 26.94 -12.68 -6.13
N TRP B 417 27.89 -12.24 -5.32
CA TRP B 417 29.31 -12.50 -5.57
C TRP B 417 29.57 -13.98 -5.82
N ASP B 418 30.38 -14.28 -6.82
CA ASP B 418 30.60 -15.65 -7.26
C ASP B 418 31.38 -16.45 -6.23
N MET B 419 32.21 -15.78 -5.45
CA MET B 419 33.05 -16.45 -4.46
C MET B 419 32.23 -17.13 -3.37
N PHE B 420 31.02 -16.64 -3.15
CA PHE B 420 30.18 -17.12 -2.07
C PHE B 420 29.75 -18.56 -2.26
N LYS B 421 29.61 -18.99 -3.51
CA LYS B 421 29.16 -20.35 -3.79
C LYS B 421 30.32 -21.34 -3.73
N GLU B 422 31.53 -20.82 -3.61
CA GLU B 422 32.73 -21.66 -3.61
C GLU B 422 33.44 -21.68 -2.26
N LEU B 423 32.76 -21.20 -1.23
CA LEU B 423 33.33 -21.17 0.12
C LEU B 423 33.30 -22.56 0.76
N ASP B 424 34.20 -22.77 1.72
CA ASP B 424 34.24 -24.01 2.49
C ASP B 424 33.12 -23.96 3.51
N TYR B 425 32.01 -24.63 3.22
CA TYR B 425 30.84 -24.57 4.08
C TYR B 425 30.89 -25.52 5.28
N GLU B 426 31.70 -26.56 5.16
CA GLU B 426 31.95 -27.44 6.29
C GLU B 426 32.73 -26.68 7.35
N ARG B 427 33.69 -25.88 6.88
CA ARG B 427 34.49 -25.04 7.76
C ARG B 427 33.65 -23.97 8.45
N ILE B 428 32.73 -23.37 7.70
CA ILE B 428 31.87 -22.32 8.24
C ILE B 428 30.92 -22.85 9.32
N HIS B 429 30.27 -23.97 9.02
CA HIS B 429 29.38 -24.61 9.97
C HIS B 429 30.11 -24.97 11.26
N LYS B 430 31.37 -25.34 11.12
CA LYS B 430 32.22 -25.71 12.24
C LYS B 430 32.29 -24.59 13.26
N LYS B 431 32.73 -23.41 12.83
CA LYS B 431 32.90 -22.26 13.74
C LYS B 431 31.64 -21.41 13.91
N MET B 432 30.49 -21.91 13.46
CA MET B 432 29.23 -21.19 13.64
C MET B 432 28.48 -21.66 14.87
N LEU B 433 27.87 -20.71 15.58
CA LEU B 433 26.99 -21.06 16.69
C LEU B 433 25.82 -21.85 16.14
N LYS B 434 25.38 -22.84 16.88
CA LYS B 434 24.36 -23.75 16.39
C LYS B 434 23.09 -23.66 17.23
N PRO B 435 21.91 -23.70 16.58
CA PRO B 435 21.66 -23.96 15.15
C PRO B 435 22.13 -22.85 14.19
N ALA B 436 22.70 -23.26 13.07
CA ALA B 436 23.26 -22.33 12.09
C ALA B 436 22.29 -22.13 10.93
N PHE B 437 21.94 -20.88 10.67
CA PHE B 437 21.00 -20.55 9.59
C PHE B 437 21.70 -19.91 8.40
N ILE B 438 21.17 -20.15 7.21
CA ILE B 438 21.61 -19.47 6.01
C ILE B 438 20.43 -18.83 5.29
N PHE B 439 20.48 -17.50 5.12
CA PHE B 439 19.45 -16.79 4.41
C PHE B 439 19.98 -16.31 3.06
N ASP B 440 19.57 -17.01 2.00
CA ASP B 440 20.07 -16.74 0.66
C ASP B 440 19.12 -15.83 -0.11
N GLY B 441 19.45 -14.54 -0.18
CA GLY B 441 18.60 -13.56 -0.83
C GLY B 441 18.95 -13.26 -2.28
N ARG B 442 19.75 -14.13 -2.89
CA ARG B 442 20.19 -13.94 -4.26
C ARG B 442 20.15 -15.23 -5.06
N ARG B 443 19.73 -16.32 -4.41
CA ARG B 443 19.65 -17.64 -5.04
C ARG B 443 21.01 -18.12 -5.55
N VAL B 444 22.06 -17.81 -4.82
CA VAL B 444 23.42 -18.19 -5.24
C VAL B 444 23.81 -19.57 -4.73
N LEU B 445 23.12 -20.05 -3.70
CA LEU B 445 23.43 -21.35 -3.11
C LEU B 445 22.56 -22.45 -3.68
N ASP B 446 21.96 -22.20 -4.83
CA ASP B 446 21.16 -23.20 -5.51
C ASP B 446 22.05 -24.34 -6.01
N GLY B 447 21.60 -25.57 -5.80
CA GLY B 447 22.38 -26.74 -6.18
C GLY B 447 23.26 -27.23 -5.05
N LEU B 448 23.32 -26.43 -3.97
CA LEU B 448 24.14 -26.77 -2.81
C LEU B 448 23.26 -27.14 -1.63
N HIS B 449 21.94 -27.09 -1.83
CA HIS B 449 20.97 -27.31 -0.75
C HIS B 449 21.12 -28.66 -0.07
N ASN B 450 21.38 -29.70 -0.86
CA ASN B 450 21.59 -31.04 -0.33
C ASN B 450 22.85 -31.09 0.52
N GLU B 451 23.94 -30.58 -0.03
CA GLU B 451 25.21 -30.53 0.66
C GLU B 451 25.10 -29.72 1.96
N LEU B 452 24.46 -28.57 1.88
CA LEU B 452 24.36 -27.67 3.02
C LEU B 452 23.45 -28.20 4.13
N GLN B 453 22.41 -28.94 3.75
CA GLN B 453 21.51 -29.52 4.74
C GLN B 453 22.18 -30.66 5.50
N THR B 454 22.88 -31.53 4.76
CA THR B 454 23.58 -32.65 5.38
C THR B 454 24.73 -32.19 6.27
N ILE B 455 25.33 -31.05 5.92
CA ILE B 455 26.37 -30.45 6.76
C ILE B 455 25.78 -30.02 8.11
N GLY B 456 24.57 -29.47 8.08
CA GLY B 456 23.88 -29.10 9.30
C GLY B 456 23.25 -27.72 9.28
N PHE B 457 23.16 -27.12 8.09
CA PHE B 457 22.57 -25.79 7.95
C PHE B 457 21.06 -25.86 7.80
N GLN B 458 20.38 -24.85 8.32
CA GLN B 458 18.98 -24.61 7.98
C GLN B 458 18.93 -23.46 6.98
N ILE B 459 18.68 -23.81 5.72
CA ILE B 459 18.73 -22.84 4.63
C ILE B 459 17.38 -22.21 4.34
N GLU B 460 17.34 -20.88 4.36
CA GLU B 460 16.16 -20.14 3.94
C GLU B 460 16.50 -19.40 2.66
N THR B 461 15.66 -19.56 1.63
CA THR B 461 15.93 -18.92 0.35
C THR B 461 14.69 -18.19 -0.19
N ILE B 462 14.94 -17.07 -0.87
CA ILE B 462 13.86 -16.25 -1.44
C ILE B 462 13.09 -17.01 -2.52
N GLY B 463 11.76 -16.97 -2.43
CA GLY B 463 10.91 -17.58 -3.44
C GLY B 463 10.74 -19.08 -3.27
N LYS B 464 10.92 -19.56 -2.04
CA LYS B 464 10.84 -20.99 -1.76
C LYS B 464 10.46 -21.20 -0.29
N LYS B 465 9.45 -22.04 -0.06
CA LYS B 465 8.91 -22.23 1.29
C LYS B 465 9.96 -22.77 2.25
N PHE C 2 2.84 -46.20 -20.33
CA PHE C 2 1.51 -45.97 -20.89
C PHE C 2 1.55 -45.33 -22.28
N GLU C 3 0.60 -45.72 -23.13
CA GLU C 3 0.46 -45.15 -24.47
C GLU C 3 -0.94 -44.57 -24.70
N ILE C 4 -0.99 -43.35 -25.21
CA ILE C 4 -2.27 -42.69 -25.51
C ILE C 4 -2.67 -42.92 -26.97
N LYS C 5 -3.85 -43.52 -27.16
CA LYS C 5 -4.31 -43.87 -28.50
C LYS C 5 -5.62 -43.16 -28.90
N LYS C 6 -6.39 -42.75 -27.89
CA LYS C 6 -7.64 -42.02 -28.14
C LYS C 6 -7.75 -40.82 -27.20
N ILE C 7 -8.06 -39.66 -27.77
CA ILE C 7 -8.19 -38.43 -27.00
C ILE C 7 -9.56 -37.79 -27.16
N CYS C 8 -10.22 -37.53 -26.03
CA CYS C 8 -11.46 -36.79 -26.03
C CYS C 8 -11.24 -35.39 -25.47
N CYS C 9 -11.83 -34.39 -26.12
CA CYS C 9 -11.75 -33.02 -25.64
C CYS C 9 -13.12 -32.44 -25.36
N ILE C 10 -13.39 -32.19 -24.09
CA ILE C 10 -14.65 -31.55 -23.69
C ILE C 10 -14.51 -30.04 -23.83
N GLY C 11 -15.04 -29.51 -24.94
CA GLY C 11 -14.93 -28.09 -25.26
C GLY C 11 -14.50 -27.90 -26.69
N ALA C 12 -15.40 -27.40 -27.53
CA ALA C 12 -15.10 -27.14 -28.93
C ALA C 12 -14.96 -25.65 -29.21
N GLY C 13 -14.14 -24.98 -28.40
CA GLY C 13 -13.99 -23.53 -28.50
C GLY C 13 -12.72 -23.07 -29.20
N TYR C 14 -12.24 -21.90 -28.81
CA TYR C 14 -11.04 -21.31 -29.40
C TYR C 14 -9.78 -22.05 -28.99
N VAL C 15 -9.83 -22.73 -27.85
CA VAL C 15 -8.70 -23.52 -27.37
C VAL C 15 -8.88 -24.98 -27.74
N GLY C 16 -10.04 -25.54 -27.42
CA GLY C 16 -10.32 -26.94 -27.67
C GLY C 16 -10.22 -27.34 -29.13
N GLY C 17 -10.92 -26.60 -30.00
CA GLY C 17 -10.94 -26.89 -31.42
C GLY C 17 -9.60 -26.96 -32.14
N PRO C 18 -8.87 -25.83 -32.22
CA PRO C 18 -7.58 -25.76 -32.89
C PRO C 18 -6.52 -26.70 -32.32
N THR C 19 -6.48 -26.84 -30.99
CA THR C 19 -5.49 -27.69 -30.35
C THR C 19 -5.58 -29.13 -30.81
N CYS C 20 -6.81 -29.67 -30.82
CA CYS C 20 -7.04 -31.06 -31.21
C CYS C 20 -6.84 -31.28 -32.70
N SER C 21 -7.14 -30.26 -33.50
CA SER C 21 -6.94 -30.34 -34.93
C SER C 21 -5.46 -30.48 -35.28
N VAL C 22 -4.61 -29.78 -34.53
CA VAL C 22 -3.16 -29.86 -34.72
C VAL C 22 -2.61 -31.18 -34.20
N ILE C 23 -3.15 -31.64 -33.07
CA ILE C 23 -2.76 -32.94 -32.51
C ILE C 23 -3.09 -34.08 -33.47
N ALA C 24 -4.31 -34.07 -34.01
CA ALA C 24 -4.72 -35.09 -34.97
C ALA C 24 -3.86 -35.02 -36.23
N HIS C 25 -3.48 -33.79 -36.58
CA HIS C 25 -2.67 -33.54 -37.77
C HIS C 25 -1.25 -34.08 -37.60
N MET C 26 -0.69 -33.94 -36.40
CA MET C 26 0.69 -34.34 -36.14
C MET C 26 0.80 -35.79 -35.68
N CYS C 27 -0.30 -36.33 -35.15
CA CYS C 27 -0.32 -37.71 -34.67
C CYS C 27 -1.41 -38.50 -35.38
N PRO C 28 -1.12 -38.96 -36.60
CA PRO C 28 -2.08 -39.68 -37.44
C PRO C 28 -2.54 -40.98 -36.78
N GLU C 29 -1.73 -41.52 -35.87
CA GLU C 29 -2.05 -42.77 -35.20
C GLU C 29 -3.02 -42.56 -34.04
N ILE C 30 -3.28 -41.31 -33.69
CA ILE C 30 -4.15 -41.00 -32.57
C ILE C 30 -5.53 -40.52 -33.02
N ARG C 31 -6.57 -41.16 -32.50
CA ARG C 31 -7.94 -40.78 -32.79
C ARG C 31 -8.40 -39.66 -31.84
N VAL C 32 -8.69 -38.50 -32.40
CA VAL C 32 -9.05 -37.33 -31.59
C VAL C 32 -10.51 -36.93 -31.78
N THR C 33 -11.28 -36.98 -30.71
CA THR C 33 -12.70 -36.68 -30.77
C THR C 33 -13.05 -35.43 -29.96
N VAL C 34 -13.42 -34.37 -30.64
CA VAL C 34 -13.85 -33.13 -29.98
C VAL C 34 -15.36 -33.13 -29.77
N VAL C 35 -15.77 -33.01 -28.52
CA VAL C 35 -17.19 -33.09 -28.19
C VAL C 35 -17.73 -31.82 -27.52
N ASP C 36 -19.00 -31.52 -27.78
CA ASP C 36 -19.63 -30.34 -27.20
C ASP C 36 -21.14 -30.54 -27.04
N VAL C 37 -21.70 -29.93 -26.00
CA VAL C 37 -23.14 -30.00 -25.75
C VAL C 37 -23.87 -29.16 -26.80
N ASN C 38 -23.18 -28.16 -27.32
CA ASN C 38 -23.74 -27.30 -28.36
C ASN C 38 -23.72 -27.99 -29.71
N GLU C 39 -24.88 -28.44 -30.17
CA GLU C 39 -24.99 -29.14 -31.44
C GLU C 39 -24.73 -28.20 -32.61
N SER C 40 -25.19 -26.96 -32.48
CA SER C 40 -25.00 -25.95 -33.51
C SER C 40 -23.52 -25.72 -33.80
N ARG C 41 -22.71 -25.71 -32.74
CA ARG C 41 -21.28 -25.53 -32.89
C ARG C 41 -20.63 -26.76 -33.50
N ILE C 42 -21.00 -27.93 -33.01
CA ILE C 42 -20.45 -29.20 -33.51
C ILE C 42 -20.74 -29.40 -35.00
N ASN C 43 -21.96 -29.05 -35.41
CA ASN C 43 -22.33 -29.12 -36.82
C ASN C 43 -21.47 -28.18 -37.67
N ALA C 44 -21.19 -26.99 -37.12
CA ALA C 44 -20.39 -26.00 -37.81
C ALA C 44 -18.95 -26.45 -38.00
N TRP C 45 -18.48 -27.31 -37.10
CA TRP C 45 -17.14 -27.89 -37.20
C TRP C 45 -17.06 -28.89 -38.36
N ASN C 46 -18.13 -29.64 -38.57
CA ASN C 46 -18.20 -30.58 -39.68
C ASN C 46 -18.69 -29.90 -40.96
N SER C 47 -18.99 -28.61 -40.85
CA SER C 47 -19.46 -27.81 -41.98
C SER C 47 -18.26 -27.19 -42.71
N PRO C 48 -18.49 -26.66 -43.92
CA PRO C 48 -17.41 -25.96 -44.62
C PRO C 48 -17.17 -24.56 -44.06
N THR C 49 -18.01 -24.11 -43.15
CA THR C 49 -17.82 -22.81 -42.51
C THR C 49 -17.65 -22.99 -41.00
N LEU C 50 -16.39 -23.13 -40.58
CA LEU C 50 -16.06 -23.37 -39.17
C LEU C 50 -16.61 -22.27 -38.26
N PRO C 51 -17.01 -22.66 -37.04
CA PRO C 51 -17.67 -21.72 -36.11
C PRO C 51 -16.75 -20.61 -35.60
N ILE C 52 -15.44 -20.75 -35.82
CA ILE C 52 -14.50 -19.71 -35.43
C ILE C 52 -13.57 -19.34 -36.59
N TYR C 53 -13.19 -18.08 -36.67
CA TYR C 53 -12.19 -17.68 -37.65
C TYR C 53 -10.79 -17.76 -37.06
N GLU C 54 -9.96 -18.58 -37.69
CA GLU C 54 -8.60 -18.78 -37.27
C GLU C 54 -7.80 -19.10 -38.53
N PRO C 55 -6.82 -18.26 -38.86
CA PRO C 55 -6.00 -18.44 -40.06
C PRO C 55 -5.36 -19.81 -40.17
N GLY C 56 -5.73 -20.57 -41.20
CA GLY C 56 -5.14 -21.86 -41.48
C GLY C 56 -5.79 -23.02 -40.77
N LEU C 57 -6.88 -22.74 -40.05
CA LEU C 57 -7.56 -23.78 -39.27
C LEU C 57 -8.33 -24.76 -40.14
N LYS C 58 -9.06 -24.23 -41.12
CA LYS C 58 -9.88 -25.06 -41.99
C LYS C 58 -9.05 -26.06 -42.77
N GLU C 59 -7.89 -25.61 -43.24
CA GLU C 59 -6.94 -26.48 -43.93
C GLU C 59 -6.47 -27.60 -43.03
N VAL C 60 -6.13 -27.26 -41.78
CA VAL C 60 -5.68 -28.24 -40.81
C VAL C 60 -6.82 -29.19 -40.42
N VAL C 61 -7.99 -28.63 -40.18
CA VAL C 61 -9.16 -29.42 -39.82
C VAL C 61 -9.51 -30.41 -40.94
N GLU C 62 -9.61 -29.91 -42.16
CA GLU C 62 -9.98 -30.73 -43.30
C GLU C 62 -8.93 -31.78 -43.69
N SER C 63 -7.69 -31.54 -43.30
CA SER C 63 -6.64 -32.52 -43.52
C SER C 63 -6.85 -33.81 -42.73
N CYS C 64 -7.24 -33.69 -41.46
CA CYS C 64 -7.39 -34.86 -40.60
C CYS C 64 -8.81 -35.23 -40.18
N ARG C 65 -9.80 -34.44 -40.60
CA ARG C 65 -11.19 -34.69 -40.21
C ARG C 65 -11.74 -35.99 -40.79
N GLY C 66 -12.55 -36.70 -40.02
CA GLY C 66 -13.17 -37.92 -40.53
C GLY C 66 -12.18 -39.06 -40.64
N LYS C 67 -10.90 -38.76 -40.45
CA LYS C 67 -9.84 -39.76 -40.46
C LYS C 67 -9.42 -40.11 -39.04
N ASN C 68 -8.85 -39.14 -38.34
CA ASN C 68 -8.54 -39.29 -36.92
C ASN C 68 -9.07 -38.13 -36.08
N LEU C 69 -9.62 -37.12 -36.75
CA LEU C 69 -10.23 -35.97 -36.07
C LEU C 69 -11.74 -35.99 -36.23
N PHE C 70 -12.46 -35.98 -35.10
CA PHE C 70 -13.92 -36.06 -35.13
C PHE C 70 -14.58 -35.03 -34.23
N PHE C 71 -15.65 -34.43 -34.72
CA PHE C 71 -16.46 -33.52 -33.92
C PHE C 71 -17.83 -34.13 -33.69
N SER C 72 -18.18 -34.35 -32.43
CA SER C 72 -19.42 -35.03 -32.08
C SER C 72 -20.11 -34.35 -30.90
N THR C 73 -21.39 -34.64 -30.72
CA THR C 73 -22.13 -34.18 -29.55
C THR C 73 -22.29 -35.34 -28.57
N ASN C 74 -21.94 -36.54 -29.02
CA ASN C 74 -21.97 -37.72 -28.17
C ASN C 74 -20.80 -37.68 -27.19
N ILE C 75 -21.02 -37.03 -26.05
CA ILE C 75 -19.96 -36.78 -25.08
C ILE C 75 -19.60 -38.01 -24.26
N ASP C 76 -20.61 -38.70 -23.75
CA ASP C 76 -20.42 -39.84 -22.87
C ASP C 76 -19.65 -40.99 -23.53
N ASP C 77 -19.85 -41.14 -24.84
CA ASP C 77 -19.19 -42.20 -25.59
C ASP C 77 -17.70 -41.88 -25.80
N ALA C 78 -17.42 -40.65 -26.17
CA ALA C 78 -16.04 -40.22 -26.40
C ALA C 78 -15.23 -40.25 -25.10
N ILE C 79 -15.88 -39.93 -23.99
CA ILE C 79 -15.22 -40.01 -22.68
C ILE C 79 -14.88 -41.47 -22.34
N LYS C 80 -15.84 -42.36 -22.55
CA LYS C 80 -15.66 -43.77 -22.25
C LYS C 80 -14.58 -44.38 -23.14
N GLU C 81 -14.52 -43.92 -24.38
CA GLU C 81 -13.57 -44.45 -25.36
C GLU C 81 -12.14 -43.95 -25.18
N ALA C 82 -11.97 -42.82 -24.50
CA ALA C 82 -10.69 -42.11 -24.49
C ALA C 82 -9.71 -42.54 -23.40
N ASP C 83 -8.42 -42.38 -23.70
CA ASP C 83 -7.35 -42.63 -22.75
C ASP C 83 -6.95 -41.33 -22.05
N LEU C 84 -7.13 -40.23 -22.77
CA LEU C 84 -6.89 -38.91 -22.20
C LEU C 84 -8.07 -37.97 -22.47
N VAL C 85 -8.58 -37.35 -21.41
CA VAL C 85 -9.69 -36.41 -21.54
C VAL C 85 -9.21 -34.97 -21.29
N PHE C 86 -9.41 -34.11 -22.29
CA PHE C 86 -9.07 -32.70 -22.17
C PHE C 86 -10.24 -31.90 -21.63
N ILE C 87 -9.95 -30.92 -20.79
CA ILE C 87 -10.97 -29.97 -20.35
C ILE C 87 -10.51 -28.56 -20.68
N SER C 88 -11.25 -27.89 -21.55
CA SER C 88 -10.86 -26.58 -22.06
C SER C 88 -11.60 -25.44 -21.37
N ALA C 111 -17.74 -30.08 -11.61
CA ALA C 111 -19.06 -30.30 -12.18
C ALA C 111 -18.96 -31.06 -13.49
N CYS C 112 -17.86 -30.84 -14.20
CA CYS C 112 -17.61 -31.53 -15.46
C CYS C 112 -16.85 -32.81 -15.15
N ALA C 113 -16.28 -32.86 -13.94
CA ALA C 113 -15.57 -34.04 -13.48
C ALA C 113 -16.56 -35.12 -13.11
N ARG C 114 -17.80 -34.70 -12.83
CA ARG C 114 -18.86 -35.63 -12.49
C ARG C 114 -19.26 -36.47 -13.69
N ARG C 115 -19.42 -35.82 -14.84
CA ARG C 115 -19.80 -36.51 -16.07
C ARG C 115 -18.68 -37.45 -16.56
N ILE C 116 -17.44 -37.12 -16.22
CA ILE C 116 -16.31 -37.97 -16.55
C ILE C 116 -16.36 -39.28 -15.76
N VAL C 117 -16.57 -39.17 -14.45
CA VAL C 117 -16.69 -40.33 -13.59
C VAL C 117 -17.80 -41.28 -14.03
N GLN C 118 -18.97 -40.73 -14.35
CA GLN C 118 -20.14 -41.53 -14.73
C GLN C 118 -19.90 -42.33 -16.00
N ASN C 119 -18.93 -41.92 -16.81
CA ASN C 119 -18.66 -42.60 -18.07
C ASN C 119 -17.24 -43.12 -18.22
N SER C 120 -16.53 -43.29 -17.11
CA SER C 120 -15.16 -43.77 -17.17
C SER C 120 -14.91 -45.02 -16.33
N ASN C 121 -14.10 -45.92 -16.86
CA ASN C 121 -13.67 -47.11 -16.15
C ASN C 121 -12.18 -47.38 -16.39
N GLY C 122 -11.48 -47.81 -15.35
CA GLY C 122 -10.07 -48.14 -15.46
C GLY C 122 -9.17 -46.93 -15.42
N TYR C 123 -8.13 -46.95 -16.24
CA TYR C 123 -7.13 -45.88 -16.26
C TYR C 123 -7.40 -44.86 -17.35
N LYS C 124 -7.60 -43.61 -16.96
CA LYS C 124 -7.74 -42.51 -17.89
C LYS C 124 -7.01 -41.28 -17.34
N ILE C 125 -6.49 -40.45 -18.23
CA ILE C 125 -5.80 -39.22 -17.83
C ILE C 125 -6.68 -38.01 -18.09
N VAL C 126 -6.94 -37.21 -17.05
CA VAL C 126 -7.76 -36.02 -17.19
C VAL C 126 -6.90 -34.77 -17.10
N THR C 127 -6.89 -33.98 -18.18
CA THR C 127 -5.97 -32.86 -18.29
C THR C 127 -6.67 -31.50 -18.41
N GLU C 128 -6.34 -30.60 -17.49
CA GLU C 128 -6.91 -29.26 -17.51
C GLU C 128 -6.10 -28.31 -18.38
N LYS C 129 -6.77 -27.66 -19.34
CA LYS C 129 -6.11 -26.68 -20.20
C LYS C 129 -6.45 -25.24 -19.86
N SER C 130 -7.54 -25.02 -19.12
CA SER C 130 -7.98 -23.66 -18.85
C SER C 130 -7.20 -22.99 -17.71
N THR C 131 -6.92 -21.70 -17.88
CA THR C 131 -6.09 -20.93 -16.97
C THR C 131 -6.74 -20.66 -15.61
N VAL C 132 -8.01 -20.26 -15.62
CA VAL C 132 -8.76 -20.07 -14.39
C VAL C 132 -10.05 -20.88 -14.44
N PRO C 133 -10.59 -21.29 -13.27
CA PRO C 133 -10.19 -21.01 -11.88
C PRO C 133 -8.77 -21.45 -11.54
N VAL C 134 -8.15 -20.71 -10.63
CA VAL C 134 -6.73 -20.87 -10.31
C VAL C 134 -6.36 -22.31 -9.93
N ARG C 135 -7.10 -22.90 -8.99
CA ARG C 135 -6.84 -24.26 -8.59
C ARG C 135 -7.90 -25.18 -9.17
N ALA C 136 -7.97 -25.21 -10.50
CA ALA C 136 -8.97 -26.01 -11.20
C ALA C 136 -8.64 -27.49 -11.12
N ALA C 137 -7.39 -27.84 -11.44
CA ALA C 137 -6.94 -29.23 -11.40
C ALA C 137 -6.97 -29.80 -9.99
N GLU C 138 -6.84 -28.93 -8.99
CA GLU C 138 -6.87 -29.33 -7.60
C GLU C 138 -8.31 -29.64 -7.17
N SER C 139 -9.27 -28.94 -7.77
CA SER C 139 -10.68 -29.15 -7.47
C SER C 139 -11.20 -30.42 -8.15
N ILE C 140 -10.73 -30.67 -9.37
CA ILE C 140 -11.10 -31.87 -10.12
C ILE C 140 -10.62 -33.12 -9.41
N ARG C 141 -9.36 -33.08 -8.97
CA ARG C 141 -8.76 -34.18 -8.24
C ARG C 141 -9.51 -34.44 -6.94
N ARG C 142 -10.07 -33.38 -6.37
CA ARG C 142 -10.85 -33.47 -5.14
C ARG C 142 -12.11 -34.30 -5.35
N ILE C 143 -12.76 -34.10 -6.50
CA ILE C 143 -13.98 -34.83 -6.86
C ILE C 143 -13.69 -36.31 -7.10
N PHE C 144 -12.60 -36.57 -7.82
CA PHE C 144 -12.23 -37.95 -8.17
C PHE C 144 -11.92 -38.82 -6.95
N ASP C 145 -11.51 -38.18 -5.86
CA ASP C 145 -11.23 -38.90 -4.61
C ASP C 145 -12.51 -39.10 -3.79
N ALA C 146 -13.53 -38.31 -4.10
CA ALA C 146 -14.78 -38.36 -3.34
C ALA C 146 -15.69 -39.49 -3.83
N ASN C 147 -15.25 -40.23 -4.84
CA ASN C 147 -16.05 -41.30 -5.42
C ASN C 147 -15.38 -42.67 -5.31
N ASN C 153 -9.73 -45.43 -11.84
CA ASN C 153 -8.39 -44.90 -11.62
C ASN C 153 -8.07 -43.71 -12.53
N LEU C 154 -8.29 -42.50 -12.04
CA LEU C 154 -8.13 -41.29 -12.85
C LEU C 154 -6.91 -40.47 -12.44
N GLN C 155 -6.19 -39.96 -13.44
CA GLN C 155 -5.02 -39.12 -13.19
C GLN C 155 -5.28 -37.68 -13.68
N VAL C 156 -4.95 -36.71 -12.84
CA VAL C 156 -5.20 -35.31 -13.17
C VAL C 156 -3.92 -34.54 -13.52
N LEU C 157 -3.89 -33.99 -14.72
CA LEU C 157 -2.75 -33.21 -15.18
C LEU C 157 -3.13 -31.75 -15.42
N SER C 158 -2.13 -30.87 -15.38
CA SER C 158 -2.31 -29.50 -15.81
C SER C 158 -1.51 -29.28 -17.09
N ASN C 159 -2.17 -28.75 -18.12
CA ASN C 159 -1.48 -28.47 -19.38
C ASN C 159 -2.10 -27.24 -20.03
N PRO C 160 -1.70 -26.05 -19.57
CA PRO C 160 -2.24 -24.78 -20.08
C PRO C 160 -1.85 -24.51 -21.52
N GLU C 161 -2.76 -23.88 -22.27
CA GLU C 161 -2.46 -23.46 -23.63
C GLU C 161 -1.60 -22.20 -23.60
N PHE C 162 -0.78 -22.02 -24.63
CA PHE C 162 0.01 -20.80 -24.75
C PHE C 162 -0.24 -20.14 -26.10
N LEU C 163 -1.14 -20.73 -26.88
CA LEU C 163 -1.52 -20.16 -28.16
C LEU C 163 -2.26 -18.85 -27.96
N ALA C 164 -2.07 -17.92 -28.89
CA ALA C 164 -2.84 -16.70 -28.95
C ALA C 164 -3.80 -16.80 -30.13
N GLU C 165 -5.01 -16.27 -29.97
CA GLU C 165 -5.98 -16.29 -31.06
C GLU C 165 -5.51 -15.37 -32.18
N GLY C 166 -5.78 -15.78 -33.43
CA GLY C 166 -5.26 -15.06 -34.58
C GLY C 166 -4.02 -15.73 -35.14
N THR C 167 -3.23 -16.32 -34.25
CA THR C 167 -2.01 -17.04 -34.65
C THR C 167 -1.97 -18.42 -34.01
N ALA C 168 -3.15 -18.98 -33.73
CA ALA C 168 -3.28 -20.24 -33.00
C ALA C 168 -2.57 -21.41 -33.67
N ILE C 169 -2.74 -21.54 -34.98
CA ILE C 169 -2.15 -22.66 -35.72
C ILE C 169 -0.62 -22.58 -35.76
N LYS C 170 -0.11 -21.39 -36.04
CA LYS C 170 1.32 -21.14 -36.05
C LYS C 170 1.94 -21.37 -34.67
N ASP C 171 1.22 -20.97 -33.61
CA ASP C 171 1.69 -21.14 -32.25
C ASP C 171 1.71 -22.61 -31.83
N LEU C 172 0.70 -23.36 -32.27
CA LEU C 172 0.57 -24.77 -31.90
C LEU C 172 1.58 -25.66 -32.62
N LYS C 173 1.94 -25.29 -33.84
CA LYS C 173 2.88 -26.10 -34.61
C LYS C 173 4.33 -25.85 -34.18
N ASN C 174 4.61 -24.66 -33.67
CA ASN C 174 5.94 -24.34 -33.16
C ASN C 174 5.90 -23.45 -31.91
N PRO C 175 5.51 -24.02 -30.77
CA PRO C 175 5.39 -23.23 -29.53
C PRO C 175 6.74 -22.94 -28.89
N ASP C 176 6.81 -21.85 -28.14
CA ASP C 176 8.03 -21.48 -27.42
C ASP C 176 8.32 -22.51 -26.34
N ARG C 177 7.25 -23.01 -25.71
CA ARG C 177 7.36 -24.08 -24.74
C ARG C 177 6.03 -24.76 -24.46
N VAL C 178 6.10 -26.01 -24.04
CA VAL C 178 4.92 -26.75 -23.59
C VAL C 178 5.06 -26.97 -22.10
N LEU C 179 4.00 -26.71 -21.37
CA LEU C 179 4.02 -26.84 -19.92
C LEU C 179 3.07 -27.93 -19.43
N ILE C 180 3.63 -28.96 -18.80
CA ILE C 180 2.82 -30.05 -18.27
C ILE C 180 3.08 -30.24 -16.78
N GLY C 181 2.00 -30.22 -16.00
CA GLY C 181 2.10 -30.40 -14.56
C GLY C 181 1.35 -31.61 -14.05
N GLY C 182 2.00 -32.38 -13.18
CA GLY C 182 1.38 -33.55 -12.58
C GLY C 182 1.97 -33.88 -11.22
N ASP C 183 1.31 -34.75 -10.48
CA ASP C 183 1.77 -35.13 -9.15
C ASP C 183 3.15 -35.77 -9.19
N GLU C 184 3.94 -35.52 -8.16
CA GLU C 184 5.26 -36.13 -8.06
C GLU C 184 5.16 -37.50 -7.41
N THR C 185 4.31 -38.35 -8.00
CA THR C 185 4.14 -39.72 -7.59
C THR C 185 4.47 -40.61 -8.81
N PRO C 186 4.71 -41.91 -8.58
CA PRO C 186 4.97 -42.81 -9.71
C PRO C 186 3.85 -42.78 -10.75
N GLU C 187 2.61 -42.68 -10.29
CA GLU C 187 1.46 -42.63 -11.20
C GLU C 187 1.36 -41.29 -11.90
N GLY C 188 1.77 -40.23 -11.20
CA GLY C 188 1.72 -38.89 -11.75
C GLY C 188 2.71 -38.68 -12.88
N GLN C 189 3.95 -39.12 -12.66
CA GLN C 189 5.00 -38.98 -13.66
C GLN C 189 4.76 -39.90 -14.84
N ARG C 190 4.01 -40.97 -14.62
CA ARG C 190 3.66 -41.91 -15.67
C ARG C 190 2.64 -41.29 -16.61
N ALA C 191 1.70 -40.55 -16.03
CA ALA C 191 0.70 -39.83 -16.81
C ALA C 191 1.32 -38.62 -17.53
N VAL C 192 2.21 -37.92 -16.82
CA VAL C 192 2.91 -36.77 -17.39
C VAL C 192 3.69 -37.15 -18.64
N GLN C 193 4.45 -38.24 -18.56
CA GLN C 193 5.27 -38.67 -19.66
C GLN C 193 4.43 -39.25 -20.81
N ALA C 194 3.24 -39.73 -20.46
CA ALA C 194 2.29 -40.23 -21.46
C ALA C 194 1.79 -39.08 -22.32
N LEU C 195 1.66 -37.91 -21.70
CA LEU C 195 1.22 -36.71 -22.42
C LEU C 195 2.38 -36.07 -23.17
N CYS C 196 3.59 -36.15 -22.60
CA CYS C 196 4.80 -35.68 -23.27
C CYS C 196 4.99 -36.43 -24.57
N ALA C 197 4.68 -37.74 -24.54
CA ALA C 197 4.85 -38.62 -25.68
C ALA C 197 4.02 -38.14 -26.88
N VAL C 198 2.89 -37.52 -26.59
CA VAL C 198 2.02 -36.99 -27.64
C VAL C 198 2.66 -35.78 -28.33
N TYR C 199 3.11 -34.83 -27.52
CA TYR C 199 3.71 -33.60 -28.03
C TYR C 199 5.03 -33.84 -28.76
N GLU C 200 5.76 -34.88 -28.35
CA GLU C 200 7.07 -35.19 -28.91
C GLU C 200 7.01 -35.63 -30.38
N HIS C 201 5.79 -35.78 -30.91
CA HIS C 201 5.61 -36.07 -32.32
C HIS C 201 6.02 -34.88 -33.18
N TRP C 202 5.96 -33.68 -32.61
CA TRP C 202 6.33 -32.49 -33.36
C TRP C 202 6.98 -31.40 -32.51
N VAL C 203 6.94 -31.56 -31.19
CA VAL C 203 7.58 -30.61 -30.28
C VAL C 203 8.85 -31.22 -29.70
N PRO C 204 9.99 -30.53 -29.87
CA PRO C 204 11.29 -30.97 -29.32
C PRO C 204 11.21 -31.17 -27.82
N ARG C 205 11.96 -32.13 -27.30
CA ARG C 205 12.00 -32.39 -25.86
C ARG C 205 12.52 -31.16 -25.11
N GLU C 206 13.34 -30.37 -25.78
CA GLU C 206 13.97 -29.18 -25.20
C GLU C 206 12.96 -28.09 -24.88
N LYS C 207 11.80 -28.13 -25.54
CA LYS C 207 10.79 -27.10 -25.36
C LYS C 207 9.66 -27.54 -24.43
N ILE C 208 9.72 -28.77 -23.94
CA ILE C 208 8.68 -29.27 -23.03
C ILE C 208 9.12 -29.20 -21.58
N LEU C 209 8.34 -28.49 -20.76
CA LEU C 209 8.64 -28.36 -19.34
C LEU C 209 7.70 -29.21 -18.50
N THR C 210 8.27 -30.03 -17.63
CA THR C 210 7.47 -30.84 -16.71
C THR C 210 7.69 -30.37 -15.27
N THR C 211 6.62 -30.33 -14.51
CA THR C 211 6.67 -29.86 -13.13
C THR C 211 5.46 -30.41 -12.38
N ASN C 212 5.23 -29.94 -11.16
CA ASN C 212 4.04 -30.34 -10.42
C ASN C 212 2.80 -29.57 -10.90
N THR C 213 1.63 -30.00 -10.44
CA THR C 213 0.37 -29.44 -10.92
C THR C 213 0.25 -27.95 -10.65
N TRP C 214 0.57 -27.53 -9.42
CA TRP C 214 0.43 -26.13 -9.04
C TRP C 214 1.43 -25.19 -9.70
N SER C 215 2.70 -25.60 -9.77
CA SER C 215 3.74 -24.79 -10.39
C SER C 215 3.43 -24.50 -11.84
N SER C 216 2.75 -25.45 -12.49
CA SER C 216 2.32 -25.28 -13.86
C SER C 216 1.17 -24.27 -13.95
N GLU C 217 0.24 -24.35 -13.00
CA GLU C 217 -0.90 -23.43 -12.96
C GLU C 217 -0.45 -22.01 -12.65
N LEU C 218 0.42 -21.88 -11.65
CA LEU C 218 0.97 -20.59 -11.28
C LEU C 218 1.79 -19.97 -12.40
N SER C 219 2.58 -20.79 -13.10
CA SER C 219 3.42 -20.32 -14.18
C SER C 219 2.62 -19.69 -15.32
N LYS C 220 1.53 -20.33 -15.71
CA LYS C 220 0.67 -19.82 -16.77
C LYS C 220 0.01 -18.52 -16.32
N LEU C 221 -0.43 -18.50 -15.08
CA LEU C 221 -1.12 -17.36 -14.53
C LEU C 221 -0.21 -16.13 -14.50
N ALA C 222 1.03 -16.35 -14.09
CA ALA C 222 2.02 -15.28 -14.01
C ALA C 222 2.48 -14.78 -15.38
N ALA C 223 2.64 -15.70 -16.32
CA ALA C 223 3.08 -15.37 -17.67
C ALA C 223 2.12 -14.40 -18.36
N ASN C 224 0.82 -14.69 -18.28
CA ASN C 224 -0.20 -13.82 -18.85
C ASN C 224 -0.23 -12.45 -18.18
N ALA C 225 0.08 -12.43 -16.89
CA ALA C 225 0.13 -11.19 -16.13
C ALA C 225 1.32 -10.33 -16.54
N PHE C 226 2.45 -10.97 -16.79
CA PHE C 226 3.64 -10.29 -17.32
C PHE C 226 3.37 -9.69 -18.68
N LEU C 227 2.64 -10.45 -19.52
CA LEU C 227 2.28 -10.00 -20.86
C LEU C 227 1.35 -8.78 -20.81
N ALA C 228 0.32 -8.87 -19.99
CA ALA C 228 -0.64 -7.78 -19.85
C ALA C 228 0.03 -6.55 -19.26
N GLN C 229 1.00 -6.78 -18.38
CA GLN C 229 1.72 -5.69 -17.73
C GLN C 229 2.55 -4.88 -18.71
N ARG C 230 3.13 -5.56 -19.70
CA ARG C 230 3.92 -4.90 -20.74
C ARG C 230 3.08 -3.91 -21.51
N ILE C 231 1.85 -4.29 -21.80
CA ILE C 231 0.93 -3.46 -22.55
C ILE C 231 0.50 -2.25 -21.73
N SER C 232 0.18 -2.47 -20.46
CA SER C 232 -0.23 -1.37 -19.59
C SER C 232 0.93 -0.41 -19.35
N SER C 233 2.14 -0.94 -19.30
CA SER C 233 3.32 -0.11 -19.09
C SER C 233 3.59 0.80 -20.29
N ILE C 234 3.47 0.24 -21.48
CA ILE C 234 3.69 1.03 -22.69
C ILE C 234 2.51 1.97 -22.98
N ASN C 235 1.33 1.59 -22.50
CA ASN C 235 0.16 2.45 -22.61
C ASN C 235 0.26 3.63 -21.65
N SER C 236 0.86 3.41 -20.48
CA SER C 236 1.07 4.48 -19.53
C SER C 236 2.06 5.49 -20.08
N ILE C 237 3.04 4.98 -20.82
CA ILE C 237 4.04 5.84 -21.46
C ILE C 237 3.43 6.62 -22.61
N SER C 238 2.46 6.02 -23.30
CA SER C 238 1.76 6.68 -24.39
C SER C 238 1.01 7.91 -23.88
N ALA C 239 0.51 7.82 -22.65
CA ALA C 239 -0.18 8.95 -22.02
C ALA C 239 0.83 10.06 -21.71
N LEU C 240 2.02 9.65 -21.31
CA LEU C 240 3.09 10.59 -21.00
C LEU C 240 3.59 11.28 -22.26
N CYS C 241 3.58 10.55 -23.37
CA CYS C 241 3.99 11.08 -24.66
C CYS C 241 3.02 12.12 -25.21
N GLU C 242 1.72 11.83 -25.12
CA GLU C 242 0.71 12.78 -25.56
C GLU C 242 0.79 14.06 -24.75
N ALA C 243 1.14 13.93 -23.48
CA ALA C 243 1.20 15.06 -22.56
C ALA C 243 2.45 15.92 -22.74
N THR C 244 3.49 15.33 -23.32
CA THR C 244 4.78 16.01 -23.43
C THR C 244 5.27 16.21 -24.87
N GLY C 245 4.50 15.72 -25.84
CA GLY C 245 4.88 15.89 -27.24
C GLY C 245 5.98 14.95 -27.71
N ALA C 246 6.04 13.76 -27.14
CA ALA C 246 6.94 12.72 -27.63
C ALA C 246 6.11 11.71 -28.42
N ASP C 247 6.78 10.77 -29.08
CA ASP C 247 6.08 9.74 -29.84
C ASP C 247 6.32 8.39 -29.18
N VAL C 248 5.23 7.69 -28.86
CA VAL C 248 5.34 6.43 -28.13
C VAL C 248 6.01 5.31 -28.95
N GLU C 249 5.81 5.34 -30.27
CA GLU C 249 6.43 4.32 -31.13
C GLU C 249 7.93 4.55 -31.24
N GLU C 250 8.35 5.82 -31.13
CA GLU C 250 9.76 6.15 -31.07
C GLU C 250 10.37 5.72 -29.73
N VAL C 251 9.66 6.02 -28.65
CA VAL C 251 10.09 5.63 -27.32
C VAL C 251 10.14 4.11 -27.19
N ALA C 252 9.10 3.43 -27.66
CA ALA C 252 9.01 1.97 -27.58
C ALA C 252 10.13 1.28 -28.33
N THR C 253 10.57 1.89 -29.42
CA THR C 253 11.67 1.35 -30.21
C THR C 253 12.98 1.38 -29.42
N ALA C 254 13.22 2.51 -28.75
CA ALA C 254 14.43 2.68 -27.95
C ALA C 254 14.44 1.72 -26.76
N ILE C 255 13.28 1.56 -26.13
CA ILE C 255 13.13 0.63 -25.02
C ILE C 255 13.36 -0.80 -25.50
N GLY C 256 12.78 -1.11 -26.65
CA GLY C 256 12.81 -2.46 -27.20
C GLY C 256 14.17 -2.95 -27.65
N MET C 257 15.08 -2.02 -27.92
CA MET C 257 16.43 -2.39 -28.37
C MET C 257 17.29 -2.98 -27.25
N ASP C 258 16.90 -2.74 -26.00
CA ASP C 258 17.54 -3.38 -24.87
C ASP C 258 17.10 -4.84 -24.87
N GLN C 259 18.05 -5.75 -25.01
CA GLN C 259 17.74 -7.18 -25.09
C GLN C 259 17.25 -7.76 -23.77
N ARG C 260 17.46 -7.03 -22.69
CA ARG C 260 16.97 -7.43 -21.37
C ARG C 260 15.47 -7.17 -21.25
N ILE C 261 14.96 -6.26 -22.07
CA ILE C 261 13.54 -5.94 -22.09
C ILE C 261 12.80 -6.64 -23.23
N GLY C 262 13.40 -6.61 -24.42
CA GLY C 262 12.79 -7.23 -25.58
C GLY C 262 11.94 -6.25 -26.37
N ASN C 263 11.68 -6.56 -27.64
CA ASN C 263 10.93 -5.63 -28.49
C ASN C 263 9.48 -6.04 -28.76
N LYS C 264 9.07 -7.17 -28.20
CA LYS C 264 7.72 -7.68 -28.41
C LYS C 264 6.74 -7.16 -27.37
N PHE C 265 5.46 -7.12 -27.73
CA PHE C 265 4.39 -6.67 -26.84
C PHE C 265 4.60 -5.26 -26.30
N LEU C 266 5.14 -4.38 -27.14
CA LEU C 266 5.33 -2.97 -26.79
C LEU C 266 4.53 -2.05 -27.71
N LYS C 267 3.40 -2.53 -28.20
CA LYS C 267 2.56 -1.74 -29.10
C LYS C 267 1.40 -1.08 -28.36
N ALA C 268 1.49 0.24 -28.19
CA ALA C 268 0.46 1.01 -27.50
C ALA C 268 -0.88 0.90 -28.23
N SER C 269 -1.95 0.77 -27.45
CA SER C 269 -3.26 0.55 -28.02
C SER C 269 -4.33 1.21 -27.18
N VAL C 270 -5.57 1.11 -27.63
CA VAL C 270 -6.73 1.62 -26.90
C VAL C 270 -6.88 0.84 -25.59
N GLY C 271 -6.33 -0.37 -25.56
CA GLY C 271 -6.35 -1.20 -24.37
C GLY C 271 -6.42 -2.67 -24.77
N PHE C 272 -5.86 -3.55 -23.93
CA PHE C 272 -5.90 -4.96 -24.24
C PHE C 272 -7.27 -5.57 -23.97
N GLY C 273 -7.61 -6.58 -24.76
CA GLY C 273 -8.86 -7.29 -24.58
C GLY C 273 -8.60 -8.78 -24.53
N GLY C 274 -9.65 -9.57 -24.77
CA GLY C 274 -9.51 -11.02 -24.75
C GLY C 274 -10.09 -11.63 -23.49
N SER C 275 -10.44 -12.91 -23.58
CA SER C 275 -11.04 -13.62 -22.47
C SER C 275 -10.07 -13.82 -21.30
N CYS C 276 -8.77 -13.84 -21.59
CA CYS C 276 -7.80 -14.29 -20.60
C CYS C 276 -7.07 -13.23 -19.78
N PHE C 277 -6.60 -12.14 -20.40
CA PHE C 277 -5.74 -11.18 -19.70
C PHE C 277 -6.33 -10.56 -18.43
N GLN C 278 -7.48 -9.90 -18.55
CA GLN C 278 -8.11 -9.27 -17.39
C GLN C 278 -8.56 -10.30 -16.36
N LYS C 279 -9.11 -11.42 -16.85
CA LYS C 279 -9.55 -12.51 -16.00
C LYS C 279 -8.40 -13.09 -15.19
N ASP C 280 -7.27 -13.35 -15.87
CA ASP C 280 -6.09 -13.90 -15.21
C ASP C 280 -5.52 -12.95 -14.16
N VAL C 281 -5.41 -11.66 -14.50
CA VAL C 281 -4.87 -10.68 -13.58
C VAL C 281 -5.76 -10.51 -12.35
N LEU C 282 -7.07 -10.49 -12.58
CA LEU C 282 -8.02 -10.39 -11.48
C LEU C 282 -7.99 -11.64 -10.60
N ASN C 283 -7.89 -12.80 -11.21
CA ASN C 283 -7.77 -14.06 -10.47
C ASN C 283 -6.46 -14.13 -9.69
N LEU C 284 -5.43 -13.49 -10.21
CA LEU C 284 -4.15 -13.39 -9.53
C LEU C 284 -4.30 -12.50 -8.30
N VAL C 285 -5.03 -11.39 -8.46
CA VAL C 285 -5.31 -10.46 -7.36
C VAL C 285 -6.09 -11.13 -6.23
N TYR C 286 -7.06 -11.97 -6.60
CA TYR C 286 -7.90 -12.66 -5.62
C TYR C 286 -7.13 -13.72 -4.84
N LEU C 287 -6.27 -14.45 -5.53
CA LEU C 287 -5.42 -15.45 -4.89
C LEU C 287 -4.51 -14.78 -3.85
N CYS C 288 -3.95 -13.63 -4.22
CA CYS C 288 -3.06 -12.88 -3.34
C CYS C 288 -3.76 -12.38 -2.09
N GLU C 289 -4.99 -11.89 -2.25
CA GLU C 289 -5.77 -11.46 -1.11
C GLU C 289 -6.20 -12.65 -0.25
N ALA C 290 -6.45 -13.78 -0.90
CA ALA C 290 -6.81 -15.02 -0.20
C ALA C 290 -5.65 -15.53 0.64
N LEU C 291 -4.43 -15.21 0.22
CA LEU C 291 -3.22 -15.66 0.90
C LEU C 291 -2.63 -14.59 1.81
N ASN C 292 -3.41 -13.55 2.08
CA ASN C 292 -2.96 -12.42 2.88
C ASN C 292 -1.72 -11.74 2.32
N LEU C 293 -1.72 -11.48 1.01
CA LEU C 293 -0.63 -10.76 0.38
C LEU C 293 -1.15 -9.50 -0.30
N PRO C 294 -1.64 -8.53 0.50
CA PRO C 294 -2.35 -7.38 -0.04
C PRO C 294 -1.46 -6.45 -0.89
N GLU C 295 -0.16 -6.39 -0.62
CA GLU C 295 0.72 -5.56 -1.43
C GLU C 295 0.90 -6.16 -2.83
N VAL C 296 1.04 -7.48 -2.90
CA VAL C 296 1.15 -8.15 -4.19
C VAL C 296 -0.17 -8.00 -4.96
N ALA C 297 -1.29 -7.94 -4.22
CA ALA C 297 -2.61 -7.75 -4.81
C ALA C 297 -2.75 -6.37 -5.44
N ARG C 298 -2.24 -5.35 -4.74
CA ARG C 298 -2.31 -3.98 -5.25
C ARG C 298 -1.33 -3.71 -6.38
N TYR C 299 -0.23 -4.47 -6.38
CA TYR C 299 0.77 -4.37 -7.42
C TYR C 299 0.20 -4.77 -8.78
N TRP C 300 -0.49 -5.91 -8.82
CA TRP C 300 -1.03 -6.45 -10.06
C TRP C 300 -2.36 -5.81 -10.45
N GLN C 301 -3.07 -5.25 -9.48
CA GLN C 301 -4.31 -4.54 -9.74
C GLN C 301 -4.06 -3.36 -10.67
N GLN C 302 -2.89 -2.73 -10.53
CA GLN C 302 -2.53 -1.57 -11.34
C GLN C 302 -2.50 -1.85 -12.84
N VAL C 303 -2.25 -3.09 -13.21
CA VAL C 303 -2.29 -3.50 -14.61
C VAL C 303 -3.69 -3.31 -15.18
N ILE C 304 -4.71 -3.67 -14.39
CA ILE C 304 -6.10 -3.50 -14.80
C ILE C 304 -6.50 -2.03 -14.74
N ASP C 305 -6.10 -1.36 -13.68
CA ASP C 305 -6.41 0.06 -13.49
C ASP C 305 -5.91 0.90 -14.66
N MET C 306 -4.68 0.62 -15.10
CA MET C 306 -4.08 1.35 -16.22
C MET C 306 -4.82 1.06 -17.53
N ASN C 307 -5.21 -0.19 -17.72
CA ASN C 307 -5.94 -0.58 -18.93
C ASN C 307 -7.29 0.12 -19.03
N ASP C 308 -8.03 0.17 -17.93
CA ASP C 308 -9.33 0.82 -17.91
C ASP C 308 -9.17 2.32 -18.11
N TYR C 309 -8.08 2.84 -17.58
CA TYR C 309 -7.75 4.26 -17.73
C TYR C 309 -7.46 4.62 -19.18
N GLN C 310 -6.66 3.78 -19.85
CA GLN C 310 -6.32 3.98 -21.25
C GLN C 310 -7.57 4.05 -22.13
N ARG C 311 -8.55 3.21 -21.81
CA ARG C 311 -9.82 3.18 -22.54
C ARG C 311 -10.62 4.46 -22.33
N ARG C 312 -10.78 4.87 -21.08
CA ARG C 312 -11.51 6.09 -20.75
C ARG C 312 -10.83 7.30 -21.35
N ARG C 313 -9.50 7.25 -21.38
CA ARG C 313 -8.69 8.35 -21.88
C ARG C 313 -8.86 8.52 -23.39
N PHE C 314 -9.00 7.39 -24.08
CA PHE C 314 -9.17 7.39 -25.52
C PHE C 314 -10.56 7.90 -25.91
N ALA C 315 -11.58 7.44 -25.19
CA ALA C 315 -12.95 7.87 -25.43
C ALA C 315 -13.10 9.35 -25.15
N SER C 316 -12.44 9.83 -24.10
CA SER C 316 -12.48 11.24 -23.72
C SER C 316 -11.86 12.14 -24.78
N ARG C 317 -10.79 11.64 -25.41
CA ARG C 317 -10.09 12.37 -26.46
C ARG C 317 -10.98 12.52 -27.68
N ILE C 318 -11.83 11.52 -27.91
CA ILE C 318 -12.78 11.53 -29.01
C ILE C 318 -13.90 12.55 -28.76
N ILE C 319 -14.51 12.45 -27.59
CA ILE C 319 -15.58 13.37 -27.19
C ILE C 319 -15.09 14.82 -27.17
N ASP C 320 -13.87 15.01 -26.69
CA ASP C 320 -13.29 16.34 -26.56
C ASP C 320 -12.95 16.97 -27.92
N SER C 321 -12.52 16.14 -28.87
CA SER C 321 -12.16 16.62 -30.20
C SER C 321 -13.39 16.98 -31.03
N LEU C 322 -14.54 16.49 -30.61
CA LEU C 322 -15.79 16.77 -31.31
C LEU C 322 -16.63 17.79 -30.56
N LYS C 329 -24.39 12.80 -33.51
CA LYS C 329 -23.27 12.80 -34.45
C LYS C 329 -22.91 11.39 -34.88
N LYS C 330 -22.78 11.19 -36.19
CA LYS C 330 -22.46 9.87 -36.72
C LYS C 330 -20.97 9.55 -36.54
N ILE C 331 -20.69 8.38 -35.98
CA ILE C 331 -19.32 7.93 -35.77
C ILE C 331 -19.13 6.53 -36.34
N ALA C 332 -18.06 6.34 -37.10
CA ALA C 332 -17.74 5.02 -37.64
C ALA C 332 -16.74 4.32 -36.73
N ILE C 333 -17.08 3.10 -36.31
CA ILE C 333 -16.18 2.28 -35.51
C ILE C 333 -15.60 1.15 -36.37
N LEU C 334 -14.32 1.26 -36.71
CA LEU C 334 -13.68 0.24 -37.53
C LEU C 334 -12.93 -0.78 -36.67
N GLY C 335 -13.48 -1.99 -36.61
CA GLY C 335 -12.87 -3.06 -35.85
C GLY C 335 -13.58 -3.30 -34.54
N PHE C 336 -14.08 -4.51 -34.35
CA PHE C 336 -14.79 -4.86 -33.11
C PHE C 336 -14.13 -6.03 -32.38
N ALA C 337 -13.37 -6.84 -33.11
CA ALA C 337 -12.63 -7.94 -32.52
C ALA C 337 -11.59 -7.40 -31.53
N PHE C 338 -11.21 -8.22 -30.55
CA PHE C 338 -10.28 -7.76 -29.51
C PHE C 338 -8.85 -7.68 -30.04
N LYS C 339 -8.62 -8.34 -31.17
CA LYS C 339 -7.37 -8.23 -31.92
C LYS C 339 -7.66 -8.65 -33.35
N LYS C 340 -6.71 -8.48 -34.27
CA LYS C 340 -6.95 -8.83 -35.67
C LYS C 340 -6.87 -10.33 -35.89
N ASP C 341 -7.44 -10.78 -37.02
CA ASP C 341 -7.42 -12.17 -37.44
C ASP C 341 -8.19 -13.12 -36.52
N THR C 342 -9.23 -12.60 -35.89
CA THR C 342 -10.15 -13.40 -35.10
C THR C 342 -11.54 -12.74 -35.08
N GLY C 343 -12.58 -13.53 -34.83
CA GLY C 343 -13.93 -13.02 -34.74
C GLY C 343 -14.36 -12.88 -33.29
N ASP C 344 -13.42 -13.18 -32.40
CA ASP C 344 -13.65 -13.10 -30.96
C ASP C 344 -13.77 -11.65 -30.50
N THR C 345 -14.75 -11.36 -29.65
CA THR C 345 -14.99 -10.00 -29.18
C THR C 345 -14.90 -9.88 -27.66
N ARG C 346 -14.59 -10.98 -26.99
CA ARG C 346 -14.57 -11.00 -25.53
C ARG C 346 -13.62 -9.96 -24.92
N GLU C 347 -14.18 -9.09 -24.09
CA GLU C 347 -13.44 -8.00 -23.44
C GLU C 347 -12.75 -7.05 -24.41
N SER C 348 -13.21 -7.02 -25.67
CA SER C 348 -12.65 -6.13 -26.67
C SER C 348 -12.80 -4.68 -26.23
N SER C 349 -11.74 -3.89 -26.45
CA SER C 349 -11.78 -2.47 -26.13
C SER C 349 -12.81 -1.74 -26.99
N SER C 350 -13.16 -2.35 -28.13
CA SER C 350 -14.19 -1.82 -29.03
C SER C 350 -15.54 -1.74 -28.33
N ILE C 351 -15.83 -2.74 -27.50
CA ILE C 351 -17.07 -2.75 -26.73
C ILE C 351 -17.19 -1.53 -25.81
N TYR C 352 -16.12 -1.25 -25.06
CA TYR C 352 -16.12 -0.17 -24.09
C TYR C 352 -16.14 1.22 -24.74
N ILE C 353 -15.33 1.42 -25.77
CA ILE C 353 -15.31 2.68 -26.51
C ILE C 353 -16.68 2.94 -27.13
N SER C 354 -17.27 1.90 -27.72
CA SER C 354 -18.60 1.99 -28.30
C SER C 354 -19.64 2.37 -27.25
N LYS C 355 -19.61 1.70 -26.11
CA LYS C 355 -20.57 1.98 -25.05
C LYS C 355 -20.37 3.37 -24.45
N TYR C 356 -19.11 3.82 -24.36
CA TYR C 356 -18.83 5.16 -23.84
C TYR C 356 -19.42 6.24 -24.74
N LEU C 357 -19.38 6.01 -26.04
CA LEU C 357 -19.90 6.96 -27.02
C LEU C 357 -21.43 6.92 -27.11
N MET C 358 -22.00 5.72 -27.01
CA MET C 358 -23.45 5.55 -26.99
C MET C 358 -24.06 6.25 -25.80
N ASP C 359 -23.35 6.23 -24.68
CA ASP C 359 -23.82 6.87 -23.46
C ASP C 359 -23.81 8.39 -23.58
N GLU C 360 -23.07 8.89 -24.58
CA GLU C 360 -23.05 10.31 -24.88
C GLU C 360 -23.98 10.63 -26.06
N GLY C 361 -24.72 9.61 -26.51
CA GLY C 361 -25.74 9.78 -27.52
C GLY C 361 -25.27 9.75 -28.96
N ALA C 362 -24.10 9.18 -29.20
CA ALA C 362 -23.56 9.09 -30.55
C ALA C 362 -24.27 8.02 -31.36
N HIS C 363 -24.34 8.23 -32.67
CA HIS C 363 -24.86 7.23 -33.60
C HIS C 363 -23.71 6.45 -34.21
N LEU C 364 -23.60 5.17 -33.86
CA LEU C 364 -22.47 4.37 -34.27
C LEU C 364 -22.75 3.54 -35.52
N HIS C 365 -21.77 3.51 -36.41
CA HIS C 365 -21.77 2.57 -37.54
C HIS C 365 -20.55 1.67 -37.41
N ILE C 366 -20.82 0.40 -37.13
CA ILE C 366 -19.76 -0.54 -36.78
C ILE C 366 -19.45 -1.52 -37.92
N TYR C 367 -18.19 -1.60 -38.29
CA TYR C 367 -17.74 -2.60 -39.25
C TYR C 367 -16.60 -3.45 -38.71
N ASP C 368 -16.74 -4.77 -38.83
CA ASP C 368 -15.64 -5.69 -38.58
C ASP C 368 -15.69 -6.80 -39.63
N PRO C 369 -14.55 -7.11 -40.27
CA PRO C 369 -14.48 -8.09 -41.35
C PRO C 369 -14.83 -9.53 -40.95
N LYS C 370 -14.66 -9.91 -39.69
CA LYS C 370 -14.89 -11.30 -39.29
C LYS C 370 -15.86 -11.47 -38.11
N VAL C 371 -16.16 -10.37 -37.41
CA VAL C 371 -17.09 -10.46 -36.30
C VAL C 371 -18.54 -10.47 -36.80
N PRO C 372 -19.28 -11.54 -36.46
CA PRO C 372 -20.68 -11.70 -36.86
C PRO C 372 -21.56 -10.57 -36.32
N ARG C 373 -22.54 -10.16 -37.13
CA ARG C 373 -23.41 -9.04 -36.80
C ARG C 373 -24.11 -9.19 -35.44
N GLU C 374 -24.70 -10.36 -35.19
CA GLU C 374 -25.49 -10.58 -33.99
C GLU C 374 -24.66 -10.57 -32.70
N GLN C 375 -23.38 -10.91 -32.81
CA GLN C 375 -22.48 -10.86 -31.66
C GLN C 375 -22.26 -9.42 -31.19
N ILE C 376 -22.13 -8.51 -32.15
CA ILE C 376 -21.97 -7.08 -31.87
C ILE C 376 -23.21 -6.53 -31.16
N VAL C 377 -24.38 -6.90 -31.66
CA VAL C 377 -25.64 -6.50 -31.04
C VAL C 377 -25.74 -6.98 -29.60
N VAL C 378 -25.42 -8.25 -29.38
CA VAL C 378 -25.43 -8.83 -28.04
C VAL C 378 -24.49 -8.09 -27.10
N ASP C 379 -23.29 -7.77 -27.58
CA ASP C 379 -22.25 -7.12 -26.78
C ASP C 379 -22.65 -5.75 -26.24
N LEU C 380 -23.54 -5.06 -26.94
CA LEU C 380 -23.85 -3.67 -26.60
C LEU C 380 -25.19 -3.48 -25.89
N SER C 381 -25.82 -4.59 -25.50
CA SER C 381 -27.11 -4.53 -24.80
C SER C 381 -26.96 -4.81 -23.31
N ASP C 389 -34.25 -0.66 -27.41
CA ASP C 389 -33.45 -0.11 -26.32
C ASP C 389 -32.42 0.89 -26.84
N GLN C 390 -31.23 0.85 -26.24
CA GLN C 390 -30.14 1.74 -26.60
C GLN C 390 -29.54 1.34 -27.96
N VAL C 391 -29.37 0.05 -28.17
CA VAL C 391 -28.80 -0.48 -29.40
C VAL C 391 -29.69 -0.18 -30.60
N SER C 392 -31.01 -0.27 -30.40
CA SER C 392 -31.97 -0.07 -31.48
C SER C 392 -31.87 1.33 -32.08
N ARG C 393 -31.58 2.32 -31.23
CA ARG C 393 -31.59 3.71 -31.65
C ARG C 393 -30.25 4.22 -32.15
N LEU C 394 -29.16 3.71 -31.57
CA LEU C 394 -27.84 4.29 -31.79
C LEU C 394 -26.93 3.47 -32.70
N VAL C 395 -27.08 2.16 -32.69
CA VAL C 395 -26.13 1.27 -33.36
C VAL C 395 -26.58 0.77 -34.75
N THR C 396 -25.70 0.92 -35.72
CA THR C 396 -25.89 0.36 -37.06
C THR C 396 -24.68 -0.50 -37.43
N ILE C 397 -24.92 -1.71 -37.90
CA ILE C 397 -23.83 -2.60 -38.28
C ILE C 397 -23.68 -2.70 -39.80
N SER C 398 -22.58 -2.14 -40.30
CA SER C 398 -22.37 -2.00 -41.74
C SER C 398 -21.75 -3.25 -42.35
N LYS C 399 -22.01 -3.48 -43.63
CA LYS C 399 -21.47 -4.62 -44.36
C LYS C 399 -20.03 -4.38 -44.82
N ASP C 400 -19.68 -3.12 -45.03
CA ASP C 400 -18.35 -2.76 -45.52
C ASP C 400 -17.90 -1.45 -44.88
N PRO C 401 -16.59 -1.19 -44.85
CA PRO C 401 -16.07 0.01 -44.17
C PRO C 401 -16.52 1.35 -44.76
N TYR C 402 -16.77 1.40 -46.07
CA TYR C 402 -17.16 2.64 -46.72
C TYR C 402 -18.61 3.00 -46.41
N GLU C 403 -19.41 1.97 -46.16
CA GLU C 403 -20.79 2.15 -45.75
C GLU C 403 -20.86 2.77 -44.35
N ALA C 404 -19.87 2.43 -43.53
CA ALA C 404 -19.82 2.90 -42.16
C ALA C 404 -19.36 4.37 -42.06
N CYS C 405 -18.44 4.76 -42.94
CA CYS C 405 -17.87 6.11 -42.91
C CYS C 405 -18.69 7.09 -43.74
N ASP C 406 -19.70 6.57 -44.44
CA ASP C 406 -20.54 7.40 -45.29
C ASP C 406 -21.42 8.32 -44.44
N GLY C 407 -21.01 9.57 -44.32
CA GLY C 407 -21.79 10.56 -43.58
C GLY C 407 -21.40 10.66 -42.11
N ALA C 408 -20.18 10.22 -41.81
CA ALA C 408 -19.67 10.24 -40.44
C ALA C 408 -18.83 11.48 -40.21
N HIS C 409 -18.86 11.98 -38.98
CA HIS C 409 -18.02 13.09 -38.57
C HIS C 409 -16.62 12.56 -38.25
N ALA C 410 -16.56 11.33 -37.74
CA ALA C 410 -15.31 10.77 -37.25
C ALA C 410 -15.22 9.27 -37.47
N VAL C 411 -14.01 8.79 -37.69
CA VAL C 411 -13.75 7.36 -37.83
C VAL C 411 -12.81 6.90 -36.71
N VAL C 412 -13.20 5.84 -36.01
CA VAL C 412 -12.42 5.33 -34.88
C VAL C 412 -11.91 3.92 -35.16
N ILE C 413 -10.59 3.76 -35.19
CA ILE C 413 -9.99 2.45 -35.45
C ILE C 413 -9.59 1.75 -34.15
N CYS C 414 -10.28 0.66 -33.84
CA CYS C 414 -10.09 -0.02 -32.56
C CYS C 414 -9.38 -1.36 -32.70
N THR C 415 -9.45 -1.95 -33.89
CA THR C 415 -8.80 -3.23 -34.14
C THR C 415 -7.82 -3.08 -35.30
N GLU C 416 -6.63 -3.70 -35.17
CA GLU C 416 -5.52 -3.48 -36.09
C GLU C 416 -5.59 -4.31 -37.39
N TRP C 417 -6.81 -4.53 -37.89
CA TRP C 417 -7.01 -5.24 -39.16
C TRP C 417 -6.16 -4.62 -40.27
N ASP C 418 -5.52 -5.48 -41.07
CA ASP C 418 -4.59 -5.02 -42.09
C ASP C 418 -5.27 -4.27 -43.21
N MET C 419 -6.53 -4.60 -43.46
CA MET C 419 -7.27 -4.00 -44.56
C MET C 419 -7.48 -2.50 -44.36
N PHE C 420 -7.43 -2.07 -43.10
CA PHE C 420 -7.73 -0.69 -42.76
C PHE C 420 -6.68 0.29 -43.30
N LYS C 421 -5.45 -0.17 -43.43
CA LYS C 421 -4.39 0.69 -43.92
C LYS C 421 -4.36 0.76 -45.44
N GLU C 422 -5.17 -0.08 -46.09
CA GLU C 422 -5.19 -0.16 -47.54
C GLU C 422 -6.50 0.34 -48.15
N LEU C 423 -7.31 1.02 -47.34
CA LEU C 423 -8.57 1.58 -47.80
C LEU C 423 -8.36 2.83 -48.66
N ASP C 424 -9.34 3.11 -49.52
CA ASP C 424 -9.33 4.33 -50.31
C ASP C 424 -9.75 5.50 -49.43
N TYR C 425 -8.76 6.26 -48.95
CA TYR C 425 -9.05 7.34 -48.01
C TYR C 425 -9.51 8.63 -48.68
N GLU C 426 -9.20 8.79 -49.96
CA GLU C 426 -9.73 9.92 -50.72
C GLU C 426 -11.23 9.74 -50.88
N ARG C 427 -11.63 8.49 -51.12
CA ARG C 427 -13.04 8.14 -51.26
C ARG C 427 -13.80 8.32 -49.96
N ILE C 428 -13.18 7.95 -48.85
CA ILE C 428 -13.80 8.07 -47.54
C ILE C 428 -14.02 9.54 -47.15
N HIS C 429 -12.98 10.35 -47.32
CA HIS C 429 -13.05 11.78 -47.04
C HIS C 429 -14.15 12.44 -47.86
N LYS C 430 -14.33 11.94 -49.08
CA LYS C 430 -15.33 12.45 -50.01
C LYS C 430 -16.72 12.38 -49.39
N LYS C 431 -17.14 11.18 -48.99
CA LYS C 431 -18.47 10.97 -48.44
C LYS C 431 -18.57 11.17 -46.92
N MET C 432 -17.55 11.78 -46.32
CA MET C 432 -17.59 12.07 -44.88
C MET C 432 -18.05 13.49 -44.61
N LEU C 433 -18.84 13.67 -43.56
CA LEU C 433 -19.20 15.00 -43.11
C LEU C 433 -17.92 15.72 -42.68
N LYS C 434 -17.86 17.01 -42.96
CA LYS C 434 -16.63 17.76 -42.71
C LYS C 434 -16.85 18.85 -41.66
N PRO C 435 -15.89 19.04 -40.74
CA PRO C 435 -14.55 18.43 -40.68
C PRO C 435 -14.54 16.93 -40.34
N ALA C 436 -13.67 16.19 -41.02
CA ALA C 436 -13.57 14.74 -40.86
C ALA C 436 -12.40 14.37 -39.94
N PHE C 437 -12.70 13.61 -38.90
CA PHE C 437 -11.68 13.20 -37.93
C PHE C 437 -11.34 11.72 -38.06
N ILE C 438 -10.09 11.39 -37.77
CA ILE C 438 -9.66 10.00 -37.66
C ILE C 438 -8.98 9.77 -36.32
N PHE C 439 -9.54 8.84 -35.54
CA PHE C 439 -8.95 8.46 -34.26
C PHE C 439 -8.33 7.07 -34.36
N ASP C 440 -6.99 7.03 -34.44
CA ASP C 440 -6.27 5.77 -34.65
C ASP C 440 -5.78 5.20 -33.31
N GLY C 441 -6.49 4.21 -32.79
CA GLY C 441 -6.17 3.63 -31.50
C GLY C 441 -5.32 2.38 -31.56
N ARG C 442 -4.71 2.13 -32.71
CA ARG C 442 -3.89 0.93 -32.90
C ARG C 442 -2.60 1.23 -33.66
N ARG C 443 -2.41 2.50 -34.01
CA ARG C 443 -1.23 2.96 -34.74
C ARG C 443 -1.10 2.25 -36.09
N VAL C 444 -2.22 2.00 -36.76
CA VAL C 444 -2.19 1.31 -38.04
C VAL C 444 -2.06 2.26 -39.23
N LEU C 445 -2.35 3.53 -38.99
CA LEU C 445 -2.27 4.53 -40.05
C LEU C 445 -0.96 5.28 -40.03
N ASP C 446 0.05 4.69 -39.39
CA ASP C 446 1.38 5.28 -39.36
C ASP C 446 2.00 5.23 -40.75
N GLY C 447 2.62 6.32 -41.16
CA GLY C 447 3.22 6.40 -42.48
C GLY C 447 2.25 6.98 -43.50
N LEU C 448 1.00 7.14 -43.08
CA LEU C 448 -0.04 7.67 -43.95
C LEU C 448 -0.45 9.07 -43.52
N HIS C 449 0.18 9.56 -42.45
CA HIS C 449 -0.20 10.83 -41.85
C HIS C 449 -0.10 12.01 -42.81
N ASN C 450 0.95 12.01 -43.64
CA ASN C 450 1.11 13.06 -44.63
C ASN C 450 0.01 13.00 -45.67
N GLU C 451 -0.22 11.81 -46.20
CA GLU C 451 -1.28 11.58 -47.19
C GLU C 451 -2.64 11.97 -46.65
N LEU C 452 -2.93 11.53 -45.43
CA LEU C 452 -4.23 11.75 -44.82
C LEU C 452 -4.49 13.21 -44.46
N GLN C 453 -3.44 13.93 -44.08
CA GLN C 453 -3.57 15.35 -43.75
C GLN C 453 -3.84 16.18 -45.00
N THR C 454 -3.10 15.91 -46.07
CA THR C 454 -3.26 16.63 -47.32
C THR C 454 -4.62 16.34 -47.96
N ILE C 455 -5.14 15.14 -47.72
CA ILE C 455 -6.49 14.78 -48.18
C ILE C 455 -7.54 15.65 -47.50
N GLY C 456 -7.36 15.89 -46.20
CA GLY C 456 -8.24 16.77 -45.46
C GLY C 456 -8.68 16.24 -44.11
N PHE C 457 -8.02 15.18 -43.65
CA PHE C 457 -8.36 14.58 -42.36
C PHE C 457 -7.64 15.27 -41.20
N GLN C 458 -8.30 15.30 -40.05
CA GLN C 458 -7.63 15.66 -38.81
C GLN C 458 -7.40 14.36 -38.04
N ILE C 459 -6.16 13.90 -38.02
CA ILE C 459 -5.82 12.61 -37.44
C ILE C 459 -5.40 12.71 -35.98
N GLU C 460 -6.06 11.93 -35.13
CA GLU C 460 -5.66 11.80 -33.73
C GLU C 460 -5.17 10.38 -33.51
N THR C 461 -3.98 10.24 -32.94
CA THR C 461 -3.41 8.92 -32.73
C THR C 461 -2.88 8.74 -31.30
N ILE C 462 -3.01 7.53 -30.78
CA ILE C 462 -2.58 7.21 -29.42
C ILE C 462 -1.06 7.37 -29.25
N GLY C 463 -0.65 8.05 -28.19
CA GLY C 463 0.76 8.21 -27.87
C GLY C 463 1.44 9.31 -28.66
N LYS C 464 0.67 10.29 -29.12
CA LYS C 464 1.20 11.36 -29.95
C LYS C 464 0.30 12.59 -29.81
N LYS C 465 0.91 13.74 -29.53
CA LYS C 465 0.17 14.97 -29.27
C LYS C 465 -0.71 15.39 -30.46
N PHE D 2 -43.86 -11.48 22.43
CA PHE D 2 -43.19 -12.63 23.01
C PHE D 2 -42.57 -12.32 24.37
N GLU D 3 -42.58 -13.32 25.25
CA GLU D 3 -41.95 -13.21 26.57
C GLU D 3 -40.93 -14.33 26.80
N ILE D 4 -39.74 -13.96 27.26
CA ILE D 4 -38.69 -14.94 27.56
C ILE D 4 -38.72 -15.35 29.03
N LYS D 5 -38.88 -16.64 29.28
CA LYS D 5 -39.01 -17.15 30.65
C LYS D 5 -37.91 -18.12 31.03
N LYS D 6 -37.29 -18.75 30.03
CA LYS D 6 -36.20 -19.68 30.27
C LYS D 6 -35.04 -19.44 29.29
N ILE D 7 -33.84 -19.32 29.82
CA ILE D 7 -32.66 -19.06 29.00
C ILE D 7 -31.60 -20.14 29.16
N CYS D 8 -31.17 -20.71 28.03
CA CYS D 8 -30.06 -21.66 28.03
C CYS D 8 -28.83 -21.01 27.40
N CYS D 9 -27.67 -21.22 28.00
CA CYS D 9 -26.43 -20.69 27.46
C CYS D 9 -25.43 -21.81 27.19
N ILE D 10 -25.15 -22.04 25.91
CA ILE D 10 -24.15 -23.02 25.52
C ILE D 10 -22.77 -22.38 25.60
N GLY D 11 -22.05 -22.67 26.69
CA GLY D 11 -20.75 -22.09 26.94
C GLY D 11 -20.65 -21.54 28.35
N ALA D 12 -19.85 -22.20 29.19
CA ALA D 12 -19.67 -21.77 30.56
C ALA D 12 -18.29 -21.15 30.77
N GLY D 13 -17.94 -20.19 29.91
CA GLY D 13 -16.63 -19.56 29.94
C GLY D 13 -16.59 -18.19 30.58
N TYR D 14 -15.66 -17.36 30.11
CA TYR D 14 -15.48 -16.02 30.66
C TYR D 14 -16.62 -15.09 30.25
N VAL D 15 -17.28 -15.41 29.14
CA VAL D 15 -18.41 -14.62 28.67
C VAL D 15 -19.73 -15.26 29.09
N GLY D 16 -19.87 -16.55 28.84
CA GLY D 16 -21.09 -17.28 29.17
C GLY D 16 -21.44 -17.25 30.66
N GLY D 17 -20.47 -17.61 31.50
CA GLY D 17 -20.68 -17.69 32.94
C GLY D 17 -21.18 -16.41 33.61
N PRO D 18 -20.35 -15.36 33.62
CA PRO D 18 -20.70 -14.07 34.26
C PRO D 18 -21.95 -13.41 33.70
N THR D 19 -22.14 -13.47 32.39
CA THR D 19 -23.29 -12.83 31.75
C THR D 19 -24.61 -13.40 32.30
N CYS D 20 -24.72 -14.72 32.35
CA CYS D 20 -25.93 -15.39 32.82
C CYS D 20 -26.15 -15.22 34.32
N SER D 21 -25.07 -15.11 35.08
CA SER D 21 -25.16 -14.91 36.52
C SER D 21 -25.77 -13.55 36.83
N VAL D 22 -25.42 -12.54 36.01
CA VAL D 22 -25.96 -11.20 36.18
C VAL D 22 -27.41 -11.14 35.70
N ILE D 23 -27.71 -11.84 34.61
CA ILE D 23 -29.07 -11.91 34.10
C ILE D 23 -30.02 -12.56 35.12
N ALA D 24 -29.59 -13.69 35.68
CA ALA D 24 -30.37 -14.38 36.70
C ALA D 24 -30.54 -13.50 37.94
N HIS D 25 -29.50 -12.73 38.23
CA HIS D 25 -29.49 -11.83 39.37
C HIS D 25 -30.48 -10.67 39.21
N MET D 26 -30.58 -10.15 37.99
CA MET D 26 -31.41 -8.99 37.71
C MET D 26 -32.83 -9.39 37.32
N CYS D 27 -32.99 -10.61 36.85
CA CYS D 27 -34.30 -11.10 36.42
C CYS D 27 -34.66 -12.37 37.19
N PRO D 28 -35.16 -12.19 38.43
CA PRO D 28 -35.48 -13.32 39.32
C PRO D 28 -36.59 -14.21 38.75
N GLU D 29 -37.38 -13.66 37.84
CA GLU D 29 -38.49 -14.39 37.23
C GLU D 29 -38.02 -15.28 36.08
N ILE D 30 -36.76 -15.12 35.69
CA ILE D 30 -36.21 -15.88 34.56
C ILE D 30 -35.29 -17.01 35.03
N ARG D 31 -35.57 -18.22 34.56
CA ARG D 31 -34.74 -19.38 34.87
C ARG D 31 -33.58 -19.49 33.89
N VAL D 32 -32.36 -19.36 34.40
CA VAL D 32 -31.18 -19.34 33.55
C VAL D 32 -30.30 -20.57 33.76
N THR D 33 -30.13 -21.36 32.71
CA THR D 33 -29.37 -22.60 32.78
C THR D 33 -28.11 -22.55 31.92
N VAL D 34 -26.95 -22.52 32.57
CA VAL D 34 -25.68 -22.53 31.87
C VAL D 34 -25.19 -23.97 31.69
N VAL D 35 -24.98 -24.37 30.44
CA VAL D 35 -24.60 -25.75 30.14
C VAL D 35 -23.25 -25.88 29.42
N ASP D 36 -22.54 -26.96 29.70
CA ASP D 36 -21.24 -27.19 29.08
C ASP D 36 -20.93 -28.69 28.98
N VAL D 37 -20.21 -29.05 27.92
CA VAL D 37 -19.80 -30.44 27.72
C VAL D 37 -18.73 -30.81 28.74
N ASN D 38 -17.99 -29.81 29.20
CA ASN D 38 -16.97 -30.00 30.21
C ASN D 38 -17.57 -30.16 31.59
N GLU D 39 -17.60 -31.39 32.09
CA GLU D 39 -18.18 -31.67 33.40
C GLU D 39 -17.34 -31.08 34.52
N SER D 40 -16.02 -31.12 34.34
CA SER D 40 -15.09 -30.56 35.32
C SER D 40 -15.34 -29.08 35.56
N ARG D 41 -15.65 -28.36 34.49
CA ARG D 41 -15.94 -26.93 34.59
C ARG D 41 -17.30 -26.70 35.25
N ILE D 42 -18.31 -27.45 34.82
CA ILE D 42 -19.66 -27.33 35.36
C ILE D 42 -19.70 -27.62 36.87
N ASN D 43 -18.95 -28.63 37.29
CA ASN D 43 -18.85 -28.95 38.71
C ASN D 43 -18.21 -27.80 39.49
N ALA D 44 -17.21 -27.17 38.87
CA ALA D 44 -16.50 -26.05 39.50
C ALA D 44 -17.41 -24.83 39.66
N TRP D 45 -18.41 -24.71 38.79
CA TRP D 45 -19.39 -23.64 38.91
C TRP D 45 -20.32 -23.85 40.10
N ASN D 46 -20.65 -25.11 40.38
CA ASN D 46 -21.48 -25.43 41.53
C ASN D 46 -20.63 -25.64 42.78
N SER D 47 -19.32 -25.48 42.63
CA SER D 47 -18.38 -25.62 43.74
C SER D 47 -18.15 -24.26 44.40
N PRO D 48 -17.54 -24.24 45.59
CA PRO D 48 -17.20 -22.96 46.23
C PRO D 48 -15.98 -22.28 45.60
N THR D 49 -15.30 -22.97 44.69
CA THR D 49 -14.17 -22.38 43.98
C THR D 49 -14.44 -22.34 42.48
N LEU D 50 -15.01 -21.23 42.04
CA LEU D 50 -15.40 -21.05 40.64
C LEU D 50 -14.22 -21.25 39.69
N PRO D 51 -14.49 -21.79 38.49
CA PRO D 51 -13.42 -22.14 37.55
C PRO D 51 -12.71 -20.93 36.96
N ILE D 52 -13.26 -19.73 37.15
CA ILE D 52 -12.61 -18.51 36.69
C ILE D 52 -12.54 -17.47 37.81
N TYR D 53 -11.46 -16.68 37.81
CA TYR D 53 -11.37 -15.58 38.74
C TYR D 53 -11.95 -14.31 38.13
N GLU D 54 -12.97 -13.79 38.77
CA GLU D 54 -13.62 -12.57 38.33
C GLU D 54 -14.14 -11.88 39.58
N PRO D 55 -13.65 -10.66 39.85
CA PRO D 55 -14.04 -9.91 41.05
C PRO D 55 -15.56 -9.76 41.19
N GLY D 56 -16.10 -10.31 42.28
CA GLY D 56 -17.51 -10.16 42.59
C GLY D 56 -18.42 -11.20 41.96
N LEU D 57 -17.83 -12.16 41.25
CA LEU D 57 -18.61 -13.16 40.53
C LEU D 57 -19.24 -14.18 41.46
N LYS D 58 -18.47 -14.65 42.44
CA LYS D 58 -18.94 -15.67 43.36
C LYS D 58 -20.13 -15.17 44.18
N GLU D 59 -20.06 -13.91 44.59
CA GLU D 59 -21.17 -13.28 45.30
C GLU D 59 -22.43 -13.23 44.43
N VAL D 60 -22.26 -12.85 43.18
CA VAL D 60 -23.37 -12.79 42.23
C VAL D 60 -23.92 -14.19 41.91
N VAL D 61 -23.00 -15.13 41.67
CA VAL D 61 -23.39 -16.52 41.39
C VAL D 61 -24.16 -17.13 42.55
N GLU D 62 -23.61 -17.01 43.76
CA GLU D 62 -24.22 -17.60 44.94
C GLU D 62 -25.53 -16.94 45.34
N SER D 63 -25.73 -15.69 44.92
CA SER D 63 -26.99 -15.01 45.16
C SER D 63 -28.18 -15.67 44.44
N CYS D 64 -27.97 -16.05 43.18
CA CYS D 64 -29.05 -16.60 42.36
C CYS D 64 -28.94 -18.08 42.01
N ARG D 65 -27.87 -18.74 42.44
CA ARG D 65 -27.66 -20.15 42.08
C ARG D 65 -28.69 -21.06 42.73
N GLY D 66 -29.12 -22.11 42.02
CA GLY D 66 -30.03 -23.07 42.60
C GLY D 66 -31.44 -22.51 42.73
N LYS D 67 -31.59 -21.21 42.50
CA LYS D 67 -32.88 -20.54 42.54
C LYS D 67 -33.39 -20.32 41.12
N ASN D 68 -32.69 -19.48 40.37
CA ASN D 68 -32.99 -19.31 38.94
C ASN D 68 -31.75 -19.45 38.07
N LEU D 69 -30.60 -19.61 38.71
CA LEU D 69 -29.34 -19.83 37.99
C LEU D 69 -28.85 -21.26 38.18
N PHE D 70 -28.65 -21.98 37.08
CA PHE D 70 -28.24 -23.37 37.15
C PHE D 70 -27.07 -23.70 36.21
N PHE D 71 -26.15 -24.51 36.70
CA PHE D 71 -25.04 -24.99 35.88
C PHE D 71 -25.16 -26.48 35.70
N SER D 72 -25.31 -26.94 34.47
CA SER D 72 -25.55 -28.34 34.18
C SER D 72 -24.72 -28.82 32.99
N THR D 73 -24.58 -30.13 32.86
CA THR D 73 -23.94 -30.72 31.68
C THR D 73 -25.01 -31.30 30.76
N ASN D 74 -26.25 -31.34 31.26
CA ASN D 74 -27.38 -31.79 30.47
C ASN D 74 -27.77 -30.71 29.46
N ILE D 75 -27.13 -30.75 28.30
CA ILE D 75 -27.27 -29.71 27.28
C ILE D 75 -28.59 -29.80 26.51
N ASP D 76 -28.92 -31.01 26.07
CA ASP D 76 -30.10 -31.23 25.23
C ASP D 76 -31.39 -30.84 25.93
N ASP D 77 -31.44 -31.04 27.25
CA ASP D 77 -32.62 -30.73 28.04
C ASP D 77 -32.80 -29.24 28.19
N ALA D 78 -31.71 -28.53 28.48
CA ALA D 78 -31.75 -27.09 28.66
C ALA D 78 -32.10 -26.38 27.35
N ILE D 79 -31.63 -26.93 26.24
CA ILE D 79 -31.97 -26.40 24.92
C ILE D 79 -33.46 -26.56 24.63
N LYS D 80 -33.98 -27.76 24.90
CA LYS D 80 -35.39 -28.06 24.68
C LYS D 80 -36.29 -27.19 25.56
N GLU D 81 -35.85 -26.94 26.78
CA GLU D 81 -36.60 -26.18 27.77
C GLU D 81 -36.62 -24.67 27.53
N ALA D 82 -35.63 -24.16 26.80
CA ALA D 82 -35.39 -22.73 26.72
C ALA D 82 -36.16 -21.98 25.63
N ASP D 83 -36.44 -20.71 25.89
CA ASP D 83 -37.06 -19.83 24.92
C ASP D 83 -35.99 -19.05 24.15
N LEU D 84 -34.85 -18.82 24.81
CA LEU D 84 -33.71 -18.16 24.18
C LEU D 84 -32.43 -18.97 24.44
N VAL D 85 -31.72 -19.30 23.36
CA VAL D 85 -30.46 -20.02 23.49
C VAL D 85 -29.27 -19.12 23.15
N PHE D 86 -28.36 -18.98 24.10
CA PHE D 86 -27.14 -18.20 23.91
C PHE D 86 -26.01 -19.06 23.38
N ILE D 87 -25.21 -18.50 22.48
CA ILE D 87 -24.00 -19.16 22.01
C ILE D 87 -22.80 -18.24 22.27
N SER D 88 -21.90 -18.68 23.13
CA SER D 88 -20.77 -17.87 23.58
C SER D 88 -19.46 -18.22 22.87
N ALA D 111 -22.17 -25.91 13.48
CA ALA D 111 -21.93 -27.22 14.08
C ALA D 111 -22.64 -27.33 15.43
N CYS D 112 -22.76 -26.19 16.11
CA CYS D 112 -23.45 -26.13 17.38
C CYS D 112 -24.93 -25.84 17.10
N ALA D 113 -25.21 -25.37 15.90
CA ALA D 113 -26.57 -25.10 15.46
C ALA D 113 -27.27 -26.41 15.17
N ARG D 114 -26.48 -27.44 14.91
CA ARG D 114 -27.01 -28.77 14.63
C ARG D 114 -27.62 -29.38 15.89
N ARG D 115 -26.92 -29.27 17.01
CA ARG D 115 -27.40 -29.80 18.28
C ARG D 115 -28.63 -29.04 18.77
N ILE D 116 -28.75 -27.78 18.39
CA ILE D 116 -29.91 -26.97 18.73
C ILE D 116 -31.16 -27.48 18.01
N VAL D 117 -31.03 -27.70 16.70
CA VAL D 117 -32.13 -28.24 15.90
C VAL D 117 -32.64 -29.58 16.41
N GLN D 118 -31.71 -30.49 16.73
CA GLN D 118 -32.07 -31.83 17.18
C GLN D 118 -32.87 -31.83 18.48
N ASN D 119 -32.77 -30.75 19.24
CA ASN D 119 -33.45 -30.66 20.53
C ASN D 119 -34.40 -29.49 20.67
N SER D 120 -34.85 -28.92 19.56
CA SER D 120 -35.75 -27.78 19.61
C SER D 120 -37.03 -27.99 18.81
N ASN D 121 -38.13 -27.50 19.37
CA ASN D 121 -39.42 -27.51 18.70
C ASN D 121 -40.15 -26.19 18.92
N GLY D 122 -40.84 -25.72 17.87
CA GLY D 122 -41.59 -24.49 17.97
C GLY D 122 -40.75 -23.23 17.85
N TYR D 123 -41.10 -22.23 18.64
CA TYR D 123 -40.42 -20.93 18.58
C TYR D 123 -39.33 -20.82 19.64
N LYS D 124 -38.10 -20.62 19.18
CA LYS D 124 -36.98 -20.34 20.07
C LYS D 124 -36.08 -19.28 19.44
N ILE D 125 -35.44 -18.47 20.29
CA ILE D 125 -34.53 -17.43 19.80
C ILE D 125 -33.07 -17.85 20.02
N VAL D 126 -32.29 -17.87 18.96
CA VAL D 126 -30.88 -18.25 19.06
C VAL D 126 -30.00 -17.02 18.91
N THR D 127 -29.22 -16.71 19.94
CA THR D 127 -28.46 -15.47 19.98
C THR D 127 -26.94 -15.68 20.05
N GLU D 128 -26.23 -15.10 19.09
CA GLU D 128 -24.77 -15.20 19.05
C GLU D 128 -24.11 -14.09 19.86
N LYS D 129 -23.24 -14.47 20.78
CA LYS D 129 -22.51 -13.50 21.60
C LYS D 129 -21.04 -13.35 21.21
N SER D 130 -20.51 -14.34 20.48
CA SER D 130 -19.09 -14.31 20.15
C SER D 130 -18.76 -13.41 18.96
N THR D 131 -17.63 -12.72 19.07
CA THR D 131 -17.21 -11.71 18.09
C THR D 131 -16.80 -12.29 16.74
N VAL D 132 -15.99 -13.35 16.77
CA VAL D 132 -15.60 -14.04 15.55
C VAL D 132 -15.95 -15.53 15.66
N PRO D 133 -16.19 -16.21 14.52
CA PRO D 133 -16.10 -15.80 13.12
C PRO D 133 -17.00 -14.62 12.77
N VAL D 134 -16.54 -13.83 11.80
CA VAL D 134 -17.18 -12.56 11.46
C VAL D 134 -18.67 -12.70 11.14
N ARG D 135 -19.02 -13.63 10.26
CA ARG D 135 -20.40 -13.85 9.89
C ARG D 135 -20.89 -15.12 10.55
N ALA D 136 -20.86 -15.14 11.88
CA ALA D 136 -21.26 -16.32 12.65
C ALA D 136 -22.77 -16.50 12.63
N ALA D 137 -23.49 -15.42 12.91
CA ALA D 137 -24.95 -15.46 12.95
C ALA D 137 -25.54 -15.74 11.56
N GLU D 138 -24.78 -15.36 10.53
CA GLU D 138 -25.21 -15.59 9.15
C GLU D 138 -25.03 -17.06 8.77
N SER D 139 -24.05 -17.70 9.37
CA SER D 139 -23.78 -19.12 9.11
C SER D 139 -24.78 -20.00 9.87
N ILE D 140 -25.12 -19.58 11.09
CA ILE D 140 -26.11 -20.29 11.90
C ILE D 140 -27.48 -20.29 11.23
N ARG D 141 -27.88 -19.10 10.76
CA ARG D 141 -29.15 -18.93 10.07
C ARG D 141 -29.18 -19.78 8.80
N ARG D 142 -28.02 -19.99 8.20
CA ARG D 142 -27.89 -20.79 7.00
C ARG D 142 -28.26 -22.24 7.28
N ILE D 143 -27.80 -22.75 8.43
CA ILE D 143 -28.08 -24.12 8.83
C ILE D 143 -29.56 -24.32 9.14
N PHE D 144 -30.15 -23.36 9.85
CA PHE D 144 -31.55 -23.45 10.26
C PHE D 144 -32.51 -23.49 9.07
N ASP D 145 -32.10 -22.94 7.94
CA ASP D 145 -32.91 -22.96 6.73
C ASP D 145 -32.70 -24.25 5.95
N ALA D 146 -31.62 -24.95 6.25
CA ALA D 146 -31.28 -26.19 5.54
C ALA D 146 -32.01 -27.40 6.09
N ASN D 147 -32.81 -27.17 7.13
CA ASN D 147 -33.54 -28.27 7.78
C ASN D 147 -35.06 -28.09 7.71
N ASN D 153 -39.30 -23.41 14.23
CA ASN D 153 -39.25 -21.99 13.94
C ASN D 153 -38.20 -21.25 14.80
N LEU D 154 -37.00 -21.10 14.25
CA LEU D 154 -35.89 -20.50 14.99
C LEU D 154 -35.54 -19.09 14.52
N GLN D 155 -35.25 -18.21 15.47
CA GLN D 155 -34.84 -16.85 15.14
C GLN D 155 -33.40 -16.59 15.58
N VAL D 156 -32.62 -16.00 14.69
CA VAL D 156 -31.20 -15.75 14.95
C VAL D 156 -30.90 -14.27 15.24
N LEU D 157 -30.34 -14.01 16.41
CA LEU D 157 -29.96 -12.65 16.81
C LEU D 157 -28.45 -12.53 16.99
N SER D 158 -27.96 -11.30 16.89
CA SER D 158 -26.59 -11.00 17.26
C SER D 158 -26.59 -10.12 18.51
N ASN D 159 -25.85 -10.53 19.52
CA ASN D 159 -25.75 -9.75 20.74
C ASN D 159 -24.37 -9.92 21.36
N PRO D 160 -23.39 -9.15 20.85
CA PRO D 160 -22.00 -9.21 21.29
C PRO D 160 -21.83 -8.70 22.72
N GLU D 161 -20.90 -9.32 23.45
CA GLU D 161 -20.56 -8.86 24.78
C GLU D 161 -19.65 -7.63 24.67
N PHE D 162 -19.71 -6.76 25.67
CA PHE D 162 -18.82 -5.60 25.71
C PHE D 162 -18.06 -5.57 27.03
N LEU D 163 -18.32 -6.57 27.87
CA LEU D 163 -17.60 -6.71 29.13
C LEU D 163 -16.12 -7.00 28.89
N ALA D 164 -15.27 -6.46 29.77
CA ALA D 164 -13.86 -6.79 29.77
C ALA D 164 -13.60 -7.68 30.97
N GLU D 165 -12.70 -8.64 30.83
CA GLU D 165 -12.36 -9.52 31.94
C GLU D 165 -11.61 -8.74 33.01
N GLY D 166 -11.87 -9.09 34.28
CA GLY D 166 -11.33 -8.32 35.39
C GLY D 166 -12.33 -7.34 35.95
N THR D 167 -13.19 -6.81 35.07
CA THR D 167 -14.24 -5.88 35.46
C THR D 167 -15.59 -6.33 34.89
N ALA D 168 -15.73 -7.64 34.66
CA ALA D 168 -16.91 -8.20 34.01
C ALA D 168 -18.22 -7.89 34.71
N ILE D 169 -18.24 -8.03 36.04
CA ILE D 169 -19.47 -7.83 36.81
C ILE D 169 -19.89 -6.36 36.80
N LYS D 170 -18.93 -5.47 37.01
CA LYS D 170 -19.17 -4.04 36.98
C LYS D 170 -19.63 -3.56 35.59
N ASP D 171 -19.05 -4.14 34.54
CA ASP D 171 -19.43 -3.82 33.17
C ASP D 171 -20.83 -4.32 32.83
N LEU D 172 -21.18 -5.50 33.32
CA LEU D 172 -22.47 -6.11 33.02
C LEU D 172 -23.63 -5.43 33.75
N LYS D 173 -23.36 -4.91 34.95
CA LYS D 173 -24.39 -4.25 35.74
C LYS D 173 -24.67 -2.82 35.27
N ASN D 174 -23.65 -2.17 34.69
CA ASN D 174 -23.81 -0.85 34.13
C ASN D 174 -23.01 -0.64 32.85
N PRO D 175 -23.46 -1.24 31.74
CA PRO D 175 -22.73 -1.15 30.47
C PRO D 175 -22.92 0.20 29.79
N ASP D 176 -21.95 0.59 28.96
CA ASP D 176 -22.02 1.84 28.21
C ASP D 176 -23.12 1.73 27.17
N ARG D 177 -23.26 0.53 26.59
CA ARG D 177 -24.35 0.25 25.68
C ARG D 177 -24.56 -1.24 25.46
N VAL D 178 -25.79 -1.62 25.11
CA VAL D 178 -26.11 -2.98 24.73
C VAL D 178 -26.42 -2.98 23.24
N LEU D 179 -25.86 -3.93 22.51
CA LEU D 179 -26.03 -4.00 21.07
C LEU D 179 -26.75 -5.28 20.67
N ILE D 180 -27.93 -5.12 20.07
CA ILE D 180 -28.73 -6.25 19.62
C ILE D 180 -29.04 -6.14 18.13
N GLY D 181 -28.70 -7.18 17.37
CA GLY D 181 -28.94 -7.18 15.94
C GLY D 181 -29.85 -8.32 15.50
N GLY D 182 -30.82 -7.99 14.64
CA GLY D 182 -31.73 -8.99 14.12
C GLY D 182 -32.29 -8.58 12.76
N ASP D 183 -32.92 -9.53 12.07
CA ASP D 183 -33.49 -9.28 10.76
C ASP D 183 -34.54 -8.18 10.79
N GLU D 184 -34.60 -7.39 9.73
CA GLU D 184 -35.62 -6.36 9.63
C GLU D 184 -36.91 -6.93 9.05
N THR D 185 -37.40 -7.98 9.70
CA THR D 185 -38.66 -8.61 9.36
C THR D 185 -39.56 -8.55 10.60
N PRO D 186 -40.87 -8.76 10.43
CA PRO D 186 -41.76 -8.77 11.60
C PRO D 186 -41.33 -9.78 12.67
N GLU D 187 -40.83 -10.93 12.24
CA GLU D 187 -40.39 -11.96 13.17
C GLU D 187 -39.06 -11.58 13.81
N GLY D 188 -38.22 -10.87 13.06
CA GLY D 188 -36.92 -10.45 13.54
C GLY D 188 -37.01 -9.41 14.63
N GLN D 189 -37.84 -8.39 14.41
CA GLN D 189 -38.02 -7.32 15.37
C GLN D 189 -38.76 -7.80 16.62
N ARG D 190 -39.53 -8.87 16.45
CA ARG D 190 -40.27 -9.46 17.57
C ARG D 190 -39.31 -10.19 18.49
N ALA D 191 -38.32 -10.85 17.91
CA ALA D 191 -37.28 -11.52 18.68
C ALA D 191 -36.33 -10.52 19.31
N VAL D 192 -35.98 -9.47 18.55
CA VAL D 192 -35.10 -8.41 19.04
C VAL D 192 -35.68 -7.75 20.29
N GLN D 193 -36.97 -7.40 20.22
CA GLN D 193 -37.60 -6.72 21.34
C GLN D 193 -37.83 -7.66 22.53
N ALA D 194 -37.90 -8.96 22.24
CA ALA D 194 -38.02 -9.97 23.28
C ALA D 194 -36.73 -10.04 24.10
N LEU D 195 -35.61 -9.81 23.43
CA LEU D 195 -34.30 -9.79 24.10
C LEU D 195 -34.07 -8.45 24.79
N CYS D 196 -34.57 -7.38 24.18
CA CYS D 196 -34.50 -6.06 24.81
C CYS D 196 -35.23 -6.07 26.14
N ALA D 197 -36.34 -6.78 26.17
CA ALA D 197 -37.19 -6.88 27.36
C ALA D 197 -36.43 -7.44 28.54
N VAL D 198 -35.47 -8.32 28.27
CA VAL D 198 -34.66 -8.92 29.31
C VAL D 198 -33.71 -7.90 29.92
N TYR D 199 -32.99 -7.18 29.07
CA TYR D 199 -32.00 -6.20 29.51
C TYR D 199 -32.63 -5.01 30.21
N GLU D 200 -33.87 -4.69 29.83
CA GLU D 200 -34.56 -3.52 30.37
C GLU D 200 -34.90 -3.66 31.86
N HIS D 201 -34.65 -4.84 32.42
CA HIS D 201 -34.81 -5.05 33.86
C HIS D 201 -33.79 -4.24 34.65
N TRP D 202 -32.66 -3.92 34.03
CA TRP D 202 -31.62 -3.15 34.70
C TRP D 202 -30.84 -2.21 33.79
N VAL D 203 -31.01 -2.36 32.48
CA VAL D 203 -30.37 -1.47 31.53
C VAL D 203 -31.39 -0.51 30.93
N PRO D 204 -31.12 0.80 31.04
CA PRO D 204 -31.98 1.85 30.48
C PRO D 204 -32.19 1.66 28.99
N ARG D 205 -33.37 2.03 28.50
CA ARG D 205 -33.67 1.93 27.06
C ARG D 205 -32.72 2.79 26.25
N GLU D 206 -32.22 3.86 26.87
CA GLU D 206 -31.35 4.82 26.22
C GLU D 206 -29.97 4.22 25.87
N LYS D 207 -29.61 3.15 26.56
CA LYS D 207 -28.32 2.51 26.36
C LYS D 207 -28.40 1.27 25.47
N ILE D 208 -29.59 0.90 25.03
CA ILE D 208 -29.75 -0.28 24.19
C ILE D 208 -29.87 0.11 22.72
N LEU D 209 -28.97 -0.43 21.89
CA LEU D 209 -29.00 -0.16 20.46
C LEU D 209 -29.52 -1.36 19.67
N THR D 210 -30.50 -1.13 18.83
CA THR D 210 -31.04 -2.18 17.97
C THR D 210 -30.73 -1.87 16.51
N THR D 211 -30.36 -2.91 15.77
CA THR D 211 -30.00 -2.75 14.37
C THR D 211 -30.14 -4.10 13.67
N ASN D 212 -29.65 -4.22 12.45
CA ASN D 212 -29.67 -5.50 11.75
C ASN D 212 -28.53 -6.40 12.22
N THR D 213 -28.56 -7.66 11.82
CA THR D 213 -27.59 -8.65 12.29
C THR D 213 -26.15 -8.27 11.96
N TRP D 214 -25.92 -7.87 10.71
CA TRP D 214 -24.57 -7.57 10.26
C TRP D 214 -23.99 -6.29 10.86
N SER D 215 -24.80 -5.23 10.92
CA SER D 215 -24.34 -3.96 11.46
C SER D 215 -23.92 -4.10 12.92
N SER D 216 -24.55 -5.04 13.61
CA SER D 216 -24.20 -5.34 14.99
C SER D 216 -22.87 -6.08 15.07
N GLU D 217 -22.67 -7.01 14.14
CA GLU D 217 -21.42 -7.78 14.08
C GLU D 217 -20.25 -6.90 13.70
N LEU D 218 -20.45 -6.06 12.69
CA LEU D 218 -19.43 -5.14 12.23
C LEU D 218 -19.08 -4.12 13.30
N SER D 219 -20.10 -3.62 14.01
CA SER D 219 -19.89 -2.63 15.05
C SER D 219 -19.00 -3.12 16.19
N LYS D 220 -19.22 -4.36 16.62
CA LYS D 220 -18.41 -4.97 17.68
C LYS D 220 -16.99 -5.18 17.19
N LEU D 221 -16.87 -5.65 15.96
CA LEU D 221 -15.57 -5.94 15.36
C LEU D 221 -14.72 -4.67 15.27
N ALA D 222 -15.35 -3.59 14.82
CA ALA D 222 -14.66 -2.31 14.65
C ALA D 222 -14.30 -1.66 16.00
N ALA D 223 -15.20 -1.79 16.99
CA ALA D 223 -14.97 -1.20 18.30
C ALA D 223 -13.72 -1.77 18.97
N ASN D 224 -13.57 -3.09 18.93
CA ASN D 224 -12.39 -3.74 19.49
C ASN D 224 -11.12 -3.35 18.76
N ALA D 225 -11.24 -3.11 17.46
CA ALA D 225 -10.11 -2.67 16.64
C ALA D 225 -9.69 -1.24 16.98
N PHE D 226 -10.66 -0.37 17.24
CA PHE D 226 -10.38 0.99 17.70
C PHE D 226 -9.68 0.98 19.05
N LEU D 227 -10.13 0.09 19.94
CA LEU D 227 -9.53 -0.06 21.26
C LEU D 227 -8.08 -0.53 21.17
N ALA D 228 -7.86 -1.57 20.38
CA ALA D 228 -6.52 -2.12 20.21
C ALA D 228 -5.60 -1.10 19.56
N GLN D 229 -6.16 -0.28 18.66
CA GLN D 229 -5.40 0.71 17.95
C GLN D 229 -4.87 1.79 18.88
N ARG D 230 -5.68 2.16 19.88
CA ARG D 230 -5.27 3.16 20.85
C ARG D 230 -4.03 2.73 21.62
N ILE D 231 -3.98 1.44 21.95
CA ILE D 231 -2.85 0.88 22.68
C ILE D 231 -1.60 0.83 21.81
N SER D 232 -1.74 0.41 20.56
CA SER D 232 -0.61 0.36 19.64
C SER D 232 -0.09 1.76 19.34
N SER D 233 -0.99 2.73 19.27
CA SER D 233 -0.60 4.11 18.99
C SER D 233 0.19 4.71 20.14
N ILE D 234 -0.24 4.46 21.37
CA ILE D 234 0.46 4.98 22.53
C ILE D 234 1.75 4.19 22.80
N ASN D 235 1.77 2.92 22.37
CA ASN D 235 2.98 2.11 22.46
C ASN D 235 4.03 2.55 21.45
N SER D 236 3.57 3.01 20.29
CA SER D 236 4.48 3.51 19.26
C SER D 236 5.12 4.81 19.75
N ILE D 237 4.35 5.60 20.48
CA ILE D 237 4.84 6.84 21.06
C ILE D 237 5.83 6.58 22.20
N SER D 238 5.60 5.49 22.93
CA SER D 238 6.51 5.09 24.00
C SER D 238 7.89 4.75 23.46
N ALA D 239 7.93 4.20 22.24
CA ALA D 239 9.20 3.91 21.58
C ALA D 239 9.90 5.20 21.19
N LEU D 240 9.10 6.19 20.77
CA LEU D 240 9.61 7.50 20.40
C LEU D 240 10.15 8.25 21.61
N CYS D 241 9.51 8.03 22.76
CA CYS D 241 9.92 8.65 24.02
C CYS D 241 11.25 8.09 24.53
N GLU D 242 11.39 6.78 24.47
CA GLU D 242 12.64 6.14 24.90
C GLU D 242 13.80 6.62 24.03
N ALA D 243 13.51 6.84 22.76
CA ALA D 243 14.52 7.24 21.79
C ALA D 243 14.91 8.70 21.93
N THR D 244 14.03 9.52 22.50
CA THR D 244 14.26 10.96 22.54
C THR D 244 14.35 11.55 23.95
N GLY D 245 14.17 10.71 24.97
CA GLY D 245 14.25 11.17 26.34
C GLY D 245 13.03 11.92 26.82
N ALA D 246 11.86 11.55 26.31
CA ALA D 246 10.60 12.07 26.82
C ALA D 246 9.95 11.00 27.67
N ASP D 247 8.86 11.35 28.37
CA ASP D 247 8.15 10.38 29.19
C ASP D 247 6.79 10.13 28.58
N VAL D 248 6.46 8.86 28.33
CA VAL D 248 5.21 8.52 27.66
C VAL D 248 3.98 8.80 28.52
N GLU D 249 4.10 8.69 29.84
CA GLU D 249 2.97 8.98 30.72
C GLU D 249 2.71 10.48 30.78
N GLU D 250 3.76 11.28 30.61
CA GLU D 250 3.61 12.72 30.51
C GLU D 250 2.96 13.10 29.18
N VAL D 251 3.42 12.48 28.10
CA VAL D 251 2.85 12.71 26.78
C VAL D 251 1.40 12.25 26.71
N ALA D 252 1.12 11.06 27.23
CA ALA D 252 -0.23 10.50 27.22
C ALA D 252 -1.22 11.36 27.99
N THR D 253 -0.74 12.02 29.04
CA THR D 253 -1.59 12.91 29.83
C THR D 253 -2.02 14.12 29.00
N ALA D 254 -1.06 14.71 28.28
CA ALA D 254 -1.34 15.86 27.44
C ALA D 254 -2.28 15.52 26.29
N ILE D 255 -2.08 14.34 25.70
CA ILE D 255 -2.94 13.85 24.64
C ILE D 255 -4.34 13.62 25.19
N GLY D 256 -4.40 12.99 26.35
CA GLY D 256 -5.66 12.61 26.97
C GLY D 256 -6.56 13.76 27.42
N MET D 257 -5.98 14.94 27.60
CA MET D 257 -6.75 16.10 28.04
C MET D 257 -7.62 16.69 26.93
N ASP D 258 -7.31 16.33 25.69
CA ASP D 258 -8.20 16.67 24.57
C ASP D 258 -9.43 15.77 24.66
N GLN D 259 -10.59 16.38 24.80
CA GLN D 259 -11.83 15.62 24.97
C GLN D 259 -12.26 14.91 23.69
N ARG D 260 -11.68 15.32 22.57
CA ARG D 260 -11.94 14.68 21.28
C ARG D 260 -11.21 13.34 21.20
N ILE D 261 -10.16 13.20 21.99
CA ILE D 261 -9.39 11.96 22.01
C ILE D 261 -9.75 11.09 23.21
N GLY D 262 -9.88 11.71 24.38
CA GLY D 262 -10.22 10.99 25.60
C GLY D 262 -8.99 10.53 26.34
N ASN D 263 -9.14 10.23 27.63
CA ASN D 263 -8.00 9.85 28.46
C ASN D 263 -7.88 8.36 28.77
N LYS D 264 -8.84 7.57 28.28
CA LYS D 264 -8.86 6.14 28.56
C LYS D 264 -8.08 5.34 27.52
N PHE D 265 -7.62 4.17 27.91
CA PHE D 265 -6.87 3.27 27.03
C PHE D 265 -5.63 3.91 26.41
N LEU D 266 -4.95 4.74 27.20
CA LEU D 266 -3.71 5.37 26.79
C LEU D 266 -2.54 4.96 27.68
N LYS D 267 -2.58 3.74 28.20
CA LYS D 267 -1.53 3.25 29.09
C LYS D 267 -0.55 2.35 28.35
N ALA D 268 0.66 2.86 28.12
CA ALA D 268 1.69 2.11 27.42
C ALA D 268 2.04 0.84 28.18
N SER D 269 2.25 -0.25 27.43
CA SER D 269 2.51 -1.54 28.04
C SER D 269 3.46 -2.35 27.20
N VAL D 270 3.79 -3.54 27.69
CA VAL D 270 4.63 -4.48 26.96
C VAL D 270 3.89 -4.95 25.71
N GLY D 271 2.57 -4.82 25.71
CA GLY D 271 1.75 -5.17 24.57
C GLY D 271 0.40 -5.68 25.04
N PHE D 272 -0.64 -5.48 24.24
CA PHE D 272 -1.96 -5.97 24.61
C PHE D 272 -2.09 -7.48 24.41
N GLY D 273 -2.90 -8.11 25.25
CA GLY D 273 -3.17 -9.53 25.13
C GLY D 273 -4.66 -9.77 25.13
N GLY D 274 -5.05 -11.00 25.44
CA GLY D 274 -6.45 -11.35 25.48
C GLY D 274 -6.89 -12.16 24.27
N SER D 275 -7.98 -12.91 24.43
CA SER D 275 -8.49 -13.76 23.37
C SER D 275 -9.04 -12.95 22.19
N CYS D 276 -9.48 -11.73 22.45
CA CYS D 276 -10.26 -10.99 21.45
C CYS D 276 -9.52 -9.98 20.56
N PHE D 277 -8.64 -9.16 21.12
CA PHE D 277 -8.03 -8.06 20.36
C PHE D 277 -7.29 -8.45 19.07
N GLN D 278 -6.28 -9.31 19.19
CA GLN D 278 -5.54 -9.75 18.01
C GLN D 278 -6.40 -10.56 17.05
N LYS D 279 -7.24 -11.43 17.60
CA LYS D 279 -8.16 -12.24 16.83
C LYS D 279 -9.13 -11.38 16.02
N ASP D 280 -9.71 -10.38 16.67
CA ASP D 280 -10.65 -9.46 16.01
C ASP D 280 -9.98 -8.65 14.90
N VAL D 281 -8.80 -8.10 15.18
CA VAL D 281 -8.07 -7.30 14.20
C VAL D 281 -7.67 -8.15 12.99
N LEU D 282 -7.20 -9.36 13.26
CA LEU D 282 -6.84 -10.27 12.18
C LEU D 282 -8.05 -10.70 11.36
N ASN D 283 -9.18 -10.95 12.02
CA ASN D 283 -10.42 -11.28 11.33
C ASN D 283 -10.96 -10.10 10.52
N LEU D 284 -10.67 -8.90 10.99
CA LEU D 284 -11.02 -7.68 10.26
C LEU D 284 -10.19 -7.58 8.99
N VAL D 285 -8.90 -7.89 9.11
CA VAL D 285 -7.96 -7.90 7.98
C VAL D 285 -8.37 -8.90 6.91
N TYR D 286 -8.81 -10.08 7.34
CA TYR D 286 -9.23 -11.15 6.43
C TYR D 286 -10.51 -10.79 5.67
N LEU D 287 -11.46 -10.19 6.37
CA LEU D 287 -12.71 -9.74 5.76
C LEU D 287 -12.41 -8.70 4.67
N CYS D 288 -11.50 -7.79 4.97
CA CYS D 288 -11.13 -6.73 4.04
C CYS D 288 -10.48 -7.29 2.78
N GLU D 289 -9.60 -8.27 2.95
CA GLU D 289 -8.96 -8.91 1.80
C GLU D 289 -9.98 -9.74 1.02
N ALA D 290 -10.94 -10.32 1.73
CA ALA D 290 -12.01 -11.09 1.11
C ALA D 290 -12.91 -10.20 0.26
N LEU D 291 -12.99 -8.93 0.63
CA LEU D 291 -13.84 -7.96 -0.05
C LEU D 291 -13.06 -7.09 -1.02
N ASN D 292 -11.83 -7.49 -1.33
CA ASN D 292 -10.95 -6.72 -2.19
C ASN D 292 -10.71 -5.31 -1.71
N LEU D 293 -10.42 -5.18 -0.41
CA LEU D 293 -10.07 -3.89 0.17
C LEU D 293 -8.68 -3.95 0.80
N PRO D 294 -7.64 -4.12 -0.04
CA PRO D 294 -6.29 -4.37 0.47
C PRO D 294 -5.66 -3.21 1.24
N GLU D 295 -6.06 -1.97 0.94
CA GLU D 295 -5.55 -0.84 1.70
C GLU D 295 -6.11 -0.80 3.11
N VAL D 296 -7.40 -1.12 3.24
CA VAL D 296 -8.01 -1.19 4.56
C VAL D 296 -7.43 -2.36 5.35
N ALA D 297 -7.03 -3.40 4.64
CA ALA D 297 -6.39 -4.57 5.25
C ALA D 297 -5.01 -4.21 5.82
N ARG D 298 -4.25 -3.43 5.06
CA ARG D 298 -2.91 -3.03 5.49
C ARG D 298 -2.95 -1.97 6.58
N TYR D 299 -4.02 -1.19 6.60
CA TYR D 299 -4.22 -0.17 7.61
C TYR D 299 -4.37 -0.78 9.00
N TRP D 300 -5.20 -1.80 9.11
CA TRP D 300 -5.49 -2.44 10.39
C TRP D 300 -4.43 -3.48 10.78
N GLN D 301 -3.71 -3.99 9.79
CA GLN D 301 -2.62 -4.92 10.05
C GLN D 301 -1.55 -4.26 10.92
N GLN D 302 -1.36 -2.95 10.73
CA GLN D 302 -0.35 -2.20 11.47
C GLN D 302 -0.56 -2.21 12.98
N VAL D 303 -1.82 -2.39 13.40
CA VAL D 303 -2.13 -2.49 14.82
C VAL D 303 -1.47 -3.72 15.42
N ILE D 304 -1.49 -4.82 14.68
CA ILE D 304 -0.86 -6.06 15.10
C ILE D 304 0.65 -5.97 14.99
N ASP D 305 1.12 -5.40 13.88
CA ASP D 305 2.55 -5.24 13.64
C ASP D 305 3.22 -4.44 14.77
N MET D 306 2.58 -3.35 15.18
CA MET D 306 3.10 -2.51 16.24
C MET D 306 3.13 -3.24 17.57
N ASN D 307 2.09 -4.03 17.83
CA ASN D 307 2.00 -4.79 19.07
C ASN D 307 3.11 -5.84 19.20
N ASP D 308 3.36 -6.56 18.10
CA ASP D 308 4.42 -7.57 18.09
C ASP D 308 5.78 -6.91 18.22
N TYR D 309 5.89 -5.72 17.65
CA TYR D 309 7.12 -4.95 17.71
C TYR D 309 7.41 -4.51 19.14
N GLN D 310 6.38 -4.00 19.82
CA GLN D 310 6.51 -3.56 21.20
C GLN D 310 7.01 -4.68 22.11
N ARG D 311 6.54 -5.90 21.86
CA ARG D 311 6.96 -7.08 22.62
C ARG D 311 8.42 -7.44 22.37
N ARG D 312 8.81 -7.49 21.10
CA ARG D 312 10.19 -7.80 20.74
C ARG D 312 11.12 -6.71 21.28
N ARG D 313 10.64 -5.47 21.25
CA ARG D 313 11.43 -4.33 21.68
C ARG D 313 11.69 -4.37 23.18
N PHE D 314 10.70 -4.85 23.92
CA PHE D 314 10.82 -4.95 25.38
C PHE D 314 11.76 -6.08 25.77
N ALA D 315 11.63 -7.22 25.11
CA ALA D 315 12.51 -8.36 25.36
C ALA D 315 13.95 -8.04 25.02
N SER D 316 14.14 -7.30 23.93
CA SER D 316 15.47 -6.87 23.48
C SER D 316 16.16 -5.94 24.49
N ARG D 317 15.36 -5.08 25.11
CA ARG D 317 15.86 -4.13 26.10
C ARG D 317 16.33 -4.88 27.35
N ILE D 318 15.68 -6.00 27.64
CA ILE D 318 16.04 -6.86 28.76
C ILE D 318 17.37 -7.57 28.48
N ILE D 319 17.44 -8.24 27.34
CA ILE D 319 18.64 -8.96 26.93
C ILE D 319 19.85 -8.01 26.82
N ASP D 320 19.60 -6.81 26.31
CA ASP D 320 20.67 -5.83 26.10
C ASP D 320 21.19 -5.25 27.41
N SER D 321 20.31 -5.08 28.39
CA SER D 321 20.69 -4.53 29.68
C SER D 321 21.47 -5.53 30.52
N LEU D 322 21.36 -6.81 30.16
CA LEU D 322 22.06 -7.88 30.87
C LEU D 322 23.28 -8.35 30.08
N PHE D 323 24.07 -7.40 29.59
CA PHE D 323 25.32 -7.69 28.89
C PHE D 323 25.12 -8.59 27.68
N LYS D 329 21.25 -17.23 33.47
CA LYS D 329 20.92 -16.12 34.38
C LYS D 329 19.48 -16.23 34.87
N LYS D 330 19.29 -16.11 36.19
CA LYS D 330 17.97 -16.21 36.77
C LYS D 330 17.17 -14.92 36.57
N ILE D 331 15.94 -15.06 36.07
CA ILE D 331 15.07 -13.92 35.83
C ILE D 331 13.71 -14.19 36.47
N ALA D 332 13.20 -13.22 37.20
CA ALA D 332 11.87 -13.33 37.79
C ALA D 332 10.84 -12.65 36.91
N ILE D 333 9.79 -13.39 36.55
CA ILE D 333 8.69 -12.84 35.77
C ILE D 333 7.47 -12.64 36.65
N LEU D 334 7.16 -11.39 36.96
CA LEU D 334 6.01 -11.09 37.82
C LEU D 334 4.76 -10.76 36.99
N GLY D 335 3.81 -11.67 37.00
CA GLY D 335 2.56 -11.48 36.29
C GLY D 335 2.54 -12.28 35.00
N PHE D 336 1.54 -13.16 34.88
CA PHE D 336 1.41 -13.98 33.68
C PHE D 336 0.06 -13.78 32.99
N ALA D 337 -0.93 -13.30 33.74
CA ALA D 337 -2.24 -12.98 33.17
C ALA D 337 -2.11 -11.86 32.15
N PHE D 338 -3.03 -11.81 31.19
CA PHE D 338 -2.95 -10.82 30.11
C PHE D 338 -3.32 -9.42 30.61
N LYS D 339 -3.98 -9.37 31.75
CA LYS D 339 -4.27 -8.14 32.47
C LYS D 339 -4.52 -8.50 33.93
N LYS D 340 -4.65 -7.51 34.80
CA LYS D 340 -4.84 -7.79 36.22
C LYS D 340 -6.29 -8.21 36.52
N ASP D 341 -6.47 -8.85 37.67
CA ASP D 341 -7.77 -9.28 38.17
C ASP D 341 -8.44 -10.35 37.31
N THR D 342 -7.63 -11.20 36.69
CA THR D 342 -8.12 -12.36 35.96
C THR D 342 -7.04 -13.44 35.95
N GLY D 343 -7.45 -14.69 35.78
CA GLY D 343 -6.52 -15.80 35.68
C GLY D 343 -6.31 -16.22 34.23
N ASP D 344 -6.92 -15.47 33.33
CA ASP D 344 -6.83 -15.72 31.89
C ASP D 344 -5.43 -15.37 31.36
N THR D 345 -4.86 -16.24 30.54
CA THR D 345 -3.52 -16.03 30.00
C THR D 345 -3.49 -15.97 28.48
N ARG D 346 -4.66 -16.04 27.85
CA ARG D 346 -4.73 -16.10 26.39
C ARG D 346 -4.09 -14.88 25.72
N GLU D 347 -3.09 -15.15 24.87
CA GLU D 347 -2.35 -14.13 24.14
C GLU D 347 -1.65 -13.11 25.04
N SER D 348 -1.43 -13.49 26.30
CA SER D 348 -0.73 -12.64 27.25
C SER D 348 0.67 -12.32 26.75
N SER D 349 1.07 -11.06 26.89
CA SER D 349 2.42 -10.64 26.51
C SER D 349 3.46 -11.32 27.37
N SER D 350 3.05 -11.81 28.55
CA SER D 350 3.92 -12.57 29.43
C SER D 350 4.42 -13.84 28.77
N ILE D 351 3.56 -14.48 27.99
CA ILE D 351 3.92 -15.70 27.26
C ILE D 351 5.08 -15.44 26.29
N TYR D 352 4.97 -14.36 25.52
CA TYR D 352 5.95 -14.05 24.48
C TYR D 352 7.28 -13.58 25.06
N ILE D 353 7.23 -12.73 26.07
CA ILE D 353 8.44 -12.25 26.73
C ILE D 353 9.16 -13.44 27.38
N SER D 354 8.39 -14.31 28.03
CA SER D 354 8.95 -15.51 28.64
C SER D 354 9.62 -16.40 27.59
N LYS D 355 8.93 -16.64 26.49
CA LYS D 355 9.47 -17.50 25.45
C LYS D 355 10.69 -16.88 24.77
N TYR D 356 10.70 -15.55 24.63
CA TYR D 356 11.84 -14.86 24.04
C TYR D 356 13.09 -15.03 24.91
N LEU D 357 12.91 -15.01 26.22
CA LEU D 357 14.02 -15.15 27.15
C LEU D 357 14.48 -16.61 27.27
N MET D 358 13.54 -17.55 27.26
CA MET D 358 13.86 -18.97 27.29
C MET D 358 14.69 -19.36 26.07
N ASP D 359 14.40 -18.74 24.93
CA ASP D 359 15.11 -19.03 23.69
C ASP D 359 16.54 -18.50 23.75
N GLU D 360 16.81 -17.62 24.70
CA GLU D 360 18.15 -17.12 24.93
C GLU D 360 18.79 -17.85 26.12
N GLY D 361 18.10 -18.85 26.64
CA GLY D 361 18.64 -19.72 27.66
C GLY D 361 18.50 -19.23 29.09
N ALA D 362 17.58 -18.29 29.32
CA ALA D 362 17.36 -17.76 30.66
C ALA D 362 16.62 -18.76 31.55
N HIS D 363 16.90 -18.70 32.85
CA HIS D 363 16.16 -19.48 33.83
C HIS D 363 15.07 -18.63 34.45
N LEU D 364 13.82 -18.96 34.16
CA LEU D 364 12.70 -18.15 34.59
C LEU D 364 12.06 -18.63 35.88
N HIS D 365 11.73 -17.69 36.75
CA HIS D 365 10.89 -17.95 37.91
C HIS D 365 9.63 -17.10 37.81
N ILE D 366 8.51 -17.77 37.58
CA ILE D 366 7.25 -17.10 37.26
C ILE D 366 6.27 -17.09 38.44
N TYR D 367 5.79 -15.91 38.78
CA TYR D 367 4.73 -15.79 39.78
C TYR D 367 3.53 -15.00 39.24
N ASP D 368 2.34 -15.57 39.43
CA ASP D 368 1.10 -14.86 39.20
C ASP D 368 0.11 -15.24 40.30
N PRO D 369 -0.53 -14.23 40.91
CA PRO D 369 -1.45 -14.44 42.04
C PRO D 369 -2.71 -15.25 41.75
N LYS D 370 -3.16 -15.28 40.49
CA LYS D 370 -4.41 -15.97 40.16
C LYS D 370 -4.29 -16.98 39.02
N VAL D 371 -3.20 -16.93 38.26
CA VAL D 371 -2.99 -17.88 37.18
C VAL D 371 -2.52 -19.23 37.72
N PRO D 372 -3.28 -20.30 37.44
CA PRO D 372 -2.95 -21.65 37.88
C PRO D 372 -1.62 -22.12 37.32
N ARG D 373 -0.89 -22.88 38.12
CA ARG D 373 0.45 -23.36 37.77
C ARG D 373 0.49 -24.13 36.44
N GLU D 374 -0.43 -25.07 36.26
CA GLU D 374 -0.41 -25.94 35.08
C GLU D 374 -0.72 -25.20 33.78
N GLN D 375 -1.46 -24.10 33.88
CA GLN D 375 -1.75 -23.28 32.70
C GLN D 375 -0.49 -22.62 32.17
N ILE D 376 0.36 -22.16 33.08
CA ILE D 376 1.64 -21.55 32.72
C ILE D 376 2.54 -22.56 32.02
N VAL D 377 2.62 -23.77 32.56
CA VAL D 377 3.38 -24.85 31.95
C VAL D 377 2.90 -25.15 30.54
N VAL D 378 1.59 -25.28 30.37
CA VAL D 378 1.00 -25.53 29.06
C VAL D 378 1.36 -24.43 28.06
N ASP D 379 1.27 -23.18 28.50
CA ASP D 379 1.51 -22.02 27.64
C ASP D 379 2.92 -21.97 27.04
N LEU D 380 3.89 -22.56 27.73
CA LEU D 380 5.29 -22.40 27.34
C LEU D 380 5.87 -23.64 26.65
N SER D 381 5.03 -24.62 26.34
CA SER D 381 5.48 -25.83 25.67
C SER D 381 5.13 -25.84 24.18
N ASP D 389 11.59 -31.20 28.26
CA ASP D 389 11.81 -30.30 27.13
C ASP D 389 12.43 -28.97 27.57
N GLN D 390 11.98 -27.89 26.94
CA GLN D 390 12.47 -26.55 27.24
C GLN D 390 11.95 -26.06 28.60
N VAL D 391 10.68 -26.33 28.86
CA VAL D 391 10.04 -25.91 30.11
C VAL D 391 10.67 -26.61 31.32
N SER D 392 11.00 -27.88 31.15
CA SER D 392 11.56 -28.68 32.23
C SER D 392 12.86 -28.10 32.77
N ARG D 393 13.66 -27.53 31.88
CA ARG D 393 15.00 -27.08 32.22
C ARG D 393 15.04 -25.61 32.66
N LEU D 394 14.19 -24.79 32.08
CA LEU D 394 14.30 -23.34 32.23
C LEU D 394 13.27 -22.71 33.16
N VAL D 395 12.08 -23.30 33.23
CA VAL D 395 10.96 -22.67 33.92
C VAL D 395 10.69 -23.20 35.33
N THR D 396 10.57 -22.27 36.27
CA THR D 396 10.15 -22.59 37.64
C THR D 396 8.95 -21.71 38.01
N ILE D 397 7.90 -22.32 38.57
CA ILE D 397 6.73 -21.56 38.95
C ILE D 397 6.63 -21.40 40.47
N SER D 398 6.80 -20.16 40.92
CA SER D 398 6.92 -19.88 42.35
C SER D 398 5.57 -19.65 43.00
N LYS D 399 5.49 -19.94 44.30
CA LYS D 399 4.25 -19.77 45.05
C LYS D 399 4.02 -18.32 45.48
N ASP D 400 5.10 -17.56 45.61
CA ASP D 400 5.01 -16.17 46.05
C ASP D 400 6.09 -15.34 45.34
N PRO D 401 5.90 -14.00 45.28
CA PRO D 401 6.83 -13.15 44.52
C PRO D 401 8.26 -13.12 45.06
N TYR D 402 8.43 -13.29 46.37
CA TYR D 402 9.76 -13.22 46.98
C TYR D 402 10.57 -14.48 46.68
N GLU D 403 9.87 -15.59 46.50
CA GLU D 403 10.46 -16.86 46.11
C GLU D 403 11.03 -16.76 44.69
N ALA D 404 10.35 -15.97 43.86
CA ALA D 404 10.74 -15.81 42.46
C ALA D 404 11.95 -14.90 42.29
N CYS D 405 12.03 -13.87 43.13
CA CYS D 405 13.12 -12.90 43.01
C CYS D 405 14.34 -13.31 43.82
N ASP D 406 14.23 -14.41 44.56
CA ASP D 406 15.31 -14.89 45.39
C ASP D 406 16.44 -15.46 44.53
N GLY D 407 17.49 -14.66 44.34
CA GLY D 407 18.64 -15.09 43.57
C GLY D 407 18.54 -14.76 42.09
N ALA D 408 17.72 -13.77 41.78
CA ALA D 408 17.52 -13.34 40.41
C ALA D 408 18.40 -12.14 40.09
N HIS D 409 18.84 -12.05 38.83
CA HIS D 409 19.60 -10.91 38.36
C HIS D 409 18.63 -9.77 38.03
N ALA D 410 17.43 -10.14 37.57
CA ALA D 410 16.47 -9.16 37.07
C ALA D 410 15.03 -9.57 37.37
N VAL D 411 14.19 -8.58 37.58
CA VAL D 411 12.75 -8.79 37.78
C VAL D 411 11.96 -8.11 36.68
N VAL D 412 11.09 -8.86 36.02
CA VAL D 412 10.30 -8.34 34.91
C VAL D 412 8.81 -8.30 35.24
N ILE D 413 8.22 -7.11 35.23
CA ILE D 413 6.81 -6.94 35.54
C ILE D 413 5.97 -6.85 34.26
N CYS D 414 5.17 -7.88 34.02
CA CYS D 414 4.40 -7.99 32.78
C CYS D 414 2.90 -7.77 32.97
N THR D 415 2.41 -7.96 34.18
CA THR D 415 0.99 -7.76 34.48
C THR D 415 0.84 -6.74 35.60
N GLU D 416 -0.13 -5.84 35.47
CA GLU D 416 -0.26 -4.69 36.36
C GLU D 416 -0.97 -4.97 37.69
N TRP D 417 -0.76 -6.17 38.24
CA TRP D 417 -1.32 -6.54 39.54
C TRP D 417 -0.97 -5.49 40.59
N ASP D 418 -1.96 -5.15 41.42
CA ASP D 418 -1.80 -4.08 42.38
C ASP D 418 -0.82 -4.43 43.50
N MET D 419 -0.70 -5.72 43.80
CA MET D 419 0.16 -6.17 44.88
C MET D 419 1.62 -5.88 44.62
N PHE D 420 1.97 -5.74 43.35
CA PHE D 420 3.36 -5.58 42.95
C PHE D 420 3.95 -4.25 43.41
N LYS D 421 3.11 -3.23 43.54
CA LYS D 421 3.60 -1.91 43.95
C LYS D 421 3.71 -1.80 45.47
N GLU D 422 3.22 -2.82 46.17
CA GLU D 422 3.20 -2.80 47.63
C GLU D 422 4.13 -3.85 48.24
N LEU D 423 5.01 -4.42 47.42
CA LEU D 423 5.96 -5.42 47.89
C LEU D 423 7.10 -4.79 48.68
N ASP D 424 7.72 -5.58 49.55
CA ASP D 424 8.90 -5.13 50.29
C ASP D 424 10.10 -5.17 49.35
N TYR D 425 10.48 -4.02 48.83
CA TYR D 425 11.55 -3.96 47.84
C TYR D 425 12.95 -3.95 48.45
N GLU D 426 13.05 -3.54 49.72
CA GLU D 426 14.31 -3.64 50.43
C GLU D 426 14.63 -5.12 50.64
N ARG D 427 13.60 -5.90 50.97
CA ARG D 427 13.74 -7.34 51.15
C ARG D 427 14.11 -8.04 49.85
N ILE D 428 13.52 -7.62 48.74
CA ILE D 428 13.80 -8.23 47.45
C ILE D 428 15.24 -7.97 47.00
N HIS D 429 15.66 -6.71 47.10
CA HIS D 429 17.03 -6.32 46.75
C HIS D 429 18.04 -7.11 47.56
N LYS D 430 17.67 -7.39 48.81
CA LYS D 430 18.51 -8.14 49.73
C LYS D 430 18.88 -9.49 49.15
N LYS D 431 17.88 -10.29 48.82
CA LYS D 431 18.10 -11.64 48.32
C LYS D 431 18.28 -11.73 46.80
N MET D 432 18.48 -10.60 46.14
CA MET D 432 18.72 -10.59 44.70
C MET D 432 20.21 -10.56 44.37
N LEU D 433 20.59 -11.29 43.33
CA LEU D 433 21.95 -11.21 42.81
C LEU D 433 22.19 -9.80 42.32
N LYS D 434 23.39 -9.28 42.54
CA LYS D 434 23.69 -7.90 42.22
C LYS D 434 24.75 -7.79 41.14
N PRO D 435 24.57 -6.86 40.19
CA PRO D 435 23.56 -5.80 40.12
C PRO D 435 22.13 -6.30 39.86
N ALA D 436 21.17 -5.68 40.54
CA ALA D 436 19.77 -6.07 40.44
C ALA D 436 19.00 -5.13 39.53
N PHE D 437 18.34 -5.70 38.52
CA PHE D 437 17.58 -4.92 37.55
C PHE D 437 16.07 -5.07 37.74
N ILE D 438 15.34 -4.01 37.43
CA ILE D 438 13.88 -4.07 37.39
C ILE D 438 13.37 -3.57 36.04
N PHE D 439 12.66 -4.43 35.32
CA PHE D 439 12.07 -4.04 34.06
C PHE D 439 10.55 -3.91 34.20
N ASP D 440 10.08 -2.68 34.26
CA ASP D 440 8.67 -2.39 34.49
C ASP D 440 7.93 -2.16 33.17
N GLY D 441 7.20 -3.18 32.72
CA GLY D 441 6.50 -3.12 31.44
C GLY D 441 5.04 -2.73 31.54
N ARG D 442 4.65 -2.18 32.69
CA ARG D 442 3.25 -1.81 32.92
C ARG D 442 3.14 -0.46 33.64
N ARG D 443 4.28 0.15 33.91
CA ARG D 443 4.35 1.44 34.60
C ARG D 443 3.69 1.40 35.98
N VAL D 444 3.84 0.27 36.67
CA VAL D 444 3.23 0.12 37.99
C VAL D 444 4.12 0.60 39.12
N LEU D 445 5.42 0.73 38.84
CA LEU D 445 6.37 1.18 39.86
C LEU D 445 6.64 2.67 39.77
N ASP D 446 5.74 3.40 39.11
CA ASP D 446 5.85 4.85 39.03
C ASP D 446 5.64 5.46 40.41
N GLY D 447 6.48 6.44 40.75
CA GLY D 447 6.41 7.08 42.05
C GLY D 447 7.30 6.40 43.07
N LEU D 448 7.86 5.26 42.67
CA LEU D 448 8.74 4.48 43.55
C LEU D 448 10.18 4.55 43.05
N HIS D 449 10.39 5.25 41.95
CA HIS D 449 11.70 5.30 41.29
C HIS D 449 12.81 5.81 42.19
N ASN D 450 12.50 6.83 43.00
CA ASN D 450 13.46 7.37 43.94
C ASN D 450 13.81 6.36 45.01
N GLU D 451 12.78 5.75 45.60
CA GLU D 451 12.95 4.73 46.62
C GLU D 451 13.75 3.55 46.09
N LEU D 452 13.38 3.09 44.90
CA LEU D 452 14.00 1.90 44.31
C LEU D 452 15.44 2.14 43.90
N GLN D 453 15.76 3.35 43.46
CA GLN D 453 17.13 3.67 43.07
C GLN D 453 18.05 3.75 44.28
N THR D 454 17.59 4.39 45.34
CA THR D 454 18.37 4.52 46.57
C THR D 454 18.57 3.17 47.25
N ILE D 455 17.60 2.27 47.08
CA ILE D 455 17.73 0.90 47.58
C ILE D 455 18.88 0.17 46.89
N GLY D 456 18.99 0.37 45.57
CA GLY D 456 20.09 -0.20 44.82
C GLY D 456 19.68 -0.84 43.51
N PHE D 457 18.46 -0.58 43.08
CA PHE D 457 17.95 -1.15 41.83
C PHE D 457 18.32 -0.30 40.63
N GLN D 458 18.53 -0.96 39.49
CA GLN D 458 18.58 -0.26 38.22
C GLN D 458 17.26 -0.50 37.50
N ILE D 459 16.42 0.53 37.48
CA ILE D 459 15.06 0.40 36.95
C ILE D 459 14.97 0.77 35.48
N GLU D 460 14.42 -0.14 34.68
CA GLU D 460 14.12 0.14 33.29
C GLU D 460 12.61 0.13 33.13
N THR D 461 12.06 1.19 32.54
CA THR D 461 10.62 1.29 32.36
C THR D 461 10.23 1.66 30.93
N ILE D 462 9.11 1.13 30.47
CA ILE D 462 8.61 1.37 29.12
C ILE D 462 8.26 2.83 28.90
N GLY D 463 8.74 3.40 27.80
CA GLY D 463 8.41 4.77 27.43
C GLY D 463 9.24 5.81 28.16
N LYS D 464 10.43 5.42 28.60
CA LYS D 464 11.30 6.32 29.35
C LYS D 464 12.74 5.87 29.19
N LYS D 465 13.62 6.81 28.83
CA LYS D 465 15.02 6.51 28.54
C LYS D 465 15.75 5.87 29.71
#